data_9Q4X
#
_entry.id   9Q4X
#
_cell.length_a   59.961
_cell.length_b   154.216
_cell.length_c   109.105
_cell.angle_alpha   90.00
_cell.angle_beta   90.71
_cell.angle_gamma   90.00
#
_symmetry.space_group_name_H-M   'P 1 21 1'
#
loop_
_entity.id
_entity.type
_entity.pdbx_description
1 polymer 'Nitric oxide synthase 3'
2 non-polymer 'PROTOPORPHYRIN IX CONTAINING FE'
3 non-polymer 5,6,7,8-TETRAHYDROBIOPTERIN
4 non-polymer 6-({5-[2-(dimethylamino)ethyl]-2,3-difluorophenoxy}methyl)-4-methylpyridin-2-amine
5 non-polymer 2-[BIS-(2-HYDROXY-ETHYL)-AMINO]-2-HYDROXYMETHYL-PROPANE-1,3-DIOL
6 non-polymer GLYCEROL
7 non-polymer 'CHLORIDE ION'
8 non-polymer 'GADOLINIUM ATOM'
9 non-polymer 'ZINC ION'
10 non-polymer 'CALCIUM ION'
11 water water
#
_entity_poly.entity_id   1
_entity_poly.type   'polypeptide(L)'
_entity_poly.pdbx_seq_one_letter_code
;APASLLPPAPEHSPPSSPLTQPPEGPKFPRVKNWEVGSITYDTLSAQAQQDGPCTPRRCLGSLVFPRKLQGRPSPGPPAP
EQLLSQARDFINQYYSSIKRSGSQAHEQRLQEVEAEVAATGTYQLRESELVFGAKQAWRNAPRCVGRIQWGKLQVFDARD
CRSAQEMFTYICNHIKYATNRGNLRSAITVFPQRCPGRGDFRIWNSQLVRYAGYRQQDGSVRGDPANVEITELCIQHGWT
PGNGRFDVLPLLLQAPDEPPELFLLPPELVLEVPLEHPTLEWFAALGLRWYALPAVSNMLLEIGGLEFPAAPFSGWYMST
EIGTRNLCDPHRYNILEDVAVCMDLDTRTTSSLWKDKAAVEINVAVLHSYQLAKVTIVDHHAATASFMKHLENEQKARGG
CPADWAWIVPPISGSLTPVFHQEMVNYFLSPAFRYQPDPW
;
_entity_poly.pdbx_strand_id   A,B,C,D
#
loop_
_chem_comp.id
_chem_comp.type
_chem_comp.name
_chem_comp.formula
A1CN2 non-polymer 6-({5-[2-(dimethylamino)ethyl]-2,3-difluorophenoxy}methyl)-4-methylpyridin-2-amine 'C17 H21 F2 N3 O'
BTB non-polymer 2-[BIS-(2-HYDROXY-ETHYL)-AMINO]-2-HYDROXYMETHYL-PROPANE-1,3-DIOL 'C8 H19 N O5'
CA non-polymer 'CALCIUM ION' 'Ca 2'
CL non-polymer 'CHLORIDE ION' 'Cl -1'
GD non-polymer 'GADOLINIUM ATOM' Gd
GOL non-polymer GLYCEROL 'C3 H8 O3'
H4B non-polymer 5,6,7,8-TETRAHYDROBIOPTERIN 'C9 H15 N5 O3'
HEM non-polymer 'PROTOPORPHYRIN IX CONTAINING FE' 'C34 H32 Fe N4 O4'
ZN non-polymer 'ZINC ION' 'Zn 2'
#
# COMPACT_ATOMS: atom_id res chain seq x y z
N PHE A 28 -37.32 31.35 -25.53
CA PHE A 28 -36.00 31.92 -25.32
C PHE A 28 -35.56 31.82 -23.85
N PRO A 29 -34.63 30.90 -23.58
CA PRO A 29 -34.27 30.56 -22.18
C PRO A 29 -33.66 31.72 -21.40
N ARG A 30 -34.29 32.06 -20.28
CA ARG A 30 -33.71 32.96 -19.30
C ARG A 30 -32.50 32.31 -18.64
N VAL A 31 -31.40 33.05 -18.54
CA VAL A 31 -30.15 32.54 -18.01
C VAL A 31 -29.64 33.55 -17.00
N LYS A 32 -29.44 33.09 -15.77
CA LYS A 32 -29.06 33.96 -14.67
C LYS A 32 -27.61 33.69 -14.28
N ASN A 33 -26.92 34.75 -13.87
CA ASN A 33 -25.69 34.61 -13.10
C ASN A 33 -26.01 34.94 -11.64
N TRP A 34 -25.68 34.00 -10.75
CA TRP A 34 -26.12 34.04 -9.35
C TRP A 34 -25.19 34.80 -8.43
N GLU A 35 -23.91 34.91 -8.78
CA GLU A 35 -22.99 35.73 -8.03
C GLU A 35 -23.24 37.22 -8.27
N VAL A 36 -23.80 37.56 -9.42
CA VAL A 36 -23.88 38.93 -9.89
C VAL A 36 -25.32 39.41 -9.99
N GLY A 37 -26.22 38.55 -10.48
CA GLY A 37 -27.62 38.85 -10.59
C GLY A 37 -28.06 39.22 -12.00
N SER A 38 -27.14 39.25 -12.95
CA SER A 38 -27.48 39.61 -14.32
C SER A 38 -28.34 38.53 -14.96
N ILE A 39 -29.29 38.97 -15.77
CA ILE A 39 -30.09 38.12 -16.64
C ILE A 39 -29.72 38.42 -18.09
N THR A 40 -29.63 37.36 -18.91
CA THR A 40 -29.60 37.47 -20.36
C THR A 40 -30.59 36.47 -20.96
N TYR A 41 -30.77 36.53 -22.27
CA TYR A 41 -31.63 35.61 -22.98
C TYR A 41 -30.84 34.96 -24.11
N ASP A 42 -30.95 33.64 -24.24
CA ASP A 42 -30.27 32.90 -25.29
C ASP A 42 -31.23 32.76 -26.47
N THR A 43 -31.08 33.65 -27.44
CA THR A 43 -31.85 33.57 -28.68
C THR A 43 -31.20 32.66 -29.70
N LEU A 44 -29.90 32.39 -29.56
CA LEU A 44 -29.18 31.56 -30.53
C LEU A 44 -29.54 30.08 -30.42
N SER A 45 -30.02 29.62 -29.26
CA SER A 45 -30.39 28.21 -29.12
C SER A 45 -31.46 27.82 -30.13
N ALA A 46 -32.27 28.78 -30.59
CA ALA A 46 -33.26 28.52 -31.64
C ALA A 46 -32.64 27.92 -32.89
N GLN A 47 -31.42 28.33 -33.24
CA GLN A 47 -30.71 27.83 -34.41
C GLN A 47 -30.11 26.43 -34.23
N ALA A 48 -30.39 25.75 -33.12
CA ALA A 48 -29.85 24.40 -32.92
C ALA A 48 -30.20 23.48 -34.07
N GLN A 49 -29.20 23.02 -34.82
CA GLN A 49 -29.51 22.26 -36.03
C GLN A 49 -29.88 20.82 -35.72
N GLN A 50 -29.17 20.16 -34.81
CA GLN A 50 -29.37 18.75 -34.53
C GLN A 50 -30.05 18.58 -33.16
N ASP A 51 -30.16 17.34 -32.72
CA ASP A 51 -30.86 17.00 -31.49
C ASP A 51 -29.90 16.41 -30.48
N GLY A 52 -30.08 16.78 -29.21
CA GLY A 52 -29.31 16.23 -28.13
C GLY A 52 -30.08 15.14 -27.41
N PRO A 53 -29.57 14.70 -26.25
CA PRO A 53 -30.07 13.47 -25.63
C PRO A 53 -31.20 13.64 -24.63
N CYS A 54 -31.54 14.87 -24.29
CA CYS A 54 -32.44 15.19 -23.20
C CYS A 54 -33.87 15.28 -23.73
N THR A 55 -34.85 15.02 -22.83
CA THR A 55 -36.27 15.20 -23.16
C THR A 55 -36.99 15.81 -21.97
N PRO A 56 -38.26 16.25 -22.12
CA PRO A 56 -39.00 16.74 -20.93
C PRO A 56 -39.07 15.72 -19.80
N ARG A 57 -39.02 14.43 -20.10
CA ARG A 57 -39.13 13.42 -19.06
C ARG A 57 -37.84 13.24 -18.26
N ARG A 58 -36.68 13.47 -18.87
CA ARG A 58 -35.41 13.14 -18.22
C ARG A 58 -34.28 13.93 -18.85
N CYS A 59 -33.43 14.52 -18.01
CA CYS A 59 -32.21 15.19 -18.45
C CYS A 59 -31.04 14.22 -18.36
N LEU A 60 -30.26 14.13 -19.44
CA LEU A 60 -29.12 13.23 -19.57
C LEU A 60 -27.85 14.01 -19.87
N GLY A 61 -27.76 15.27 -19.46
CA GLY A 61 -26.61 16.09 -19.81
C GLY A 61 -25.31 15.60 -19.20
N SER A 62 -25.38 14.83 -18.12
CA SER A 62 -24.17 14.27 -17.53
C SER A 62 -23.54 13.17 -18.39
N LEU A 63 -24.25 12.62 -19.37
CA LEU A 63 -23.68 11.51 -20.13
C LEU A 63 -22.57 12.04 -21.03
N VAL A 64 -21.47 11.26 -21.10
CA VAL A 64 -20.30 11.66 -21.87
C VAL A 64 -20.58 11.61 -23.37
N PHE A 65 -21.02 10.44 -23.85
CA PHE A 65 -21.34 10.20 -25.24
C PHE A 65 -22.84 10.04 -25.38
N PRO A 66 -23.59 11.08 -25.83
CA PRO A 66 -25.01 10.90 -26.12
C PRO A 66 -25.29 9.83 -27.17
N GLU A 81 -27.94 13.40 -51.35
CA GLU A 81 -28.13 14.66 -52.04
C GLU A 81 -28.78 15.72 -51.16
N GLN A 82 -29.45 15.29 -50.08
CA GLN A 82 -29.90 16.22 -49.04
C GLN A 82 -28.74 16.94 -48.37
N LEU A 83 -27.51 16.47 -48.59
CA LEU A 83 -26.26 17.19 -48.36
C LEU A 83 -26.36 18.65 -48.80
N LEU A 84 -27.21 18.91 -49.80
CA LEU A 84 -27.39 20.26 -50.32
C LEU A 84 -27.93 21.22 -49.27
N SER A 85 -28.90 20.76 -48.48
CA SER A 85 -29.48 21.62 -47.45
C SER A 85 -28.41 22.04 -46.45
N GLN A 86 -27.57 21.10 -46.04
CA GLN A 86 -26.52 21.43 -45.08
C GLN A 86 -25.48 22.36 -45.72
N ALA A 87 -25.14 22.09 -46.98
CA ALA A 87 -24.13 22.89 -47.67
C ALA A 87 -24.65 24.31 -47.91
N ARG A 88 -25.92 24.43 -48.30
CA ARG A 88 -26.51 25.74 -48.50
C ARG A 88 -26.45 26.57 -47.23
N ASP A 89 -26.82 25.96 -46.09
CA ASP A 89 -26.89 26.68 -44.83
C ASP A 89 -25.53 27.22 -44.43
N PHE A 90 -24.51 26.36 -44.45
CA PHE A 90 -23.15 26.80 -44.17
C PHE A 90 -22.74 27.98 -45.04
N ILE A 91 -23.15 27.97 -46.33
CA ILE A 91 -22.77 29.05 -47.23
C ILE A 91 -23.42 30.35 -46.79
N ASN A 92 -24.72 30.31 -46.49
CA ASN A 92 -25.39 31.50 -46.01
C ASN A 92 -24.72 32.03 -44.76
N GLN A 93 -24.38 31.12 -43.84
CA GLN A 93 -23.57 31.47 -42.68
C GLN A 93 -22.29 32.20 -43.10
N TYR A 94 -21.47 31.54 -43.91
CA TYR A 94 -20.19 32.11 -44.31
C TYR A 94 -20.36 33.52 -44.87
N TYR A 95 -21.28 33.71 -45.81
CA TYR A 95 -21.36 35.01 -46.44
C TYR A 95 -21.96 36.06 -45.50
N SER A 96 -22.88 35.67 -44.61
CA SER A 96 -23.31 36.59 -43.57
C SER A 96 -22.15 37.03 -42.69
N SER A 97 -21.26 36.10 -42.35
CA SER A 97 -20.14 36.42 -41.46
C SER A 97 -19.17 37.41 -42.06
N ILE A 98 -19.03 37.41 -43.39
CA ILE A 98 -18.17 38.36 -44.08
C ILE A 98 -18.95 39.53 -44.67
N LYS A 99 -20.20 39.71 -44.26
CA LYS A 99 -20.98 40.91 -44.56
C LYS A 99 -21.29 41.04 -46.05
N ARG A 100 -21.39 39.91 -46.74
CA ARG A 100 -21.63 39.83 -48.18
C ARG A 100 -22.81 38.90 -48.47
N SER A 101 -23.94 39.15 -47.83
CA SER A 101 -25.10 38.29 -47.98
C SER A 101 -25.91 38.66 -49.22
N GLY A 102 -26.42 37.64 -49.91
CA GLY A 102 -27.28 37.83 -51.07
C GLY A 102 -26.62 38.59 -52.21
N SER A 103 -25.33 38.87 -52.07
CA SER A 103 -24.59 39.64 -53.06
C SER A 103 -24.23 38.75 -54.25
N GLN A 104 -23.37 39.27 -55.12
CA GLN A 104 -22.98 38.56 -56.33
C GLN A 104 -22.24 37.28 -55.99
N ALA A 105 -21.13 37.40 -55.25
CA ALA A 105 -20.36 36.23 -54.87
C ALA A 105 -21.21 35.20 -54.12
N HIS A 106 -22.21 35.64 -53.37
CA HIS A 106 -23.05 34.70 -52.65
C HIS A 106 -23.76 33.75 -53.61
N GLU A 107 -24.58 34.30 -54.51
CA GLU A 107 -25.34 33.45 -55.42
C GLU A 107 -24.44 32.67 -56.37
N GLN A 108 -23.23 33.16 -56.60
CA GLN A 108 -22.31 32.45 -57.48
C GLN A 108 -21.87 31.13 -56.85
N ARG A 109 -21.51 31.16 -55.57
CA ARG A 109 -21.10 29.96 -54.87
C ARG A 109 -22.25 28.96 -54.72
N LEU A 110 -23.48 29.44 -54.55
CA LEU A 110 -24.61 28.52 -54.37
C LEU A 110 -24.76 27.61 -55.58
N GLN A 111 -24.86 28.20 -56.78
CA GLN A 111 -25.03 27.37 -57.97
C GLN A 111 -23.77 26.55 -58.26
N GLU A 112 -22.60 27.04 -57.84
CA GLU A 112 -21.38 26.26 -57.96
C GLU A 112 -21.49 24.92 -57.22
N VAL A 113 -21.85 24.95 -55.93
CA VAL A 113 -21.94 23.70 -55.18
C VAL A 113 -23.05 22.82 -55.71
N GLU A 114 -24.19 23.42 -56.08
CA GLU A 114 -25.27 22.67 -56.71
C GLU A 114 -24.73 21.77 -57.82
N ALA A 115 -24.01 22.37 -58.78
CA ALA A 115 -23.55 21.61 -59.93
C ALA A 115 -22.42 20.65 -59.58
N GLU A 116 -21.58 21.01 -58.60
CA GLU A 116 -20.51 20.15 -58.14
C GLU A 116 -21.05 18.82 -57.59
N VAL A 117 -22.12 18.87 -56.79
CA VAL A 117 -22.68 17.63 -56.27
C VAL A 117 -23.50 16.91 -57.35
N ALA A 118 -24.13 17.67 -58.26
CA ALA A 118 -24.76 17.06 -59.43
C ALA A 118 -23.74 16.29 -60.28
N ALA A 119 -22.56 16.87 -60.51
CA ALA A 119 -21.51 16.19 -61.26
C ALA A 119 -20.80 15.10 -60.45
N THR A 120 -20.46 15.36 -59.18
CA THR A 120 -19.59 14.46 -58.43
C THR A 120 -20.27 13.65 -57.34
N GLY A 121 -21.28 14.19 -56.66
CA GLY A 121 -21.87 13.58 -55.49
C GLY A 121 -21.40 14.17 -54.19
N THR A 122 -20.31 14.91 -54.23
CA THR A 122 -19.85 15.71 -53.10
C THR A 122 -19.48 17.08 -53.64
N TYR A 123 -18.83 17.92 -52.83
CA TYR A 123 -18.34 19.20 -53.34
C TYR A 123 -17.14 19.62 -52.51
N GLN A 124 -16.34 20.52 -53.07
CA GLN A 124 -15.09 20.95 -52.46
C GLN A 124 -15.27 22.30 -51.76
N LEU A 125 -14.72 22.40 -50.56
CA LEU A 125 -14.66 23.65 -49.82
C LEU A 125 -13.56 24.55 -50.39
N ARG A 126 -13.85 25.84 -50.52
CA ARG A 126 -12.80 26.82 -50.74
C ARG A 126 -11.96 26.94 -49.48
N GLU A 127 -10.70 27.37 -49.66
CA GLU A 127 -9.79 27.40 -48.51
C GLU A 127 -10.29 28.35 -47.44
N SER A 128 -10.88 29.47 -47.82
CA SER A 128 -11.34 30.44 -46.84
C SER A 128 -12.50 29.86 -46.03
N GLU A 129 -13.47 29.25 -46.72
CA GLU A 129 -14.59 28.60 -46.01
C GLU A 129 -14.07 27.51 -45.10
N LEU A 130 -13.06 26.76 -45.54
CA LEU A 130 -12.46 25.74 -44.68
C LEU A 130 -11.89 26.37 -43.42
N VAL A 131 -11.13 27.47 -43.56
CA VAL A 131 -10.65 28.18 -42.39
C VAL A 131 -11.82 28.59 -41.50
N PHE A 132 -12.85 29.17 -42.10
CA PHE A 132 -13.99 29.66 -41.34
C PHE A 132 -14.72 28.52 -40.64
N GLY A 133 -14.94 27.41 -41.34
CA GLY A 133 -15.60 26.28 -40.72
C GLY A 133 -14.80 25.70 -39.56
N ALA A 134 -13.49 25.62 -39.72
CA ALA A 134 -12.64 25.13 -38.64
C ALA A 134 -12.76 26.02 -37.41
N LYS A 135 -12.76 27.34 -37.58
CA LYS A 135 -12.89 28.20 -36.40
C LYS A 135 -14.29 28.10 -35.79
N GLN A 136 -15.32 28.09 -36.64
CA GLN A 136 -16.69 27.99 -36.14
C GLN A 136 -16.89 26.74 -35.31
N ALA A 137 -16.34 25.62 -35.77
CA ALA A 137 -16.56 24.35 -35.10
C ALA A 137 -15.91 24.35 -33.73
N TRP A 138 -14.77 25.04 -33.59
CA TRP A 138 -14.22 25.28 -32.25
C TRP A 138 -15.14 26.19 -31.44
N ARG A 139 -15.50 27.34 -32.00
CA ARG A 139 -16.38 28.31 -31.39
C ARG A 139 -17.72 27.70 -30.94
N ASN A 140 -18.13 26.62 -31.58
CA ASN A 140 -19.38 25.95 -31.24
C ASN A 140 -19.21 24.78 -30.29
N ALA A 141 -17.98 24.45 -29.91
CA ALA A 141 -17.74 23.29 -29.05
C ALA A 141 -18.22 23.56 -27.64
N PRO A 142 -19.30 22.93 -27.17
CA PRO A 142 -19.87 23.33 -25.89
C PRO A 142 -18.98 22.97 -24.71
N ARG A 143 -18.16 21.93 -24.82
CA ARG A 143 -17.39 21.47 -23.68
C ARG A 143 -16.02 22.09 -23.57
N CYS A 144 -15.68 23.07 -24.42
CA CYS A 144 -14.34 23.66 -24.43
C CYS A 144 -14.35 24.98 -23.67
N VAL A 145 -13.54 25.07 -22.62
CA VAL A 145 -13.47 26.28 -21.80
C VAL A 145 -12.53 27.31 -22.40
N GLY A 146 -11.72 26.93 -23.37
CA GLY A 146 -10.73 27.82 -23.93
C GLY A 146 -11.18 28.59 -25.15
N ARG A 147 -12.49 28.71 -25.36
CA ARG A 147 -12.96 29.34 -26.59
C ARG A 147 -12.74 30.85 -26.67
N ILE A 148 -12.20 31.51 -25.65
CA ILE A 148 -11.84 32.93 -25.77
C ILE A 148 -10.88 33.13 -26.95
N GLN A 149 -10.22 32.04 -27.38
CA GLN A 149 -9.16 32.04 -28.38
C GLN A 149 -9.64 31.73 -29.79
N TRP A 150 -10.94 31.57 -29.99
CA TRP A 150 -11.41 30.81 -31.15
C TRP A 150 -11.09 31.50 -32.48
N GLY A 151 -10.95 32.82 -32.50
CA GLY A 151 -10.61 33.50 -33.73
C GLY A 151 -9.18 33.28 -34.19
N LYS A 152 -8.28 32.91 -33.29
CA LYS A 152 -6.87 32.72 -33.59
C LYS A 152 -6.57 31.23 -33.66
N LEU A 153 -6.55 30.69 -34.87
CA LEU A 153 -6.30 29.27 -35.07
C LEU A 153 -5.58 29.10 -36.40
N GLN A 154 -4.52 28.32 -36.41
CA GLN A 154 -3.76 28.08 -37.64
C GLN A 154 -4.29 26.84 -38.32
N VAL A 155 -4.84 27.01 -39.52
CA VAL A 155 -5.44 25.93 -40.28
C VAL A 155 -4.44 25.47 -41.33
N PHE A 156 -3.97 24.22 -41.23
CA PHE A 156 -3.09 23.65 -42.24
C PHE A 156 -3.91 22.75 -43.16
N ASP A 157 -3.97 23.12 -44.44
CA ASP A 157 -4.77 22.39 -45.41
C ASP A 157 -3.98 21.21 -45.96
N ALA A 158 -4.44 20.00 -45.63
CA ALA A 158 -3.78 18.76 -46.01
C ALA A 158 -4.68 17.87 -46.87
N ARG A 159 -5.67 18.46 -47.54
CA ARG A 159 -6.62 17.72 -48.35
C ARG A 159 -6.00 17.06 -49.57
N ASP A 160 -4.75 17.40 -49.89
CA ASP A 160 -4.03 16.84 -51.03
C ASP A 160 -3.17 15.65 -50.63
N CYS A 161 -3.50 14.99 -49.52
CA CYS A 161 -2.69 13.94 -48.95
C CYS A 161 -3.10 12.56 -49.47
N ARG A 162 -2.10 11.74 -49.79
CA ARG A 162 -2.29 10.31 -50.06
C ARG A 162 -1.15 9.56 -49.41
N SER A 163 -1.43 8.30 -49.01
CA SER A 163 -0.48 7.47 -48.27
C SER A 163 -0.20 7.97 -46.86
N ALA A 164 0.15 7.05 -45.96
CA ALA A 164 0.32 7.38 -44.54
C ALA A 164 1.61 8.14 -44.28
N GLN A 165 2.63 7.96 -45.14
CA GLN A 165 3.88 8.69 -44.97
C GLN A 165 3.68 10.19 -45.16
N GLU A 166 2.78 10.60 -46.07
CA GLU A 166 2.45 12.01 -46.21
C GLU A 166 1.68 12.50 -45.00
N MET A 167 0.65 11.74 -44.58
CA MET A 167 0.04 11.94 -43.28
C MET A 167 1.10 12.27 -42.23
N PHE A 168 2.08 11.37 -42.09
CA PHE A 168 3.03 11.50 -40.99
C PHE A 168 3.82 12.79 -41.10
N THR A 169 4.08 13.25 -42.34
CA THR A 169 4.85 14.48 -42.54
C THR A 169 4.02 15.71 -42.20
N TYR A 170 2.79 15.81 -42.72
CA TYR A 170 1.86 16.82 -42.24
C TYR A 170 1.80 16.86 -40.72
N ILE A 171 1.79 15.70 -40.08
CA ILE A 171 1.57 15.66 -38.63
C ILE A 171 2.77 16.20 -37.87
N CYS A 172 3.99 15.85 -38.29
CA CYS A 172 5.18 16.37 -37.64
C CYS A 172 5.38 17.86 -37.88
N ASN A 173 4.93 18.35 -39.03
CA ASN A 173 4.95 19.80 -39.23
C ASN A 173 4.02 20.48 -38.24
N HIS A 174 2.83 19.91 -38.06
CA HIS A 174 1.90 20.40 -37.05
C HIS A 174 2.57 20.47 -35.68
N ILE A 175 3.08 19.33 -35.20
CA ILE A 175 3.66 19.31 -33.85
C ILE A 175 4.76 20.36 -33.73
N LYS A 176 5.61 20.46 -34.77
CA LYS A 176 6.67 21.47 -34.78
C LYS A 176 6.11 22.89 -34.75
N TYR A 177 5.11 23.18 -35.58
CA TYR A 177 4.51 24.51 -35.57
C TYR A 177 3.85 24.84 -34.23
N ALA A 178 3.10 23.87 -33.69
CA ALA A 178 2.27 24.16 -32.52
C ALA A 178 3.10 24.22 -31.24
N THR A 179 4.13 23.37 -31.14
CA THR A 179 5.01 23.38 -29.96
C THR A 179 5.84 24.66 -29.90
N ASN A 180 6.56 24.97 -30.98
CA ASN A 180 7.22 26.27 -31.12
C ASN A 180 8.13 26.58 -29.92
N ARG A 181 8.87 25.57 -29.45
CA ARG A 181 9.87 25.73 -28.39
C ARG A 181 9.25 26.10 -27.04
N GLY A 182 7.99 25.75 -26.80
CA GLY A 182 7.35 26.03 -25.53
C GLY A 182 6.32 27.14 -25.58
N ASN A 183 6.39 28.03 -26.57
CA ASN A 183 5.38 29.05 -26.72
C ASN A 183 4.31 28.47 -27.64
N LEU A 184 3.21 28.00 -27.06
CA LEU A 184 2.28 27.19 -27.83
C LEU A 184 1.36 28.05 -28.69
N ARG A 185 0.96 27.48 -29.82
CA ARG A 185 0.09 28.15 -30.79
C ARG A 185 -0.96 27.18 -31.27
N SER A 186 -2.20 27.65 -31.37
CA SER A 186 -3.31 26.77 -31.75
C SER A 186 -3.22 26.43 -33.23
N ALA A 187 -3.68 25.22 -33.56
CA ALA A 187 -3.52 24.74 -34.93
C ALA A 187 -4.44 23.56 -35.21
N ILE A 188 -4.86 23.43 -36.47
CA ILE A 188 -5.53 22.22 -36.92
C ILE A 188 -5.01 21.88 -38.32
N THR A 189 -4.96 20.58 -38.62
CA THR A 189 -4.60 20.06 -39.93
C THR A 189 -5.76 19.25 -40.45
N VAL A 190 -6.33 19.65 -41.58
CA VAL A 190 -7.48 18.99 -42.18
C VAL A 190 -7.00 18.04 -43.27
N PHE A 191 -7.34 16.75 -43.14
CA PHE A 191 -7.01 15.71 -44.10
C PHE A 191 -8.19 15.45 -45.04
N PRO A 192 -8.02 14.62 -46.08
CA PRO A 192 -9.08 14.53 -47.10
C PRO A 192 -10.41 14.09 -46.51
N GLN A 193 -11.47 14.73 -46.99
CA GLN A 193 -12.82 14.46 -46.51
C GLN A 193 -13.23 13.02 -46.85
N ARG A 194 -14.31 12.60 -46.22
CA ARG A 194 -14.95 11.35 -46.56
C ARG A 194 -15.73 11.50 -47.87
N CYS A 195 -15.72 10.45 -48.68
CA CYS A 195 -16.45 10.43 -49.94
C CYS A 195 -16.92 9.00 -50.18
N PRO A 196 -17.92 8.81 -51.05
CA PRO A 196 -18.45 7.46 -51.25
C PRO A 196 -17.44 6.49 -51.81
N GLY A 197 -17.67 5.19 -51.55
CA GLY A 197 -16.90 4.11 -52.12
C GLY A 197 -15.45 4.03 -51.72
N ARG A 198 -14.99 4.89 -50.81
CA ARG A 198 -13.58 5.01 -50.47
C ARG A 198 -13.40 4.89 -48.97
N GLY A 199 -12.25 4.38 -48.56
CA GLY A 199 -11.88 4.40 -47.17
C GLY A 199 -11.71 5.82 -46.65
N ASP A 200 -11.52 5.93 -45.34
CA ASP A 200 -11.26 7.20 -44.72
C ASP A 200 -9.80 7.29 -44.28
N PHE A 201 -9.37 8.52 -44.03
CA PHE A 201 -8.14 8.74 -43.29
C PHE A 201 -8.48 8.78 -41.81
N ARG A 202 -7.80 7.93 -41.02
CA ARG A 202 -8.04 7.87 -39.58
C ARG A 202 -6.72 7.83 -38.83
N ILE A 203 -6.59 8.68 -37.83
CA ILE A 203 -5.52 8.57 -36.87
C ILE A 203 -6.04 7.72 -35.71
N TRP A 204 -5.41 6.55 -35.51
CA TRP A 204 -5.93 5.61 -34.52
C TRP A 204 -5.71 6.10 -33.08
N ASN A 205 -4.55 6.69 -32.78
CA ASN A 205 -4.29 7.20 -31.44
C ASN A 205 -5.34 8.28 -31.09
N SER A 206 -5.84 8.24 -29.85
CA SER A 206 -6.78 9.26 -29.41
C SER A 206 -6.14 10.64 -29.35
N GLN A 207 -4.83 10.71 -29.10
CA GLN A 207 -4.06 11.94 -29.20
C GLN A 207 -2.75 11.66 -29.94
N LEU A 208 -2.10 12.75 -30.35
CA LEU A 208 -0.81 12.58 -31.01
C LEU A 208 0.27 12.16 -30.03
N VAL A 209 0.14 12.54 -28.76
CA VAL A 209 1.08 12.19 -27.70
C VAL A 209 0.32 11.40 -26.65
N ARG A 210 0.69 10.14 -26.47
CA ARG A 210 0.05 9.25 -25.50
C ARG A 210 1.12 8.37 -24.86
N TYR A 211 1.06 8.24 -23.54
CA TYR A 211 1.96 7.34 -22.81
C TYR A 211 1.42 5.92 -22.80
N ALA A 212 2.35 4.97 -22.84
CA ALA A 212 1.98 3.56 -22.91
C ALA A 212 1.25 3.12 -21.66
N GLY A 213 0.40 2.11 -21.83
CA GLY A 213 -0.22 1.41 -20.73
C GLY A 213 -0.03 -0.08 -20.92
N TYR A 214 0.79 -0.68 -20.05
CA TYR A 214 1.17 -2.08 -20.15
C TYR A 214 0.39 -2.88 -19.10
N ARG A 215 -0.41 -3.85 -19.55
CA ARG A 215 -1.09 -4.73 -18.62
C ARG A 215 -0.07 -5.66 -17.95
N GLN A 216 -0.23 -5.86 -16.65
CA GLN A 216 0.70 -6.63 -15.84
C GLN A 216 0.05 -7.92 -15.36
N GLN A 217 0.88 -8.88 -14.92
CA GLN A 217 0.36 -10.20 -14.54
C GLN A 217 -0.45 -10.15 -13.26
N ASP A 218 -0.26 -9.14 -12.43
CA ASP A 218 -1.17 -8.85 -11.33
C ASP A 218 -2.40 -8.08 -11.78
N GLY A 219 -2.64 -7.97 -13.09
CA GLY A 219 -3.81 -7.30 -13.59
C GLY A 219 -3.61 -5.81 -13.80
N SER A 220 -2.89 -5.17 -12.88
CA SER A 220 -2.73 -3.71 -12.90
C SER A 220 -2.03 -3.23 -14.17
N VAL A 221 -1.90 -1.92 -14.31
CA VAL A 221 -1.33 -1.30 -15.50
C VAL A 221 -0.13 -0.45 -15.07
N ARG A 222 0.96 -0.56 -15.84
CA ARG A 222 2.11 0.32 -15.69
C ARG A 222 2.07 1.35 -16.81
N GLY A 223 2.11 2.63 -16.43
CA GLY A 223 1.85 3.68 -17.40
C GLY A 223 0.42 4.15 -17.35
N ASP A 224 -0.11 4.62 -18.48
CA ASP A 224 -1.42 5.24 -18.50
C ASP A 224 -2.48 4.16 -18.73
N PRO A 225 -3.33 3.86 -17.75
CA PRO A 225 -4.37 2.84 -17.97
C PRO A 225 -5.34 3.19 -19.09
N ALA A 226 -5.52 4.48 -19.37
CA ALA A 226 -6.40 4.89 -20.46
C ALA A 226 -5.95 4.36 -21.81
N ASN A 227 -4.66 4.03 -21.97
CA ASN A 227 -4.13 3.72 -23.28
C ASN A 227 -3.80 2.24 -23.46
N VAL A 228 -4.37 1.36 -22.63
CA VAL A 228 -4.04 -0.06 -22.72
C VAL A 228 -4.43 -0.61 -24.10
N GLU A 229 -5.57 -0.17 -24.64
CA GLU A 229 -6.06 -0.73 -25.89
C GLU A 229 -5.17 -0.35 -27.06
N ILE A 230 -4.77 0.92 -27.14
CA ILE A 230 -3.92 1.33 -28.25
C ILE A 230 -2.51 0.80 -28.07
N THR A 231 -2.09 0.55 -26.82
CA THR A 231 -0.72 0.08 -26.62
C THR A 231 -0.57 -1.35 -27.13
N GLU A 232 -1.59 -2.20 -26.98
CA GLU A 232 -1.49 -3.53 -27.57
C GLU A 232 -1.63 -3.48 -29.09
N LEU A 233 -2.41 -2.54 -29.60
CA LEU A 233 -2.48 -2.39 -31.05
C LEU A 233 -1.11 -2.02 -31.63
N CYS A 234 -0.38 -1.13 -30.95
CA CYS A 234 0.96 -0.78 -31.40
C CYS A 234 1.87 -2.00 -31.34
N ILE A 235 1.83 -2.74 -30.24
CA ILE A 235 2.68 -3.92 -30.12
C ILE A 235 2.29 -4.96 -31.16
N GLN A 236 1.00 -5.10 -31.42
CA GLN A 236 0.55 -6.07 -32.43
C GLN A 236 1.07 -5.71 -33.81
N HIS A 237 0.83 -4.46 -34.26
CA HIS A 237 1.35 -4.05 -35.58
C HIS A 237 2.85 -3.84 -35.57
N GLY A 238 3.55 -4.23 -34.51
CA GLY A 238 4.99 -4.39 -34.56
C GLY A 238 5.81 -3.32 -33.86
N TRP A 239 5.41 -2.89 -32.67
CA TRP A 239 6.15 -1.91 -31.91
C TRP A 239 6.86 -2.58 -30.73
N THR A 240 8.11 -2.19 -30.51
CA THR A 240 8.92 -2.72 -29.41
C THR A 240 8.51 -2.05 -28.11
N PRO A 241 7.88 -2.78 -27.20
CA PRO A 241 7.37 -2.14 -25.98
C PRO A 241 8.50 -1.68 -25.06
N GLY A 242 8.39 -0.45 -24.57
CA GLY A 242 9.23 -0.01 -23.49
C GLY A 242 8.79 -0.65 -22.18
N ASN A 243 9.14 -0.05 -21.04
CA ASN A 243 8.60 -0.54 -19.78
C ASN A 243 8.51 0.54 -18.72
N GLY A 244 8.56 1.81 -19.10
CA GLY A 244 8.41 2.89 -18.14
C GLY A 244 6.98 3.34 -18.00
N ARG A 245 6.75 4.17 -16.98
CA ARG A 245 5.45 4.77 -16.74
C ARG A 245 5.18 5.93 -17.68
N PHE A 246 6.13 6.31 -18.53
CA PHE A 246 5.97 7.46 -19.41
C PHE A 246 6.65 7.20 -20.77
N ASP A 247 6.33 6.07 -21.40
CA ASP A 247 6.83 5.73 -22.72
C ASP A 247 5.87 6.26 -23.80
N VAL A 248 6.36 7.18 -24.64
CA VAL A 248 5.52 7.81 -25.66
C VAL A 248 5.21 6.81 -26.77
N LEU A 249 3.92 6.64 -27.06
CA LEU A 249 3.50 5.65 -28.03
C LEU A 249 3.87 6.10 -29.44
N PRO A 250 4.02 5.15 -30.36
CA PRO A 250 4.10 5.49 -31.77
C PRO A 250 2.71 5.82 -32.31
N LEU A 251 2.70 6.33 -33.53
CA LEU A 251 1.46 6.72 -34.22
C LEU A 251 1.00 5.60 -35.13
N LEU A 252 -0.30 5.30 -35.09
CA LEU A 252 -0.91 4.28 -35.95
C LEU A 252 -1.82 5.01 -36.95
N LEU A 253 -1.26 5.34 -38.10
CA LEU A 253 -1.94 6.15 -39.10
C LEU A 253 -2.48 5.25 -40.22
N GLN A 254 -3.63 5.62 -40.76
CA GLN A 254 -4.37 4.73 -41.65
C GLN A 254 -4.84 5.52 -42.88
N ALA A 255 -4.27 5.18 -44.04
CA ALA A 255 -4.67 5.68 -45.35
C ALA A 255 -5.81 4.81 -45.90
N PRO A 256 -6.64 5.35 -46.79
CA PRO A 256 -7.89 4.67 -47.13
C PRO A 256 -7.68 3.27 -47.68
N ASP A 257 -8.49 2.34 -47.17
CA ASP A 257 -8.56 0.96 -47.66
C ASP A 257 -7.24 0.23 -47.52
N GLU A 258 -6.43 0.62 -46.56
CA GLU A 258 -5.19 -0.03 -46.22
C GLU A 258 -5.16 -0.29 -44.72
N PRO A 259 -4.32 -1.21 -44.26
CA PRO A 259 -4.06 -1.33 -42.82
C PRO A 259 -3.29 -0.13 -42.31
N PRO A 260 -3.28 0.10 -41.00
CA PRO A 260 -2.51 1.22 -40.46
C PRO A 260 -1.01 0.89 -40.38
N GLU A 261 -0.21 1.94 -40.35
CA GLU A 261 1.24 1.84 -40.34
C GLU A 261 1.80 2.52 -39.10
N LEU A 262 2.68 1.81 -38.39
CA LEU A 262 3.37 2.40 -37.25
C LEU A 262 4.37 3.46 -37.72
N PHE A 263 4.38 4.59 -37.03
CA PHE A 263 5.37 5.64 -37.24
C PHE A 263 5.83 6.11 -35.87
N LEU A 264 7.14 6.23 -35.70
CA LEU A 264 7.72 6.68 -34.44
C LEU A 264 8.02 8.16 -34.52
N LEU A 265 7.64 8.89 -33.49
CA LEU A 265 7.91 10.31 -33.45
C LEU A 265 9.34 10.52 -32.95
N PRO A 266 10.12 11.37 -33.60
CA PRO A 266 11.48 11.66 -33.11
C PRO A 266 11.41 12.33 -31.75
N PRO A 267 12.20 11.86 -30.78
CA PRO A 267 12.07 12.36 -29.40
C PRO A 267 12.26 13.86 -29.26
N GLU A 268 13.09 14.48 -30.11
CA GLU A 268 13.25 15.93 -30.06
C GLU A 268 11.98 16.67 -30.45
N LEU A 269 11.02 15.99 -31.07
CA LEU A 269 9.79 16.65 -31.46
C LEU A 269 8.75 16.65 -30.35
N VAL A 270 8.79 15.65 -29.45
CA VAL A 270 7.81 15.51 -28.36
C VAL A 270 8.36 16.22 -27.13
N LEU A 271 7.95 17.45 -26.90
CA LEU A 271 8.47 18.24 -25.79
C LEU A 271 7.80 17.81 -24.50
N GLU A 272 8.60 17.60 -23.45
CA GLU A 272 8.10 17.04 -22.19
C GLU A 272 8.57 17.87 -21.00
N VAL A 273 7.75 17.89 -19.95
CA VAL A 273 8.00 18.70 -18.76
C VAL A 273 8.18 17.74 -17.58
N PRO A 274 9.37 17.65 -16.99
CA PRO A 274 9.52 16.91 -15.73
C PRO A 274 8.92 17.70 -14.57
N LEU A 275 8.13 17.03 -13.72
CA LEU A 275 7.37 17.74 -12.69
C LEU A 275 8.16 17.83 -11.38
N GLU A 276 8.31 19.06 -10.89
CA GLU A 276 8.89 19.34 -9.58
C GLU A 276 8.02 20.37 -8.88
N HIS A 277 8.23 20.48 -7.59
CA HIS A 277 7.43 21.34 -6.73
C HIS A 277 8.30 22.47 -6.22
N PRO A 278 7.76 23.70 -6.16
CA PRO A 278 8.58 24.83 -5.69
C PRO A 278 9.22 24.65 -4.32
N THR A 279 8.64 23.86 -3.43
CA THR A 279 9.12 23.86 -2.05
C THR A 279 9.31 22.45 -1.47
N LEU A 280 8.54 21.47 -1.98
CA LEU A 280 8.65 20.07 -1.56
C LEU A 280 9.69 19.41 -2.45
N GLU A 281 10.91 19.27 -1.93
CA GLU A 281 12.04 18.85 -2.75
C GLU A 281 12.00 17.38 -3.13
N TRP A 282 11.24 16.56 -2.40
CA TRP A 282 11.11 15.14 -2.73
C TRP A 282 10.21 14.91 -3.94
N PHE A 283 9.37 15.89 -4.31
CA PHE A 283 8.41 15.70 -5.40
C PHE A 283 9.12 15.33 -6.70
N ALA A 284 10.24 15.98 -6.96
CA ALA A 284 10.98 15.72 -8.19
C ALA A 284 11.33 14.24 -8.34
N ALA A 285 11.70 13.58 -7.24
CA ALA A 285 12.13 12.19 -7.27
C ALA A 285 11.01 11.20 -7.60
N LEU A 286 9.74 11.62 -7.53
CA LEU A 286 8.68 10.72 -7.97
C LEU A 286 8.74 10.43 -9.46
N GLY A 287 9.53 11.19 -10.22
CA GLY A 287 9.70 10.91 -11.64
C GLY A 287 8.50 11.25 -12.52
N LEU A 288 7.57 12.05 -12.03
CA LEU A 288 6.40 12.41 -12.83
C LEU A 288 6.80 13.35 -13.96
N ARG A 289 6.14 13.18 -15.10
CA ARG A 289 6.31 14.07 -16.24
C ARG A 289 5.00 14.11 -16.98
N TRP A 290 4.84 15.15 -17.78
CA TRP A 290 3.77 15.18 -18.77
C TRP A 290 4.30 15.86 -20.03
N TYR A 291 3.49 15.89 -21.07
CA TYR A 291 3.89 16.50 -22.33
C TYR A 291 3.28 17.88 -22.47
N ALA A 292 3.77 18.61 -23.47
CA ALA A 292 3.47 20.02 -23.65
C ALA A 292 2.23 20.28 -24.47
N LEU A 293 1.99 19.45 -25.48
CA LEU A 293 1.02 19.77 -26.53
C LEU A 293 -0.20 18.88 -26.42
N PRO A 294 -1.37 19.42 -26.09
CA PRO A 294 -2.59 18.61 -26.13
C PRO A 294 -3.16 18.61 -27.54
N ALA A 295 -3.14 17.46 -28.20
CA ALA A 295 -3.43 17.38 -29.62
C ALA A 295 -4.39 16.23 -29.84
N VAL A 296 -5.66 16.57 -29.99
CA VAL A 296 -6.72 15.58 -30.11
C VAL A 296 -6.80 15.15 -31.55
N SER A 297 -6.81 13.83 -31.80
CA SER A 297 -6.63 13.29 -33.14
C SER A 297 -7.65 12.23 -33.52
N ASN A 298 -8.80 12.17 -32.86
CA ASN A 298 -9.73 11.11 -33.19
C ASN A 298 -11.17 11.60 -33.23
N MET A 299 -11.37 12.91 -33.35
CA MET A 299 -12.70 13.47 -33.51
C MET A 299 -12.94 13.77 -34.99
N LEU A 300 -14.21 13.79 -35.37
CA LEU A 300 -14.62 14.05 -36.75
C LEU A 300 -15.09 15.49 -36.86
N LEU A 301 -14.63 16.17 -37.92
CA LEU A 301 -14.97 17.56 -38.16
C LEU A 301 -15.99 17.64 -39.28
N GLU A 302 -17.05 18.40 -39.06
CA GLU A 302 -18.18 18.51 -39.99
C GLU A 302 -18.35 19.97 -40.40
N ILE A 303 -18.37 20.21 -41.72
CA ILE A 303 -18.50 21.55 -42.30
C ILE A 303 -19.42 21.47 -43.52
N GLY A 304 -20.51 22.22 -43.50
CA GLY A 304 -21.47 22.24 -44.58
C GLY A 304 -21.87 20.87 -45.07
N GLY A 305 -22.11 19.97 -44.14
CA GLY A 305 -22.45 18.61 -44.50
C GLY A 305 -21.30 17.76 -44.98
N LEU A 306 -20.08 18.31 -45.01
CA LEU A 306 -18.88 17.51 -45.29
C LEU A 306 -18.32 16.96 -43.98
N GLU A 307 -17.59 15.85 -44.09
CA GLU A 307 -17.15 15.10 -42.93
C GLU A 307 -15.67 14.77 -43.08
N PHE A 308 -14.88 15.19 -42.09
CA PHE A 308 -13.43 15.03 -42.11
C PHE A 308 -13.04 14.12 -40.95
N PRO A 309 -12.93 12.81 -41.19
CA PRO A 309 -12.68 11.90 -40.07
C PRO A 309 -11.32 12.09 -39.42
N ALA A 310 -10.39 12.79 -40.09
CA ALA A 310 -9.08 13.08 -39.54
C ALA A 310 -8.80 14.57 -39.69
N ALA A 311 -8.82 15.27 -38.56
CA ALA A 311 -8.52 16.70 -38.52
C ALA A 311 -7.97 17.02 -37.14
N PRO A 312 -6.71 16.62 -36.86
CA PRO A 312 -6.20 16.79 -35.50
C PRO A 312 -6.03 18.26 -35.19
N PHE A 313 -6.38 18.64 -33.96
CA PHE A 313 -6.27 20.00 -33.47
C PHE A 313 -5.55 19.99 -32.14
N SER A 314 -4.94 21.14 -31.81
CA SER A 314 -4.18 21.23 -30.57
C SER A 314 -4.26 22.65 -30.03
N GLY A 315 -4.08 22.79 -28.73
CA GLY A 315 -4.05 24.10 -28.11
C GLY A 315 -2.92 24.15 -27.12
N TRP A 316 -3.19 24.63 -25.92
CA TRP A 316 -2.34 24.39 -24.76
C TRP A 316 -3.19 23.95 -23.58
N TYR A 317 -2.52 23.45 -22.56
CA TYR A 317 -3.19 22.80 -21.42
C TYR A 317 -3.67 23.78 -20.36
N MET A 318 -4.86 23.51 -19.82
CA MET A 318 -5.27 24.05 -18.53
C MET A 318 -4.68 23.16 -17.43
N SER A 319 -4.07 23.77 -16.41
CA SER A 319 -3.32 22.99 -15.41
C SER A 319 -4.13 21.83 -14.80
N THR A 320 -5.44 22.04 -14.51
CA THR A 320 -6.20 20.98 -13.84
C THR A 320 -6.38 19.74 -14.71
N GLU A 321 -6.27 19.87 -16.04
CA GLU A 321 -6.35 18.70 -16.92
C GLU A 321 -5.24 17.72 -16.61
N ILE A 322 -4.03 18.25 -16.42
CA ILE A 322 -2.88 17.42 -16.07
C ILE A 322 -2.89 17.07 -14.59
N GLY A 323 -2.96 18.09 -13.73
CA GLY A 323 -2.76 17.84 -12.31
C GLY A 323 -3.88 17.05 -11.67
N THR A 324 -5.13 17.35 -12.04
CA THR A 324 -6.23 16.63 -11.40
C THR A 324 -6.70 15.41 -12.20
N ARG A 325 -7.09 15.57 -13.47
CA ARG A 325 -7.70 14.42 -14.14
C ARG A 325 -6.67 13.34 -14.49
N ASN A 326 -5.52 13.71 -15.06
CA ASN A 326 -4.65 12.67 -15.61
C ASN A 326 -3.81 12.00 -14.51
N LEU A 327 -3.27 12.77 -13.59
CA LEU A 327 -2.46 12.19 -12.54
C LEU A 327 -3.27 11.70 -11.36
N CYS A 328 -4.49 12.22 -11.15
CA CYS A 328 -5.26 11.91 -9.93
C CYS A 328 -6.57 11.17 -10.13
N ASP A 329 -7.10 11.00 -11.33
CA ASP A 329 -8.29 10.16 -11.46
C ASP A 329 -7.96 8.75 -10.97
N PRO A 330 -8.89 8.08 -10.28
CA PRO A 330 -8.59 6.72 -9.79
C PRO A 330 -8.27 5.73 -10.89
N HIS A 331 -8.71 5.97 -12.12
CA HIS A 331 -8.51 5.03 -13.20
C HIS A 331 -7.44 5.52 -14.18
N ARG A 332 -6.75 6.60 -13.85
CA ARG A 332 -5.55 7.01 -14.58
C ARG A 332 -4.33 6.75 -13.71
N TYR A 333 -3.38 7.70 -13.63
CA TYR A 333 -2.15 7.42 -12.87
C TYR A 333 -2.43 7.25 -11.39
N ASN A 334 -3.47 7.90 -10.87
CA ASN A 334 -3.95 7.65 -9.51
C ASN A 334 -2.83 7.84 -8.47
N ILE A 335 -2.16 9.00 -8.53
CA ILE A 335 -0.97 9.24 -7.71
C ILE A 335 -1.28 9.93 -6.38
N LEU A 336 -2.57 10.17 -6.07
CA LEU A 336 -2.90 11.04 -4.94
C LEU A 336 -2.39 10.49 -3.61
N GLU A 337 -2.58 9.18 -3.35
CA GLU A 337 -2.18 8.68 -2.05
C GLU A 337 -0.65 8.68 -1.91
N ASP A 338 0.06 8.37 -2.99
CA ASP A 338 1.53 8.48 -2.99
C ASP A 338 1.99 9.85 -2.54
N VAL A 339 1.39 10.90 -3.10
CA VAL A 339 1.80 12.24 -2.73
C VAL A 339 1.38 12.57 -1.30
N ALA A 340 0.22 12.06 -0.85
CA ALA A 340 -0.20 12.34 0.51
C ALA A 340 0.76 11.72 1.52
N VAL A 341 1.07 10.44 1.34
CA VAL A 341 2.09 9.76 2.14
C VAL A 341 3.37 10.59 2.22
N CYS A 342 3.83 11.11 1.09
CA CYS A 342 5.06 11.89 1.09
C CYS A 342 4.92 13.18 1.88
N MET A 343 3.70 13.72 1.99
CA MET A 343 3.48 14.94 2.75
C MET A 343 3.23 14.66 4.22
N ASP A 344 3.24 13.40 4.63
CA ASP A 344 3.02 13.00 6.02
C ASP A 344 1.62 13.39 6.50
N LEU A 345 0.65 13.32 5.59
CA LEU A 345 -0.73 13.59 5.97
C LEU A 345 -1.32 12.36 6.67
N ASP A 346 -2.49 12.55 7.26
CA ASP A 346 -3.21 11.48 7.94
C ASP A 346 -4.18 10.87 6.94
N THR A 347 -3.79 9.77 6.30
CA THR A 347 -4.59 9.19 5.24
C THR A 347 -5.57 8.11 5.72
N ARG A 348 -5.75 7.95 7.02
CA ARG A 348 -6.68 6.92 7.49
C ARG A 348 -8.05 7.48 7.86
N THR A 349 -8.23 8.80 7.85
CA THR A 349 -9.54 9.42 8.04
C THR A 349 -9.79 10.45 6.93
N THR A 350 -11.00 10.39 6.35
CA THR A 350 -11.34 11.29 5.25
C THR A 350 -11.44 12.75 5.71
N SER A 351 -11.81 12.99 6.95
CA SER A 351 -12.12 14.37 7.33
C SER A 351 -10.87 15.21 7.59
N SER A 352 -9.66 14.62 7.47
CA SER A 352 -8.46 15.45 7.43
C SER A 352 -8.26 16.14 6.09
N LEU A 353 -9.04 15.79 5.08
CA LEU A 353 -8.96 16.43 3.76
C LEU A 353 -7.58 16.22 3.12
N TRP A 354 -6.93 15.10 3.44
CA TRP A 354 -5.64 14.79 2.83
C TRP A 354 -5.73 14.68 1.32
N LYS A 355 -6.87 14.25 0.79
CA LYS A 355 -7.02 14.20 -0.67
C LYS A 355 -7.00 15.59 -1.27
N ASP A 356 -7.64 16.54 -0.59
CA ASP A 356 -7.68 17.92 -1.07
C ASP A 356 -6.32 18.59 -0.95
N LYS A 357 -5.62 18.38 0.15
CA LYS A 357 -4.34 19.06 0.31
C LYS A 357 -3.33 18.55 -0.70
N ALA A 358 -3.34 17.24 -0.96
CA ALA A 358 -2.41 16.64 -1.91
C ALA A 358 -2.71 17.10 -3.33
N ALA A 359 -4.00 17.12 -3.71
CA ALA A 359 -4.40 17.55 -5.04
C ALA A 359 -3.92 18.97 -5.36
N VAL A 360 -4.11 19.90 -4.42
CA VAL A 360 -3.66 21.27 -4.65
C VAL A 360 -2.16 21.32 -4.94
N GLU A 361 -1.37 20.64 -4.11
CA GLU A 361 0.07 20.66 -4.30
C GLU A 361 0.49 20.00 -5.61
N ILE A 362 -0.27 19.03 -6.12
CA ILE A 362 0.06 18.48 -7.43
C ILE A 362 -0.22 19.51 -8.51
N ASN A 363 -1.34 20.22 -8.40
CA ASN A 363 -1.58 21.31 -9.32
C ASN A 363 -0.53 22.41 -9.19
N VAL A 364 -0.08 22.69 -7.96
CA VAL A 364 0.98 23.68 -7.77
C VAL A 364 2.24 23.26 -8.51
N ALA A 365 2.57 21.97 -8.46
CA ALA A 365 3.78 21.49 -9.11
C ALA A 365 3.67 21.54 -10.62
N VAL A 366 2.48 21.22 -11.15
CA VAL A 366 2.24 21.28 -12.59
C VAL A 366 2.42 22.71 -13.09
N LEU A 367 1.78 23.67 -12.42
CA LEU A 367 1.93 25.06 -12.80
C LEU A 367 3.41 25.50 -12.73
N HIS A 368 4.08 25.20 -11.62
CA HIS A 368 5.46 25.65 -11.45
C HIS A 368 6.39 25.02 -12.49
N SER A 369 6.17 23.74 -12.81
CA SER A 369 7.06 23.02 -13.73
C SER A 369 6.90 23.50 -15.18
N TYR A 370 5.67 23.79 -15.61
CA TYR A 370 5.51 24.27 -16.99
C TYR A 370 6.12 25.66 -17.13
N GLN A 371 5.84 26.56 -16.18
CA GLN A 371 6.38 27.91 -16.26
C GLN A 371 7.91 27.90 -16.20
N LEU A 372 8.49 27.08 -15.32
CA LEU A 372 9.94 27.03 -15.19
C LEU A 372 10.58 26.66 -16.52
N ALA A 373 10.02 25.65 -17.20
CA ALA A 373 10.44 25.20 -18.52
C ALA A 373 9.86 26.04 -19.65
N LYS A 374 9.15 27.11 -19.33
CA LYS A 374 8.69 28.06 -20.33
C LYS A 374 7.76 27.39 -21.35
N VAL A 375 6.91 26.50 -20.87
CA VAL A 375 5.87 25.89 -21.70
C VAL A 375 4.54 26.54 -21.36
N THR A 376 3.79 26.92 -22.40
CA THR A 376 2.49 27.54 -22.22
C THR A 376 1.56 26.65 -21.38
N ILE A 377 0.91 27.27 -20.41
CA ILE A 377 -0.05 26.59 -19.55
C ILE A 377 -0.92 27.67 -18.93
N VAL A 378 -2.10 27.28 -18.45
CA VAL A 378 -3.01 28.25 -17.88
C VAL A 378 -3.71 27.62 -16.67
N ASP A 379 -3.89 28.42 -15.61
CA ASP A 379 -4.53 27.86 -14.43
C ASP A 379 -6.05 27.94 -14.57
N HIS A 380 -6.75 27.17 -13.77
CA HIS A 380 -8.21 27.14 -13.96
C HIS A 380 -8.89 28.43 -13.55
N HIS A 381 -8.27 29.24 -12.68
CA HIS A 381 -8.87 30.53 -12.36
C HIS A 381 -8.81 31.47 -13.56
N ALA A 382 -7.63 31.60 -14.17
CA ALA A 382 -7.50 32.48 -15.34
C ALA A 382 -8.36 31.99 -16.50
N ALA A 383 -8.42 30.67 -16.68
CA ALA A 383 -9.19 30.10 -17.78
C ALA A 383 -10.68 30.37 -17.61
N THR A 384 -11.22 30.18 -16.40
CA THR A 384 -12.66 30.38 -16.23
C THR A 384 -13.03 31.86 -16.28
N ALA A 385 -12.17 32.75 -15.81
CA ALA A 385 -12.45 34.18 -15.99
C ALA A 385 -12.40 34.58 -17.46
N SER A 386 -11.54 33.95 -18.25
CA SER A 386 -11.54 34.26 -19.67
CA SER A 386 -11.52 34.22 -19.69
C SER A 386 -12.76 33.66 -20.37
N PHE A 387 -13.27 32.54 -19.88
CA PHE A 387 -14.48 32.01 -20.48
C PHE A 387 -15.66 32.91 -20.18
N MET A 388 -15.70 33.50 -18.98
CA MET A 388 -16.75 34.48 -18.68
C MET A 388 -16.74 35.62 -19.69
N LYS A 389 -15.55 36.12 -20.06
CA LYS A 389 -15.44 37.20 -21.04
C LYS A 389 -15.90 36.73 -22.41
N HIS A 390 -15.51 35.51 -22.79
CA HIS A 390 -16.05 34.90 -24.00
C HIS A 390 -17.57 34.86 -24.00
N LEU A 391 -18.20 34.53 -22.86
CA LEU A 391 -19.66 34.46 -22.80
C LEU A 391 -20.27 35.82 -23.11
N GLU A 392 -19.76 36.87 -22.46
CA GLU A 392 -20.24 38.23 -22.72
C GLU A 392 -20.06 38.61 -24.20
N ASN A 393 -18.85 38.43 -24.74
CA ASN A 393 -18.60 38.71 -26.15
C ASN A 393 -19.57 37.96 -27.05
N GLU A 394 -19.80 36.68 -26.75
CA GLU A 394 -20.70 35.92 -27.61
C GLU A 394 -22.15 36.32 -27.39
N GLN A 395 -22.50 36.72 -26.17
CA GLN A 395 -23.85 37.24 -25.97
C GLN A 395 -24.12 38.40 -26.93
N LYS A 396 -23.09 39.21 -27.23
CA LYS A 396 -23.25 40.35 -28.14
C LYS A 396 -23.14 39.95 -29.60
N ALA A 397 -22.30 38.97 -29.94
CA ALA A 397 -22.08 38.66 -31.35
C ALA A 397 -23.16 37.77 -31.94
N ARG A 398 -23.65 36.79 -31.16
CA ARG A 398 -24.63 35.83 -31.65
C ARG A 398 -25.85 35.70 -30.77
N GLY A 399 -25.93 36.44 -29.66
CA GLY A 399 -27.06 36.32 -28.76
C GLY A 399 -27.05 35.14 -27.82
N GLY A 400 -25.92 34.46 -27.67
CA GLY A 400 -25.87 33.27 -26.83
C GLY A 400 -24.59 32.51 -27.07
N CYS A 401 -24.50 31.38 -26.38
CA CYS A 401 -23.29 30.57 -26.45
C CYS A 401 -23.56 29.18 -25.90
N PRO A 402 -23.56 28.16 -26.75
CA PRO A 402 -23.70 26.77 -26.25
C PRO A 402 -22.57 26.41 -25.30
N ALA A 403 -22.95 25.96 -24.10
CA ALA A 403 -22.00 25.71 -23.05
C ALA A 403 -22.52 24.58 -22.17
N ASP A 404 -21.64 23.66 -21.84
CA ASP A 404 -21.96 22.43 -21.13
C ASP A 404 -21.35 22.58 -19.73
N TRP A 405 -22.20 23.01 -18.79
CA TRP A 405 -21.79 23.38 -17.45
C TRP A 405 -20.85 22.38 -16.80
N ALA A 406 -21.19 21.09 -16.92
CA ALA A 406 -20.41 20.03 -16.28
C ALA A 406 -18.97 20.01 -16.76
N TRP A 407 -18.72 20.42 -18.00
CA TRP A 407 -17.38 20.39 -18.53
C TRP A 407 -16.69 21.74 -18.47
N ILE A 408 -17.45 22.82 -18.31
CA ILE A 408 -16.85 24.14 -18.12
C ILE A 408 -16.31 24.30 -16.70
N VAL A 409 -17.06 23.84 -15.70
CA VAL A 409 -16.62 23.99 -14.31
C VAL A 409 -15.41 23.09 -14.04
N PRO A 410 -14.33 23.65 -13.50
CA PRO A 410 -13.12 22.85 -13.30
C PRO A 410 -13.32 21.77 -12.27
N PRO A 411 -12.54 20.68 -12.33
CA PRO A 411 -12.76 19.53 -11.45
C PRO A 411 -12.14 19.64 -10.06
N ILE A 412 -11.51 20.76 -9.74
CA ILE A 412 -11.22 21.14 -8.36
C ILE A 412 -11.67 22.58 -8.21
N SER A 413 -12.02 22.96 -6.99
CA SER A 413 -12.32 24.36 -6.67
C SER A 413 -13.52 24.92 -7.45
N GLY A 414 -14.45 24.04 -7.84
CA GLY A 414 -15.68 24.40 -8.54
C GLY A 414 -16.20 25.79 -8.22
N SER A 415 -16.88 25.97 -7.07
CA SER A 415 -17.52 27.23 -6.68
C SER A 415 -16.53 28.35 -6.43
N LEU A 416 -15.23 28.08 -6.50
CA LEU A 416 -14.23 29.13 -6.34
C LEU A 416 -13.98 29.90 -7.63
N THR A 417 -14.55 29.46 -8.77
CA THR A 417 -14.45 30.08 -10.09
C THR A 417 -15.79 30.65 -10.53
N PRO A 418 -15.82 31.70 -11.37
CA PRO A 418 -17.10 32.38 -11.64
C PRO A 418 -18.06 31.57 -12.48
N VAL A 419 -17.57 30.62 -13.29
CA VAL A 419 -18.47 29.85 -14.12
C VAL A 419 -19.39 28.96 -13.28
N PHE A 420 -19.00 28.61 -12.05
CA PHE A 420 -19.87 27.79 -11.20
C PHE A 420 -21.23 28.44 -11.03
N HIS A 421 -21.27 29.76 -10.85
CA HIS A 421 -22.49 30.53 -10.59
C HIS A 421 -23.20 30.99 -11.86
N GLN A 422 -22.70 30.63 -13.03
CA GLN A 422 -23.29 31.04 -14.30
C GLN A 422 -24.17 29.91 -14.85
N GLU A 423 -25.46 30.17 -14.98
CA GLU A 423 -26.32 29.25 -15.71
C GLU A 423 -25.91 29.20 -17.19
N MET A 424 -26.10 28.04 -17.80
CA MET A 424 -25.56 27.78 -19.12
C MET A 424 -26.56 26.93 -19.90
N VAL A 425 -26.61 27.18 -21.21
CA VAL A 425 -27.48 26.43 -22.14
C VAL A 425 -26.60 25.64 -23.11
N ASN A 426 -26.95 24.37 -23.30
CA ASN A 426 -26.18 23.45 -24.13
C ASN A 426 -27.02 22.97 -25.30
N TYR A 427 -26.47 23.13 -26.50
CA TYR A 427 -27.11 22.75 -27.77
C TYR A 427 -26.02 22.60 -28.83
N PHE A 428 -26.40 22.06 -29.99
CA PHE A 428 -25.46 21.65 -31.03
C PHE A 428 -25.67 22.55 -32.23
N LEU A 429 -24.74 23.47 -32.43
CA LEU A 429 -24.66 24.21 -33.68
C LEU A 429 -23.80 23.41 -34.67
N SER A 430 -23.86 23.80 -35.94
CA SER A 430 -22.88 23.29 -36.89
C SER A 430 -22.32 24.45 -37.68
N PRO A 431 -21.05 24.36 -38.18
CA PRO A 431 -20.01 23.33 -38.12
C PRO A 431 -19.65 22.86 -36.71
N ALA A 432 -19.22 21.59 -36.58
CA ALA A 432 -18.97 21.03 -35.27
C ALA A 432 -17.82 20.03 -35.30
N PHE A 433 -17.29 19.75 -34.11
CA PHE A 433 -16.48 18.57 -33.85
C PHE A 433 -17.37 17.51 -33.20
N ARG A 434 -17.11 16.24 -33.51
CA ARG A 434 -17.95 15.15 -33.03
C ARG A 434 -17.11 13.93 -32.74
N TYR A 435 -17.54 13.15 -31.75
CA TYR A 435 -16.96 11.84 -31.57
C TYR A 435 -17.37 10.92 -32.71
N GLN A 436 -16.64 9.83 -32.87
CA GLN A 436 -16.93 8.95 -33.98
C GLN A 436 -16.46 7.56 -33.60
N PRO A 437 -17.04 6.50 -34.18
CA PRO A 437 -16.63 5.15 -33.78
C PRO A 437 -15.14 4.94 -33.97
N ASP A 438 -14.59 3.99 -33.24
CA ASP A 438 -13.21 3.59 -33.45
C ASP A 438 -13.05 3.07 -34.88
N PRO A 439 -11.85 3.17 -35.45
CA PRO A 439 -11.64 2.68 -36.83
C PRO A 439 -11.73 1.17 -36.97
N TRP A 440 -11.89 0.43 -35.88
CA TRP A 440 -12.00 -1.02 -35.96
C TRP A 440 -13.30 -1.53 -35.31
N LYS B 27 -35.26 1.10 -25.72
CA LYS B 27 -34.40 0.93 -24.56
C LYS B 27 -34.56 2.12 -23.59
N PHE B 28 -33.95 1.98 -22.42
CA PHE B 28 -33.88 3.00 -21.39
C PHE B 28 -32.48 3.60 -21.36
N PRO B 29 -32.31 4.79 -20.79
CA PRO B 29 -30.98 5.42 -20.77
C PRO B 29 -29.93 4.52 -20.12
N ARG B 30 -28.88 4.24 -20.87
CA ARG B 30 -27.72 3.50 -20.37
C ARG B 30 -26.77 4.45 -19.64
N VAL B 31 -26.46 4.10 -18.39
CA VAL B 31 -25.66 4.91 -17.49
C VAL B 31 -24.35 4.20 -17.18
N LYS B 32 -23.28 4.95 -17.07
CA LYS B 32 -21.95 4.37 -16.97
C LYS B 32 -21.17 5.00 -15.82
N ASN B 33 -20.43 4.17 -15.09
CA ASN B 33 -19.48 4.65 -14.10
C ASN B 33 -18.08 4.58 -14.70
N TRP B 34 -17.43 5.73 -14.86
CA TRP B 34 -16.13 5.74 -15.54
C TRP B 34 -14.98 5.37 -14.62
N GLU B 35 -15.23 5.26 -13.32
CA GLU B 35 -14.16 4.87 -12.41
C GLU B 35 -13.98 3.35 -12.43
N VAL B 36 -15.07 2.61 -12.51
CA VAL B 36 -15.05 1.16 -12.45
C VAL B 36 -15.25 0.51 -13.82
N GLY B 37 -15.92 1.18 -14.76
CA GLY B 37 -16.31 0.60 -16.02
C GLY B 37 -17.75 0.13 -16.07
N SER B 38 -18.45 0.07 -14.95
CA SER B 38 -19.75 -0.60 -14.91
C SER B 38 -20.84 0.22 -15.58
N ILE B 39 -21.85 -0.49 -16.08
CA ILE B 39 -22.93 0.10 -16.87
C ILE B 39 -24.28 -0.38 -16.35
N THR B 40 -25.16 0.58 -16.00
CA THR B 40 -26.53 0.34 -15.59
C THR B 40 -27.52 0.93 -16.59
N TYR B 41 -28.77 0.48 -16.52
CA TYR B 41 -29.88 1.11 -17.23
C TYR B 41 -30.88 1.67 -16.23
N ASP B 42 -31.33 2.90 -16.44
CA ASP B 42 -32.28 3.53 -15.52
C ASP B 42 -33.68 3.26 -16.04
N THR B 43 -34.30 2.20 -15.52
CA THR B 43 -35.68 1.89 -15.88
C THR B 43 -36.68 2.69 -15.06
N LEU B 44 -36.26 3.22 -13.92
CA LEU B 44 -37.19 3.99 -13.11
C LEU B 44 -37.60 5.28 -13.81
N SER B 45 -36.73 5.83 -14.65
CA SER B 45 -37.00 7.11 -15.29
C SER B 45 -38.23 7.09 -16.17
N ALA B 46 -38.65 5.90 -16.63
CA ALA B 46 -39.83 5.82 -17.48
C ALA B 46 -41.09 6.19 -16.73
N GLN B 47 -41.10 6.00 -15.42
CA GLN B 47 -42.23 6.36 -14.58
C GLN B 47 -42.29 7.84 -14.27
N ALA B 48 -41.44 8.65 -14.89
CA ALA B 48 -41.47 10.09 -14.66
C ALA B 48 -42.76 10.68 -15.22
N GLN B 49 -43.48 11.42 -14.38
CA GLN B 49 -44.69 12.08 -14.82
C GLN B 49 -44.39 13.52 -15.19
N GLN B 50 -44.30 14.40 -14.19
CA GLN B 50 -44.12 15.82 -14.44
C GLN B 50 -42.87 16.09 -15.25
N ASP B 51 -43.00 16.98 -16.23
CA ASP B 51 -41.94 17.22 -17.21
C ASP B 51 -41.00 18.30 -16.72
N GLY B 52 -39.72 18.13 -17.06
CA GLY B 52 -38.68 19.05 -16.69
C GLY B 52 -38.40 20.04 -17.79
N PRO B 53 -37.32 20.81 -17.66
CA PRO B 53 -37.09 21.94 -18.55
C PRO B 53 -36.33 21.64 -19.85
N CYS B 54 -35.88 20.42 -20.05
CA CYS B 54 -35.08 20.11 -21.23
C CYS B 54 -35.97 19.66 -22.37
N THR B 55 -35.49 19.93 -23.58
CA THR B 55 -36.00 19.42 -24.85
C THR B 55 -34.83 18.85 -25.63
N PRO B 56 -35.11 18.08 -26.69
CA PRO B 56 -34.00 17.65 -27.55
C PRO B 56 -33.29 18.79 -28.27
N ARG B 57 -33.82 20.01 -28.22
CA ARG B 57 -33.15 21.10 -28.90
C ARG B 57 -32.11 21.75 -28.02
N ARG B 58 -32.27 21.66 -26.70
CA ARG B 58 -31.43 22.39 -25.76
C ARG B 58 -31.64 21.86 -24.34
N CYS B 59 -30.54 21.65 -23.62
CA CYS B 59 -30.58 21.15 -22.24
C CYS B 59 -30.46 22.32 -21.27
N LEU B 60 -31.37 22.38 -20.29
CA LEU B 60 -31.35 23.43 -19.27
C LEU B 60 -31.09 22.85 -17.89
N GLY B 61 -30.32 21.77 -17.84
CA GLY B 61 -30.02 21.13 -16.58
C GLY B 61 -29.32 22.01 -15.54
N SER B 62 -28.62 23.06 -15.96
CA SER B 62 -27.89 23.88 -15.00
C SER B 62 -28.74 24.97 -14.37
N LEU B 63 -29.97 25.15 -14.80
CA LEU B 63 -30.80 26.21 -14.24
C LEU B 63 -31.27 25.82 -12.83
N VAL B 64 -31.17 26.78 -11.90
CA VAL B 64 -31.51 26.51 -10.51
C VAL B 64 -33.02 26.29 -10.37
N PHE B 65 -33.81 27.27 -10.76
CA PHE B 65 -35.25 27.14 -10.75
C PHE B 65 -35.77 26.93 -12.17
N PRO B 66 -36.26 25.75 -12.53
CA PRO B 66 -36.99 25.61 -13.79
C PRO B 66 -38.40 26.18 -13.70
N ALA B 79 -59.69 19.98 -10.23
CA ALA B 79 -59.32 19.02 -11.27
C ALA B 79 -59.48 17.59 -10.75
N PRO B 80 -60.73 17.16 -10.56
CA PRO B 80 -60.98 15.90 -9.83
C PRO B 80 -60.24 14.68 -10.38
N GLU B 81 -60.06 14.60 -11.69
CA GLU B 81 -59.59 13.35 -12.30
C GLU B 81 -58.06 13.24 -12.28
N GLN B 82 -57.33 14.35 -12.30
CA GLN B 82 -55.89 14.25 -12.12
C GLN B 82 -55.53 13.97 -10.67
N LEU B 83 -56.29 14.52 -9.72
CA LEU B 83 -56.02 14.20 -8.31
C LEU B 83 -56.22 12.72 -8.05
N LEU B 84 -57.21 12.11 -8.70
CA LEU B 84 -57.47 10.69 -8.51
C LEU B 84 -56.30 9.84 -8.97
N SER B 85 -55.78 10.11 -10.17
CA SER B 85 -54.70 9.28 -10.70
C SER B 85 -53.42 9.45 -9.90
N GLN B 86 -53.15 10.65 -9.39
CA GLN B 86 -52.05 10.82 -8.46
C GLN B 86 -52.29 10.04 -7.18
N ALA B 87 -53.50 10.15 -6.62
CA ALA B 87 -53.84 9.43 -5.41
C ALA B 87 -53.71 7.92 -5.62
N ARG B 88 -54.30 7.40 -6.69
CA ARG B 88 -54.17 5.97 -6.99
C ARG B 88 -52.70 5.57 -7.01
N ASP B 89 -51.86 6.34 -7.69
CA ASP B 89 -50.45 5.99 -7.81
C ASP B 89 -49.80 5.91 -6.45
N PHE B 90 -50.02 6.92 -5.61
CA PHE B 90 -49.43 6.94 -4.29
C PHE B 90 -49.86 5.74 -3.46
N ILE B 91 -51.17 5.43 -3.45
CA ILE B 91 -51.69 4.29 -2.69
C ILE B 91 -51.01 2.99 -3.14
N ASN B 92 -50.97 2.76 -4.45
CA ASN B 92 -50.25 1.60 -4.99
C ASN B 92 -48.82 1.59 -4.49
N GLN B 93 -48.22 2.76 -4.32
CA GLN B 93 -46.84 2.83 -3.87
C GLN B 93 -46.76 2.36 -2.42
N TYR B 94 -47.61 2.92 -1.57
CA TYR B 94 -47.64 2.49 -0.17
C TYR B 94 -47.84 0.96 -0.09
N TYR B 95 -48.79 0.42 -0.84
CA TYR B 95 -49.06 -1.00 -0.68
C TYR B 95 -47.93 -1.86 -1.24
N SER B 96 -47.25 -1.41 -2.30
CA SER B 96 -46.03 -2.11 -2.71
C SER B 96 -44.97 -2.10 -1.61
N SER B 97 -44.77 -0.95 -0.96
CA SER B 97 -43.69 -0.86 0.02
C SER B 97 -43.89 -1.87 1.13
N ILE B 98 -45.14 -2.12 1.53
CA ILE B 98 -45.38 -3.02 2.66
C ILE B 98 -45.62 -4.43 2.16
N LYS B 99 -45.28 -4.69 0.90
CA LYS B 99 -45.36 -6.05 0.34
C LYS B 99 -46.79 -6.60 0.43
N ARG B 100 -47.75 -5.80 -0.04
CA ARG B 100 -49.16 -6.17 0.08
C ARG B 100 -49.96 -5.74 -1.14
N SER B 101 -49.32 -5.59 -2.31
CA SER B 101 -50.04 -5.10 -3.49
CA SER B 101 -50.04 -5.11 -3.49
C SER B 101 -51.14 -6.07 -3.88
N GLY B 102 -52.33 -5.53 -4.12
CA GLY B 102 -53.46 -6.34 -4.53
C GLY B 102 -54.26 -6.96 -3.39
N SER B 103 -53.87 -6.72 -2.13
CA SER B 103 -54.58 -7.30 -1.01
C SER B 103 -55.96 -6.66 -0.86
N GLN B 104 -56.77 -7.23 0.05
CA GLN B 104 -58.08 -6.66 0.33
C GLN B 104 -57.95 -5.24 0.88
N ALA B 105 -56.99 -5.03 1.79
CA ALA B 105 -56.82 -3.70 2.35
C ALA B 105 -56.41 -2.70 1.28
N HIS B 106 -55.70 -3.16 0.24
CA HIS B 106 -55.29 -2.30 -0.87
C HIS B 106 -56.50 -1.89 -1.70
N GLU B 107 -57.27 -2.88 -2.17
CA GLU B 107 -58.56 -2.63 -2.81
C GLU B 107 -59.41 -1.64 -2.03
N GLN B 108 -59.56 -1.87 -0.72
CA GLN B 108 -60.47 -1.07 0.09
C GLN B 108 -59.99 0.36 0.26
N ARG B 109 -58.68 0.55 0.50
CA ARG B 109 -58.19 1.91 0.64
C ARG B 109 -58.30 2.69 -0.66
N LEU B 110 -58.11 2.03 -1.81
CA LEU B 110 -58.32 2.71 -3.09
C LEU B 110 -59.79 3.11 -3.23
N GLN B 111 -60.70 2.21 -2.91
CA GLN B 111 -62.12 2.55 -2.98
C GLN B 111 -62.48 3.62 -1.97
N GLU B 112 -61.86 3.59 -0.80
CA GLU B 112 -62.07 4.64 0.19
C GLU B 112 -61.66 6.00 -0.35
N VAL B 113 -60.43 6.10 -0.86
CA VAL B 113 -59.96 7.38 -1.39
C VAL B 113 -60.85 7.88 -2.51
N GLU B 114 -61.28 6.98 -3.40
CA GLU B 114 -62.16 7.36 -4.50
C GLU B 114 -63.47 7.96 -3.99
N ALA B 115 -63.98 7.44 -2.88
CA ALA B 115 -65.25 7.94 -2.40
C ALA B 115 -65.08 9.33 -1.79
N GLU B 116 -64.00 9.54 -1.03
CA GLU B 116 -63.84 10.83 -0.37
C GLU B 116 -63.60 11.93 -1.36
N VAL B 117 -62.83 11.65 -2.41
CA VAL B 117 -62.62 12.65 -3.46
C VAL B 117 -63.94 12.96 -4.16
N ALA B 118 -64.75 11.94 -4.41
CA ALA B 118 -66.03 12.17 -5.11
C ALA B 118 -66.96 13.07 -4.32
N ALA B 119 -66.89 13.01 -2.99
CA ALA B 119 -67.77 13.78 -2.11
C ALA B 119 -67.23 15.16 -1.79
N THR B 120 -65.97 15.22 -1.33
CA THR B 120 -65.39 16.45 -0.83
C THR B 120 -64.52 17.16 -1.85
N GLY B 121 -64.15 16.49 -2.93
CA GLY B 121 -63.15 17.02 -3.83
C GLY B 121 -61.71 16.79 -3.41
N THR B 122 -61.47 16.28 -2.19
CA THR B 122 -60.13 15.97 -1.69
C THR B 122 -60.19 14.71 -0.82
N TYR B 123 -59.09 14.38 -0.16
CA TYR B 123 -59.09 13.24 0.77
C TYR B 123 -58.02 13.48 1.84
N GLN B 124 -57.93 12.55 2.79
CA GLN B 124 -56.98 12.68 3.89
C GLN B 124 -56.06 11.49 3.89
N LEU B 125 -54.79 11.74 4.19
CA LEU B 125 -53.84 10.65 4.30
C LEU B 125 -53.99 9.96 5.67
N ARG B 126 -53.95 8.64 5.67
CA ARG B 126 -53.78 7.93 6.93
C ARG B 126 -52.40 8.27 7.53
N GLU B 127 -52.28 8.13 8.84
CA GLU B 127 -51.02 8.47 9.49
C GLU B 127 -49.85 7.68 8.90
N SER B 128 -50.07 6.39 8.59
CA SER B 128 -48.98 5.58 8.06
CA SER B 128 -48.99 5.57 8.05
C SER B 128 -48.59 6.01 6.64
N GLU B 129 -49.57 6.44 5.84
CA GLU B 129 -49.30 6.97 4.50
C GLU B 129 -48.54 8.28 4.57
N LEU B 130 -48.79 9.12 5.58
CA LEU B 130 -48.02 10.36 5.64
C LEU B 130 -46.55 10.05 5.95
N VAL B 131 -46.30 9.15 6.89
CA VAL B 131 -44.92 8.82 7.23
C VAL B 131 -44.20 8.24 6.02
N PHE B 132 -44.85 7.32 5.33
CA PHE B 132 -44.27 6.76 4.12
C PHE B 132 -44.05 7.85 3.06
N GLY B 133 -45.03 8.74 2.88
CA GLY B 133 -44.91 9.76 1.83
C GLY B 133 -43.78 10.75 2.07
N ALA B 134 -43.62 11.21 3.32
CA ALA B 134 -42.49 12.09 3.62
C ALA B 134 -41.15 11.40 3.32
N LYS B 135 -41.02 10.12 3.66
CA LYS B 135 -39.78 9.40 3.34
C LYS B 135 -39.58 9.31 1.83
N GLN B 136 -40.66 9.06 1.08
CA GLN B 136 -40.52 8.92 -0.38
C GLN B 136 -40.12 10.23 -1.03
N ALA B 137 -40.68 11.35 -0.55
CA ALA B 137 -40.32 12.66 -1.09
C ALA B 137 -38.81 12.93 -0.92
N TRP B 138 -38.27 12.69 0.28
CA TRP B 138 -36.82 12.77 0.49
C TRP B 138 -36.08 11.82 -0.45
N ARG B 139 -36.49 10.55 -0.47
CA ARG B 139 -35.89 9.55 -1.35
C ARG B 139 -35.85 10.01 -2.82
N ASN B 140 -36.87 10.76 -3.25
CA ASN B 140 -36.99 11.17 -4.65
C ASN B 140 -36.26 12.47 -4.99
N ALA B 141 -35.58 13.12 -4.05
CA ALA B 141 -35.11 14.48 -4.28
C ALA B 141 -33.78 14.43 -5.03
N PRO B 142 -33.75 14.77 -6.32
CA PRO B 142 -32.53 14.51 -7.13
C PRO B 142 -31.32 15.31 -6.70
N ARG B 143 -31.50 16.46 -6.09
CA ARG B 143 -30.36 17.25 -5.67
C ARG B 143 -29.83 16.94 -4.24
N CYS B 144 -30.32 15.91 -3.55
CA CYS B 144 -29.90 15.63 -2.16
C CYS B 144 -28.87 14.51 -2.16
N VAL B 145 -27.68 14.78 -1.62
CA VAL B 145 -26.64 13.76 -1.59
C VAL B 145 -26.73 12.87 -0.35
N GLY B 146 -27.56 13.23 0.63
CA GLY B 146 -27.65 12.48 1.87
C GLY B 146 -28.79 11.49 1.99
N ARG B 147 -29.27 11.02 0.85
CA ARG B 147 -30.40 10.12 0.77
C ARG B 147 -30.08 8.70 1.20
N ILE B 148 -28.83 8.40 1.56
CA ILE B 148 -28.56 7.06 2.12
C ILE B 148 -29.39 6.88 3.38
N GLN B 149 -29.79 7.99 4.01
CA GLN B 149 -30.52 8.00 5.26
C GLN B 149 -32.04 7.97 5.10
N TRP B 150 -32.58 7.99 3.87
CA TRP B 150 -33.99 8.34 3.66
C TRP B 150 -34.96 7.52 4.49
N GLY B 151 -34.57 6.33 4.95
CA GLY B 151 -35.45 5.53 5.77
C GLY B 151 -35.45 5.88 7.25
N LYS B 152 -34.44 6.63 7.71
CA LYS B 152 -34.39 7.08 9.09
C LYS B 152 -34.77 8.55 9.11
N LEU B 153 -36.08 8.77 9.11
CA LEU B 153 -36.64 10.12 9.16
C LEU B 153 -37.74 10.10 10.19
N GLN B 154 -37.66 10.99 11.16
CA GLN B 154 -38.70 11.14 12.16
C GLN B 154 -39.76 12.08 11.61
N VAL B 155 -41.02 11.65 11.64
CA VAL B 155 -42.13 12.38 11.02
C VAL B 155 -43.03 12.84 12.16
N PHE B 156 -43.13 14.15 12.38
CA PHE B 156 -44.05 14.75 13.35
C PHE B 156 -45.32 15.20 12.63
N ASP B 157 -46.47 14.70 13.07
CA ASP B 157 -47.74 15.00 12.42
C ASP B 157 -48.38 16.22 13.07
N ALA B 158 -48.35 17.36 12.38
CA ALA B 158 -48.94 18.57 12.91
C ALA B 158 -50.21 18.98 12.16
N ARG B 159 -50.85 18.02 11.49
CA ARG B 159 -52.00 18.42 10.65
C ARG B 159 -53.17 19.00 11.43
N ASP B 160 -53.20 18.87 12.77
CA ASP B 160 -54.30 19.46 13.53
CA ASP B 160 -54.22 19.41 13.65
C ASP B 160 -53.95 20.84 14.07
N CYS B 161 -52.90 21.46 13.57
CA CYS B 161 -52.47 22.79 13.97
C CYS B 161 -53.50 23.84 13.55
N ARG B 162 -53.73 24.83 14.42
CA ARG B 162 -54.78 25.80 14.12
C ARG B 162 -54.41 27.25 14.43
N SER B 163 -53.14 27.57 14.64
CA SER B 163 -52.77 28.96 14.89
C SER B 163 -51.26 29.10 14.77
N ALA B 164 -50.80 30.35 14.67
CA ALA B 164 -49.37 30.60 14.57
C ALA B 164 -48.67 30.21 15.86
N GLN B 165 -49.34 30.42 17.00
CA GLN B 165 -48.78 30.07 18.29
C GLN B 165 -48.56 28.56 18.40
N GLU B 166 -49.56 27.77 17.99
CA GLU B 166 -49.37 26.32 18.00
C GLU B 166 -48.34 25.88 16.99
N MET B 167 -48.22 26.62 15.88
CA MET B 167 -47.21 26.32 14.88
C MET B 167 -45.81 26.53 15.44
N PHE B 168 -45.61 27.60 16.22
CA PHE B 168 -44.32 27.87 16.83
C PHE B 168 -43.93 26.78 17.82
N THR B 169 -44.89 26.29 18.61
CA THR B 169 -44.60 25.22 19.56
C THR B 169 -44.19 23.93 18.84
N TYR B 170 -44.86 23.60 17.73
CA TYR B 170 -44.45 22.47 16.91
C TYR B 170 -43.02 22.63 16.37
N ILE B 171 -42.60 23.86 16.11
CA ILE B 171 -41.29 24.09 15.48
C ILE B 171 -40.19 24.01 16.53
N CYS B 172 -40.48 24.52 17.71
CA CYS B 172 -39.51 24.42 18.81
C CYS B 172 -39.33 22.97 19.23
N ASN B 173 -40.42 22.21 19.29
CA ASN B 173 -40.30 20.79 19.56
CA ASN B 173 -40.33 20.78 19.54
C ASN B 173 -39.47 20.09 18.48
N HIS B 174 -39.66 20.46 17.20
CA HIS B 174 -38.83 19.90 16.13
C HIS B 174 -37.35 20.27 16.34
N ILE B 175 -37.06 21.56 16.56
CA ILE B 175 -35.68 22.01 16.73
C ILE B 175 -35.02 21.24 17.85
N LYS B 176 -35.71 21.15 18.98
CA LYS B 176 -35.17 20.42 20.11
C LYS B 176 -34.94 18.96 19.76
N TYR B 177 -35.95 18.30 19.19
CA TYR B 177 -35.77 16.88 18.90
C TYR B 177 -34.59 16.64 17.97
N ALA B 178 -34.46 17.46 16.90
CA ALA B 178 -33.50 17.22 15.82
C ALA B 178 -32.08 17.59 16.19
N THR B 179 -31.92 18.67 16.97
CA THR B 179 -30.62 19.06 17.50
C THR B 179 -30.10 18.02 18.48
N ASN B 180 -30.90 17.70 19.50
CA ASN B 180 -30.55 16.64 20.44
C ASN B 180 -29.16 16.89 21.03
N ARG B 181 -28.92 18.14 21.40
CA ARG B 181 -27.67 18.56 22.03
C ARG B 181 -26.43 18.22 21.17
N GLY B 182 -26.57 18.24 19.85
CA GLY B 182 -25.46 18.00 18.97
C GLY B 182 -25.40 16.62 18.36
N ASN B 183 -26.23 15.69 18.80
CA ASN B 183 -26.33 14.41 18.12
C ASN B 183 -27.56 14.47 17.21
N LEU B 184 -27.36 14.98 16.00
CA LEU B 184 -28.49 15.39 15.16
C LEU B 184 -29.30 14.20 14.67
N ARG B 185 -30.61 14.39 14.64
CA ARG B 185 -31.58 13.42 14.14
C ARG B 185 -32.43 14.05 13.06
N SER B 186 -32.63 13.33 11.95
CA SER B 186 -33.41 13.85 10.85
C SER B 186 -34.89 13.89 11.20
N ALA B 187 -35.56 14.99 10.84
CA ALA B 187 -36.95 15.15 11.23
C ALA B 187 -37.70 15.95 10.19
N ILE B 188 -39.02 15.80 10.21
CA ILE B 188 -39.90 16.68 9.44
C ILE B 188 -41.19 16.84 10.22
N THR B 189 -41.73 18.05 10.20
CA THR B 189 -43.02 18.35 10.79
C THR B 189 -43.96 18.79 9.67
N VAL B 190 -45.16 18.22 9.63
CA VAL B 190 -46.07 18.42 8.52
C VAL B 190 -47.29 19.17 9.04
N PHE B 191 -47.41 20.43 8.63
CA PHE B 191 -48.55 21.25 9.00
C PHE B 191 -49.71 20.92 8.07
N PRO B 192 -50.89 21.54 8.26
CA PRO B 192 -52.07 21.10 7.51
C PRO B 192 -51.97 21.34 6.00
N GLN B 193 -52.63 20.47 5.27
CA GLN B 193 -52.63 20.53 3.82
C GLN B 193 -53.45 21.70 3.29
N ARG B 194 -53.02 22.20 2.12
CA ARG B 194 -53.79 23.14 1.33
C ARG B 194 -55.21 22.62 1.11
N CYS B 195 -56.20 23.48 1.37
CA CYS B 195 -57.56 23.09 1.07
C CYS B 195 -58.33 24.30 0.57
N PRO B 196 -59.32 24.10 -0.29
CA PRO B 196 -60.04 25.25 -0.86
C PRO B 196 -60.88 25.96 0.20
N GLY B 197 -60.89 27.28 0.14
CA GLY B 197 -61.67 28.08 1.06
C GLY B 197 -60.96 28.49 2.33
N ARG B 198 -59.62 28.45 2.34
CA ARG B 198 -58.80 28.80 3.48
C ARG B 198 -57.36 28.94 3.02
N GLY B 199 -56.67 29.93 3.57
CA GLY B 199 -55.28 30.15 3.21
C GLY B 199 -54.37 29.03 3.69
N ASP B 200 -53.12 29.11 3.24
CA ASP B 200 -52.10 28.14 3.64
C ASP B 200 -51.43 28.55 4.94
N PHE B 201 -50.98 27.54 5.68
CA PHE B 201 -49.87 27.78 6.59
C PHE B 201 -48.60 28.01 5.77
N ARG B 202 -47.86 29.07 6.07
CA ARG B 202 -46.51 29.23 5.54
C ARG B 202 -45.53 29.59 6.66
N ILE B 203 -44.32 29.07 6.57
CA ILE B 203 -43.17 29.65 7.26
C ILE B 203 -42.48 30.57 6.27
N TRP B 204 -42.36 31.87 6.60
CA TRP B 204 -41.75 32.81 5.65
C TRP B 204 -40.25 32.61 5.52
N ASN B 205 -39.58 32.26 6.63
CA ASN B 205 -38.13 32.06 6.62
C ASN B 205 -37.76 30.84 5.78
N SER B 206 -36.71 31.00 4.96
CA SER B 206 -36.25 29.89 4.11
C SER B 206 -35.63 28.78 4.94
N GLN B 207 -35.06 29.10 6.10
CA GLN B 207 -34.64 28.09 7.07
C GLN B 207 -35.02 28.52 8.48
N LEU B 208 -35.14 27.55 9.38
CA LEU B 208 -35.46 27.87 10.77
C LEU B 208 -34.35 28.67 11.43
N VAL B 209 -33.10 28.40 11.08
CA VAL B 209 -31.98 29.16 11.61
C VAL B 209 -31.33 29.86 10.41
N ARG B 210 -31.33 31.19 10.44
CA ARG B 210 -30.67 32.03 9.45
C ARG B 210 -30.08 33.23 10.17
N TYR B 211 -28.94 33.72 9.68
CA TYR B 211 -28.36 34.91 10.30
C TYR B 211 -28.80 36.16 9.55
N ALA B 212 -28.96 37.25 10.29
CA ALA B 212 -29.46 38.49 9.69
C ALA B 212 -28.48 39.02 8.65
N GLY B 213 -29.03 39.69 7.64
CA GLY B 213 -28.25 40.39 6.65
C GLY B 213 -28.72 41.83 6.58
N TYR B 214 -27.92 42.73 7.17
CA TYR B 214 -28.25 44.14 7.26
C TYR B 214 -27.73 44.86 6.02
N ARG B 215 -28.63 45.24 5.12
CA ARG B 215 -28.27 46.07 3.98
C ARG B 215 -27.60 47.34 4.51
N GLN B 216 -26.28 47.36 4.48
CA GLN B 216 -25.54 48.55 4.88
C GLN B 216 -25.80 49.67 3.89
N GLN B 217 -25.31 50.85 4.25
CA GLN B 217 -25.69 52.01 3.45
C GLN B 217 -24.80 52.17 2.21
N ASP B 218 -23.51 51.86 2.32
CA ASP B 218 -22.63 51.99 1.16
C ASP B 218 -22.85 50.85 0.16
N GLY B 219 -24.09 50.36 0.04
CA GLY B 219 -24.41 49.22 -0.80
C GLY B 219 -23.99 47.88 -0.24
N SER B 220 -23.09 47.86 0.75
CA SER B 220 -22.55 46.61 1.27
C SER B 220 -23.60 45.90 2.14
N VAL B 221 -23.18 44.83 2.81
CA VAL B 221 -24.03 44.08 3.73
C VAL B 221 -23.19 43.64 4.90
N ARG B 222 -23.68 43.86 6.11
CA ARG B 222 -23.12 43.24 7.30
C ARG B 222 -24.02 42.08 7.72
N GLY B 223 -23.53 40.87 7.52
CA GLY B 223 -24.29 39.69 7.87
C GLY B 223 -24.32 38.72 6.72
N ASP B 224 -25.35 37.90 6.63
CA ASP B 224 -25.45 36.99 5.50
C ASP B 224 -26.22 37.71 4.40
N PRO B 225 -25.58 37.99 3.26
CA PRO B 225 -26.31 38.67 2.17
C PRO B 225 -27.51 37.90 1.67
N ALA B 226 -27.49 36.58 1.77
CA ALA B 226 -28.60 35.76 1.29
C ALA B 226 -29.90 36.04 2.04
N ASN B 227 -29.82 36.74 3.17
CA ASN B 227 -30.96 36.93 4.06
C ASN B 227 -31.32 38.40 4.20
N VAL B 228 -30.97 39.23 3.23
CA VAL B 228 -31.26 40.65 3.36
C VAL B 228 -32.76 40.92 3.25
N GLU B 229 -33.47 40.12 2.46
CA GLU B 229 -34.88 40.42 2.25
C GLU B 229 -35.69 39.98 3.46
N ILE B 230 -35.51 38.74 3.91
CA ILE B 230 -36.21 38.24 5.08
C ILE B 230 -35.81 39.04 6.32
N THR B 231 -34.62 39.63 6.32
CA THR B 231 -34.22 40.51 7.43
C THR B 231 -35.06 41.80 7.42
N GLU B 232 -35.12 42.48 6.29
CA GLU B 232 -35.93 43.69 6.18
C GLU B 232 -37.39 43.41 6.50
N LEU B 233 -37.88 42.21 6.19
CA LEU B 233 -39.25 41.86 6.52
C LEU B 233 -39.43 41.71 8.02
N CYS B 234 -38.48 41.06 8.71
CA CYS B 234 -38.57 40.94 10.16
C CYS B 234 -38.59 42.31 10.82
N ILE B 235 -37.69 43.21 10.40
CA ILE B 235 -37.66 44.54 10.99
C ILE B 235 -39.00 45.24 10.81
N GLN B 236 -39.53 45.19 9.59
CA GLN B 236 -40.82 45.80 9.28
C GLN B 236 -41.94 45.21 10.11
N HIS B 237 -41.81 43.96 10.57
CA HIS B 237 -42.83 43.30 11.36
C HIS B 237 -42.56 43.39 12.86
N GLY B 238 -41.70 44.32 13.30
CA GLY B 238 -41.57 44.69 14.70
C GLY B 238 -40.29 44.25 15.39
N TRP B 239 -39.44 43.45 14.74
CA TRP B 239 -38.23 42.96 15.40
C TRP B 239 -37.24 44.10 15.59
N THR B 240 -36.69 44.20 16.80
CA THR B 240 -35.60 45.14 17.00
C THR B 240 -34.30 44.48 16.56
N PRO B 241 -33.61 45.01 15.56
CA PRO B 241 -32.44 44.34 15.02
C PRO B 241 -31.20 44.61 15.87
N GLY B 242 -30.19 43.75 15.66
CA GLY B 242 -28.87 43.97 16.19
C GLY B 242 -27.92 44.51 15.15
N ASN B 243 -26.61 44.40 15.44
CA ASN B 243 -25.58 44.86 14.51
C ASN B 243 -24.46 43.86 14.31
N GLY B 244 -24.63 42.60 14.71
CA GLY B 244 -23.60 41.62 14.49
C GLY B 244 -23.65 41.03 13.09
N ARG B 245 -22.65 40.20 12.79
CA ARG B 245 -22.64 39.46 11.55
C ARG B 245 -23.28 38.08 11.67
N PHE B 246 -23.56 37.64 12.90
CA PHE B 246 -24.17 36.34 13.16
C PHE B 246 -25.34 36.50 14.13
N ASP B 247 -26.30 37.36 13.78
CA ASP B 247 -27.52 37.53 14.56
C ASP B 247 -28.57 36.56 14.05
N VAL B 248 -29.16 35.78 14.95
CA VAL B 248 -30.16 34.80 14.54
C VAL B 248 -31.48 35.51 14.30
N LEU B 249 -32.07 35.28 13.11
CA LEU B 249 -33.33 35.92 12.79
C LEU B 249 -34.49 35.25 13.56
N PRO B 250 -35.51 36.02 13.93
CA PRO B 250 -36.74 35.44 14.47
C PRO B 250 -37.56 34.80 13.34
N LEU B 251 -38.63 34.11 13.72
CA LEU B 251 -39.45 33.42 12.72
C LEU B 251 -40.70 34.23 12.38
N LEU B 252 -41.07 34.24 11.11
CA LEU B 252 -42.34 34.83 10.69
C LEU B 252 -43.23 33.65 10.29
N LEU B 253 -44.27 33.41 11.09
CA LEU B 253 -45.20 32.32 10.85
C LEU B 253 -46.52 32.88 10.36
N GLN B 254 -47.03 32.31 9.28
CA GLN B 254 -48.28 32.70 8.66
C GLN B 254 -49.30 31.59 8.89
N ALA B 255 -50.30 31.87 9.65
CA ALA B 255 -51.44 30.98 9.76
C ALA B 255 -52.50 31.40 8.76
N PRO B 256 -53.42 30.47 8.37
CA PRO B 256 -54.38 30.78 7.30
C PRO B 256 -55.12 32.11 7.41
N ASP B 257 -54.96 32.95 6.38
CA ASP B 257 -55.75 34.17 6.17
C ASP B 257 -55.40 35.26 7.17
N GLU B 258 -54.16 35.25 7.64
CA GLU B 258 -53.69 36.18 8.65
C GLU B 258 -52.29 36.62 8.26
N PRO B 259 -51.94 37.87 8.53
CA PRO B 259 -50.55 38.32 8.36
C PRO B 259 -49.59 37.45 9.14
N PRO B 260 -48.30 37.49 8.81
CA PRO B 260 -47.34 36.69 9.57
C PRO B 260 -47.12 37.27 10.95
N GLU B 261 -46.77 36.37 11.88
CA GLU B 261 -46.50 36.73 13.26
C GLU B 261 -45.04 36.44 13.58
N LEU B 262 -44.41 37.37 14.30
CA LEU B 262 -43.00 37.25 14.69
C LEU B 262 -42.87 36.45 15.99
N PHE B 263 -41.97 35.46 15.99
CA PHE B 263 -41.62 34.69 17.17
C PHE B 263 -40.09 34.61 17.25
N LEU B 264 -39.54 34.94 18.42
CA LEU B 264 -38.10 34.86 18.66
C LEU B 264 -37.74 33.47 19.13
N LEU B 265 -36.73 32.87 18.52
CA LEU B 265 -36.27 31.59 19.02
C LEU B 265 -35.57 31.80 20.36
N PRO B 266 -35.82 30.94 21.34
CA PRO B 266 -35.02 30.97 22.59
C PRO B 266 -33.58 30.62 22.31
N PRO B 267 -32.64 31.46 22.72
CA PRO B 267 -31.22 31.20 22.40
C PRO B 267 -30.74 29.81 22.77
N GLU B 268 -31.15 29.27 23.92
CA GLU B 268 -30.71 27.93 24.28
C GLU B 268 -31.15 26.86 23.28
N LEU B 269 -32.05 27.20 22.37
CA LEU B 269 -32.54 26.25 21.37
C LEU B 269 -31.64 26.18 20.14
N VAL B 270 -30.86 27.22 19.87
CA VAL B 270 -30.07 27.30 18.64
C VAL B 270 -28.64 26.96 19.00
N LEU B 271 -28.27 25.69 18.81
CA LEU B 271 -26.89 25.28 18.99
C LEU B 271 -26.03 25.87 17.86
N GLU B 272 -24.90 26.47 18.24
CA GLU B 272 -24.00 27.12 17.30
C GLU B 272 -22.57 26.63 17.56
N VAL B 273 -21.77 26.60 16.50
CA VAL B 273 -20.37 26.18 16.58
C VAL B 273 -19.50 27.40 16.28
N PRO B 274 -18.73 27.89 17.26
CA PRO B 274 -17.63 28.79 16.93
C PRO B 274 -16.56 28.01 16.18
N LEU B 275 -15.90 28.69 15.26
CA LEU B 275 -14.96 28.05 14.37
C LEU B 275 -13.55 28.36 14.82
N GLU B 276 -12.73 27.32 14.89
CA GLU B 276 -11.30 27.48 15.10
C GLU B 276 -10.58 26.46 14.24
N HIS B 277 -9.29 26.69 14.03
CA HIS B 277 -8.50 25.80 13.18
C HIS B 277 -7.59 24.94 14.03
N PRO B 278 -7.44 23.65 13.71
CA PRO B 278 -6.63 22.80 14.59
C PRO B 278 -5.20 23.25 14.73
N THR B 279 -4.64 23.90 13.71
CA THR B 279 -3.29 24.41 13.77
C THR B 279 -3.16 25.88 13.38
N LEU B 280 -4.22 26.60 13.03
CA LEU B 280 -4.07 28.03 12.71
C LEU B 280 -4.74 28.84 13.81
N GLU B 281 -4.00 29.08 14.89
CA GLU B 281 -4.58 29.60 16.12
C GLU B 281 -5.20 30.98 15.92
N TRP B 282 -4.68 31.78 15.01
CA TRP B 282 -5.28 33.10 14.77
C TRP B 282 -6.68 32.96 14.18
N PHE B 283 -6.98 31.79 13.60
CA PHE B 283 -8.28 31.63 12.95
C PHE B 283 -9.42 31.93 13.90
N ALA B 284 -9.25 31.60 15.19
CA ALA B 284 -10.32 31.82 16.14
C ALA B 284 -10.65 33.31 16.23
N ALA B 285 -9.63 34.17 16.16
CA ALA B 285 -9.85 35.61 16.26
C ALA B 285 -10.74 36.16 15.16
N LEU B 286 -10.94 35.43 14.06
CA LEU B 286 -11.80 35.89 12.97
C LEU B 286 -13.26 36.04 13.41
N GLY B 287 -13.66 35.43 14.51
CA GLY B 287 -15.02 35.59 15.00
C GLY B 287 -16.07 34.82 14.22
N LEU B 288 -15.71 33.66 13.68
CA LEU B 288 -16.60 32.90 12.81
C LEU B 288 -17.41 31.89 13.62
N ARG B 289 -18.69 31.79 13.28
CA ARG B 289 -19.65 30.82 13.81
C ARG B 289 -20.53 30.28 12.69
N TRP B 290 -21.02 29.06 12.85
CA TRP B 290 -22.19 28.64 12.10
C TRP B 290 -23.11 27.91 13.07
N TYR B 291 -24.31 27.55 12.63
CA TYR B 291 -25.27 26.89 13.49
C TYR B 291 -25.33 25.39 13.22
N ALA B 292 -25.89 24.67 14.18
CA ALA B 292 -25.78 23.22 14.12
C ALA B 292 -26.74 22.61 13.13
N LEU B 293 -27.92 23.20 12.98
CA LEU B 293 -29.08 22.51 12.43
C LEU B 293 -29.52 23.10 11.12
N PRO B 294 -29.35 22.39 9.99
CA PRO B 294 -29.89 22.83 8.69
C PRO B 294 -31.34 22.44 8.51
N ALA B 295 -32.23 23.42 8.60
CA ALA B 295 -33.67 23.08 8.57
C ALA B 295 -34.40 23.93 7.52
N VAL B 296 -34.66 23.33 6.38
CA VAL B 296 -35.29 24.02 5.23
C VAL B 296 -36.80 24.15 5.47
N SER B 297 -37.30 25.39 5.53
CA SER B 297 -38.69 25.64 5.88
C SER B 297 -39.59 26.19 4.76
N ASN B 298 -39.09 26.41 3.55
CA ASN B 298 -39.89 27.11 2.52
C ASN B 298 -40.31 26.25 1.35
N MET B 299 -39.97 24.96 1.32
CA MET B 299 -40.41 24.09 0.24
C MET B 299 -41.79 23.47 0.49
N LEU B 300 -42.48 23.16 -0.61
CA LEU B 300 -43.76 22.45 -0.57
C LEU B 300 -43.56 20.94 -0.68
N LEU B 301 -44.19 20.19 0.23
CA LEU B 301 -44.25 18.75 0.16
C LEU B 301 -45.55 18.32 -0.53
N GLU B 302 -45.43 17.40 -1.48
CA GLU B 302 -46.57 16.94 -2.30
C GLU B 302 -46.66 15.42 -2.20
N ILE B 303 -47.83 14.93 -1.80
CA ILE B 303 -48.04 13.50 -1.54
C ILE B 303 -49.41 13.12 -2.09
N GLY B 304 -49.42 12.16 -3.00
CA GLY B 304 -50.67 11.66 -3.55
C GLY B 304 -51.60 12.75 -4.06
N GLY B 305 -51.05 13.77 -4.70
CA GLY B 305 -51.85 14.88 -5.16
C GLY B 305 -52.09 15.98 -4.14
N LEU B 306 -51.90 15.70 -2.86
CA LEU B 306 -52.12 16.69 -1.83
C LEU B 306 -50.86 17.51 -1.59
N GLU B 307 -51.07 18.77 -1.21
CA GLU B 307 -49.97 19.72 -1.07
C GLU B 307 -49.90 20.23 0.35
N PHE B 308 -48.69 20.24 0.90
CA PHE B 308 -48.47 20.78 2.24
C PHE B 308 -47.51 21.96 2.14
N PRO B 309 -48.04 23.19 2.14
CA PRO B 309 -47.17 24.37 1.93
C PRO B 309 -46.17 24.60 3.02
N ALA B 310 -46.44 24.16 4.25
CA ALA B 310 -45.51 24.31 5.37
C ALA B 310 -45.17 22.93 5.88
N ALA B 311 -43.88 22.56 5.81
CA ALA B 311 -43.44 21.24 6.24
C ALA B 311 -41.95 21.21 6.45
N PRO B 312 -41.40 21.99 7.39
CA PRO B 312 -39.95 22.08 7.49
C PRO B 312 -39.31 20.74 7.77
N PHE B 313 -38.14 20.52 7.17
CA PHE B 313 -37.40 19.28 7.36
C PHE B 313 -35.93 19.60 7.66
N SER B 314 -35.28 18.75 8.46
CA SER B 314 -33.88 19.01 8.83
C SER B 314 -33.07 17.72 8.79
N GLY B 315 -31.77 17.88 8.51
CA GLY B 315 -30.83 16.78 8.65
C GLY B 315 -29.59 17.22 9.41
N TRP B 316 -28.41 16.88 8.92
CA TRP B 316 -27.18 17.47 9.37
C TRP B 316 -26.36 17.95 8.18
N TYR B 317 -25.40 18.82 8.47
CA TYR B 317 -24.65 19.52 7.44
C TYR B 317 -23.59 18.64 6.81
N MET B 318 -23.37 18.84 5.52
CA MET B 318 -22.11 18.46 4.90
C MET B 318 -21.18 19.67 4.98
N SER B 319 -19.96 19.46 5.49
CA SER B 319 -19.07 20.57 5.83
C SER B 319 -18.82 21.51 4.65
N THR B 320 -18.84 20.99 3.43
CA THR B 320 -18.60 21.92 2.32
C THR B 320 -19.74 22.91 2.14
N GLU B 321 -20.94 22.65 2.67
CA GLU B 321 -21.97 23.67 2.57
C GLU B 321 -21.61 24.89 3.40
N ILE B 322 -21.07 24.67 4.58
CA ILE B 322 -20.62 25.76 5.44
C ILE B 322 -19.26 26.29 4.95
N GLY B 323 -18.29 25.41 4.79
CA GLY B 323 -16.92 25.86 4.53
C GLY B 323 -16.76 26.56 3.19
N THR B 324 -17.16 25.90 2.10
CA THR B 324 -17.01 26.47 0.77
C THR B 324 -18.11 27.48 0.42
N ARG B 325 -19.38 27.02 0.38
CA ARG B 325 -20.45 27.87 -0.16
C ARG B 325 -20.83 29.00 0.80
N ASN B 326 -21.11 28.68 2.08
CA ASN B 326 -21.64 29.73 2.95
C ASN B 326 -20.59 30.77 3.32
N LEU B 327 -19.36 30.34 3.59
CA LEU B 327 -18.32 31.27 3.96
C LEU B 327 -17.45 31.78 2.81
N CYS B 328 -17.37 31.08 1.66
CA CYS B 328 -16.49 31.53 0.57
C CYS B 328 -17.20 32.01 -0.69
N ASP B 329 -18.48 31.71 -0.89
CA ASP B 329 -19.16 32.26 -2.05
C ASP B 329 -18.97 33.77 -2.07
N PRO B 330 -18.65 34.37 -3.22
CA PRO B 330 -18.36 35.82 -3.25
C PRO B 330 -19.52 36.66 -2.80
N HIS B 331 -20.74 36.16 -2.99
CA HIS B 331 -21.98 36.84 -2.64
C HIS B 331 -22.54 36.33 -1.31
N ARG B 332 -21.70 35.76 -0.46
CA ARG B 332 -22.06 35.39 0.90
C ARG B 332 -21.09 36.07 1.85
N TYR B 333 -20.50 35.32 2.80
CA TYR B 333 -19.59 35.99 3.73
C TYR B 333 -18.24 36.33 3.11
N ASN B 334 -17.84 35.65 2.04
CA ASN B 334 -16.73 36.11 1.20
C ASN B 334 -15.48 36.37 2.02
N ILE B 335 -14.99 35.35 2.72
CA ILE B 335 -13.82 35.52 3.57
C ILE B 335 -12.55 34.94 2.95
N LEU B 336 -12.60 34.53 1.68
CA LEU B 336 -11.50 33.74 1.13
C LEU B 336 -10.22 34.55 1.08
N GLU B 337 -10.31 35.81 0.64
CA GLU B 337 -9.10 36.62 0.56
C GLU B 337 -8.52 36.88 1.94
N ASP B 338 -9.37 37.16 2.93
CA ASP B 338 -8.87 37.54 4.24
C ASP B 338 -8.16 36.38 4.93
N VAL B 339 -8.65 35.16 4.72
CA VAL B 339 -7.97 33.98 5.22
C VAL B 339 -6.61 33.81 4.53
N ALA B 340 -6.59 33.91 3.19
CA ALA B 340 -5.35 33.73 2.43
C ALA B 340 -4.29 34.72 2.84
N VAL B 341 -4.66 35.99 2.95
CA VAL B 341 -3.73 37.03 3.41
C VAL B 341 -3.17 36.68 4.78
N CYS B 342 -4.05 36.30 5.71
CA CYS B 342 -3.58 35.90 7.03
C CYS B 342 -2.65 34.71 6.94
N MET B 343 -2.97 33.74 6.08
CA MET B 343 -2.08 32.62 5.84
C MET B 343 -0.76 33.03 5.18
N ASP B 344 -0.62 34.31 4.84
CA ASP B 344 0.55 34.85 4.13
C ASP B 344 0.76 34.15 2.79
N LEU B 345 -0.32 34.06 2.02
CA LEU B 345 -0.29 33.55 0.66
C LEU B 345 -0.17 34.69 -0.34
N ASP B 346 0.48 34.42 -1.46
CA ASP B 346 0.66 35.42 -2.52
C ASP B 346 -0.65 35.53 -3.28
N THR B 347 -1.47 36.50 -2.88
CA THR B 347 -2.79 36.69 -3.47
C THR B 347 -2.75 37.56 -4.73
N ARG B 348 -1.56 37.92 -5.20
CA ARG B 348 -1.43 38.76 -6.38
C ARG B 348 -1.40 37.97 -7.68
N THR B 349 -1.30 36.65 -7.62
CA THR B 349 -1.36 35.83 -8.82
C THR B 349 -2.25 34.64 -8.57
N THR B 350 -3.15 34.36 -9.51
CA THR B 350 -4.01 33.19 -9.39
C THR B 350 -3.18 31.91 -9.42
N SER B 351 -2.05 31.91 -10.15
CA SER B 351 -1.28 30.68 -10.35
C SER B 351 -0.60 30.18 -9.07
N SER B 352 -0.66 30.91 -7.96
CA SER B 352 -0.21 30.30 -6.71
C SER B 352 -1.28 29.41 -6.08
N LEU B 353 -2.53 29.53 -6.54
CA LEU B 353 -3.64 28.74 -6.00
C LEU B 353 -3.88 29.10 -4.54
N TRP B 354 -3.72 30.38 -4.20
CA TRP B 354 -4.06 30.81 -2.86
C TRP B 354 -5.51 30.50 -2.53
N LYS B 355 -6.42 30.72 -3.49
CA LYS B 355 -7.84 30.50 -3.20
C LYS B 355 -8.11 29.06 -2.81
N ASP B 356 -7.54 28.11 -3.55
CA ASP B 356 -7.70 26.70 -3.24
C ASP B 356 -7.07 26.34 -1.90
N LYS B 357 -5.92 26.94 -1.58
CA LYS B 357 -5.30 26.67 -0.29
C LYS B 357 -6.13 27.24 0.85
N ALA B 358 -6.60 28.49 0.74
CA ALA B 358 -7.39 29.04 1.83
C ALA B 358 -8.69 28.26 1.99
N ALA B 359 -9.26 27.77 0.89
CA ALA B 359 -10.58 27.17 0.98
C ALA B 359 -10.50 25.79 1.62
N VAL B 360 -9.46 25.03 1.28
CA VAL B 360 -9.20 23.79 1.99
C VAL B 360 -9.13 24.04 3.49
N GLU B 361 -8.31 25.01 3.90
CA GLU B 361 -8.13 25.24 5.33
C GLU B 361 -9.40 25.76 6.00
N ILE B 362 -10.25 26.49 5.28
CA ILE B 362 -11.50 26.89 5.91
C ILE B 362 -12.38 25.67 6.16
N ASN B 363 -12.30 24.69 5.26
CA ASN B 363 -13.05 23.45 5.40
C ASN B 363 -12.53 22.60 6.54
N VAL B 364 -11.20 22.48 6.68
CA VAL B 364 -10.63 21.79 7.84
C VAL B 364 -11.17 22.40 9.14
N ALA B 365 -11.14 23.73 9.25
CA ALA B 365 -11.57 24.36 10.48
C ALA B 365 -13.03 24.01 10.80
N VAL B 366 -13.92 24.07 9.80
CA VAL B 366 -15.34 23.77 10.01
C VAL B 366 -15.50 22.35 10.56
N LEU B 367 -14.87 21.38 9.90
CA LEU B 367 -14.96 19.99 10.32
C LEU B 367 -14.35 19.79 11.71
N HIS B 368 -13.16 20.36 11.91
CA HIS B 368 -12.55 20.23 13.22
C HIS B 368 -13.41 20.87 14.29
N SER B 369 -14.07 21.99 13.95
CA SER B 369 -14.85 22.72 14.95
C SER B 369 -16.12 21.95 15.30
N TYR B 370 -16.80 21.38 14.30
CA TYR B 370 -17.99 20.61 14.62
C TYR B 370 -17.64 19.34 15.40
N GLN B 371 -16.56 18.66 15.01
CA GLN B 371 -16.15 17.48 15.77
C GLN B 371 -15.70 17.83 17.20
N LEU B 372 -15.18 19.04 17.41
CA LEU B 372 -14.76 19.44 18.75
C LEU B 372 -15.96 19.66 19.66
N ALA B 373 -16.99 20.35 19.16
CA ALA B 373 -18.19 20.67 19.92
C ALA B 373 -19.21 19.54 19.92
N LYS B 374 -18.84 18.37 19.40
CA LYS B 374 -19.71 17.19 19.37
C LYS B 374 -21.06 17.49 18.71
N VAL B 375 -20.99 18.10 17.53
CA VAL B 375 -22.13 18.31 16.65
C VAL B 375 -21.90 17.49 15.40
N THR B 376 -22.93 16.74 15.01
CA THR B 376 -22.84 15.88 13.82
C THR B 376 -22.44 16.71 12.60
N ILE B 377 -21.61 16.11 11.76
CA ILE B 377 -21.22 16.74 10.50
C ILE B 377 -20.59 15.66 9.66
N VAL B 378 -20.64 15.82 8.35
CA VAL B 378 -20.03 14.84 7.46
C VAL B 378 -19.26 15.58 6.37
N ASP B 379 -18.07 15.06 6.03
CA ASP B 379 -17.30 15.72 4.98
C ASP B 379 -17.72 15.19 3.62
N HIS B 380 -17.33 15.92 2.57
CA HIS B 380 -17.82 15.58 1.24
C HIS B 380 -17.22 14.30 0.68
N HIS B 381 -16.25 13.70 1.36
CA HIS B 381 -15.74 12.41 0.91
C HIS B 381 -16.62 11.27 1.41
N ALA B 382 -16.94 11.28 2.71
CA ALA B 382 -17.83 10.26 3.24
C ALA B 382 -19.22 10.41 2.64
N ALA B 383 -19.72 11.64 2.60
CA ALA B 383 -21.05 11.91 2.05
C ALA B 383 -21.23 11.35 0.64
N THR B 384 -20.26 11.66 -0.25
CA THR B 384 -20.39 11.19 -1.62
C THR B 384 -20.14 9.69 -1.74
N ALA B 385 -19.30 9.12 -0.86
CA ALA B 385 -19.11 7.68 -0.90
C ALA B 385 -20.35 6.93 -0.40
N SER B 386 -21.09 7.50 0.57
CA SER B 386 -22.34 6.86 0.98
C SER B 386 -23.41 7.02 -0.08
N PHE B 387 -23.38 8.12 -0.84
CA PHE B 387 -24.33 8.25 -1.95
C PHE B 387 -24.07 7.22 -3.03
N MET B 388 -22.81 6.93 -3.34
CA MET B 388 -22.55 5.81 -4.24
C MET B 388 -23.20 4.53 -3.73
N LYS B 389 -23.19 4.33 -2.40
CA LYS B 389 -23.86 3.17 -1.81
C LYS B 389 -25.39 3.26 -2.00
N HIS B 390 -25.94 4.47 -1.95
CA HIS B 390 -27.37 4.65 -2.13
C HIS B 390 -27.81 4.36 -3.56
N LEU B 391 -27.04 4.84 -4.55
CA LEU B 391 -27.36 4.57 -5.94
C LEU B 391 -27.44 3.08 -6.20
N GLU B 392 -26.55 2.33 -5.56
CA GLU B 392 -26.53 0.90 -5.84
C GLU B 392 -27.70 0.18 -5.16
N ASN B 393 -28.07 0.60 -3.94
CA ASN B 393 -29.30 0.10 -3.31
C ASN B 393 -30.51 0.40 -4.18
N GLU B 394 -30.58 1.64 -4.69
CA GLU B 394 -31.72 2.10 -5.47
C GLU B 394 -31.83 1.35 -6.80
N GLN B 395 -30.71 1.14 -7.50
CA GLN B 395 -30.72 0.31 -8.71
C GLN B 395 -31.39 -1.04 -8.44
N LYS B 396 -31.00 -1.69 -7.34
CA LYS B 396 -31.61 -2.95 -6.94
C LYS B 396 -33.07 -2.75 -6.57
N ALA B 397 -33.35 -1.79 -5.68
CA ALA B 397 -34.70 -1.65 -5.14
C ALA B 397 -35.69 -1.18 -6.19
N ARG B 398 -35.30 -0.19 -7.00
CA ARG B 398 -36.23 0.44 -7.94
C ARG B 398 -35.77 0.42 -9.39
N GLY B 399 -34.50 0.16 -9.67
CA GLY B 399 -34.02 0.18 -11.04
C GLY B 399 -33.60 1.54 -11.53
N GLY B 400 -33.22 2.43 -10.62
CA GLY B 400 -32.87 3.77 -11.00
C GLY B 400 -32.91 4.70 -9.81
N CYS B 401 -32.44 5.90 -10.03
CA CYS B 401 -32.37 6.90 -8.97
C CYS B 401 -32.25 8.27 -9.61
N PRO B 402 -33.22 9.16 -9.37
CA PRO B 402 -33.10 10.52 -9.92
C PRO B 402 -31.96 11.25 -9.24
N ALA B 403 -30.97 11.69 -10.02
CA ALA B 403 -29.88 12.46 -9.42
C ALA B 403 -29.49 13.60 -10.35
N ASP B 404 -29.35 14.80 -9.77
CA ASP B 404 -28.90 16.00 -10.45
C ASP B 404 -27.37 16.11 -10.28
N TRP B 405 -26.62 15.68 -11.29
CA TRP B 405 -25.17 15.59 -11.19
C TRP B 405 -24.54 16.90 -10.70
N ALA B 406 -25.01 18.02 -11.22
CA ALA B 406 -24.39 19.29 -10.86
C ALA B 406 -24.54 19.60 -9.38
N TRP B 407 -25.59 19.10 -8.72
CA TRP B 407 -25.79 19.37 -7.30
C TRP B 407 -25.23 18.28 -6.40
N ILE B 408 -25.09 17.05 -6.90
CA ILE B 408 -24.50 15.98 -6.12
C ILE B 408 -22.97 16.14 -6.02
N VAL B 409 -22.30 16.58 -7.10
CA VAL B 409 -20.84 16.79 -7.05
C VAL B 409 -20.54 17.97 -6.13
N PRO B 410 -19.66 17.83 -5.16
CA PRO B 410 -19.44 18.90 -4.18
C PRO B 410 -18.75 20.08 -4.81
N PRO B 411 -18.85 21.28 -4.20
CA PRO B 411 -18.28 22.48 -4.82
C PRO B 411 -16.77 22.60 -4.69
N ILE B 412 -16.08 21.76 -3.92
CA ILE B 412 -14.65 21.62 -4.11
C ILE B 412 -14.30 20.16 -4.37
N SER B 413 -13.14 19.96 -4.98
CA SER B 413 -12.52 18.64 -5.12
C SER B 413 -13.43 17.65 -5.85
N GLY B 414 -14.22 18.16 -6.79
CA GLY B 414 -15.20 17.37 -7.52
C GLY B 414 -14.73 16.01 -8.03
N SER B 415 -13.70 15.98 -8.87
CA SER B 415 -13.24 14.72 -9.45
C SER B 415 -12.52 13.83 -8.45
N LEU B 416 -12.19 14.36 -7.28
CA LEU B 416 -11.64 13.52 -6.22
C LEU B 416 -12.72 12.70 -5.53
N THR B 417 -14.01 13.07 -5.67
CA THR B 417 -15.05 12.20 -5.12
C THR B 417 -15.54 11.25 -6.21
N PRO B 418 -16.10 10.09 -5.86
CA PRO B 418 -16.43 9.11 -6.89
C PRO B 418 -17.70 9.44 -7.65
N VAL B 419 -18.57 10.32 -7.12
CA VAL B 419 -19.77 10.67 -7.86
C VAL B 419 -19.43 11.43 -9.13
N PHE B 420 -18.27 12.11 -9.18
CA PHE B 420 -17.86 12.83 -10.40
C PHE B 420 -17.87 11.91 -11.60
N HIS B 421 -17.37 10.71 -11.44
CA HIS B 421 -17.22 9.81 -12.56
C HIS B 421 -18.47 9.01 -12.83
N GLN B 422 -19.56 9.27 -12.09
CA GLN B 422 -20.82 8.53 -12.25
C GLN B 422 -21.78 9.33 -13.12
N GLU B 423 -22.15 8.78 -14.28
CA GLU B 423 -23.22 9.38 -15.04
C GLU B 423 -24.53 9.29 -14.27
N MET B 424 -25.34 10.35 -14.32
CA MET B 424 -26.61 10.36 -13.61
C MET B 424 -27.74 10.76 -14.56
N VAL B 425 -28.96 10.30 -14.23
CA VAL B 425 -30.17 10.62 -14.97
C VAL B 425 -31.06 11.43 -14.05
N ASN B 426 -31.52 12.59 -14.53
CA ASN B 426 -32.29 13.52 -13.71
C ASN B 426 -33.74 13.54 -14.20
N TYR B 427 -34.71 13.36 -13.29
CA TYR B 427 -36.15 13.32 -13.61
C TYR B 427 -36.97 13.44 -12.33
N PHE B 428 -38.27 13.67 -12.51
CA PHE B 428 -39.14 14.04 -11.39
C PHE B 428 -40.10 12.91 -11.04
N LEU B 429 -39.98 12.39 -9.82
CA LEU B 429 -40.92 11.43 -9.27
C LEU B 429 -41.74 12.05 -8.15
N SER B 430 -42.92 11.49 -7.89
CA SER B 430 -43.78 11.91 -6.79
C SER B 430 -44.02 10.75 -5.83
N PRO B 431 -44.07 11.00 -4.51
CA PRO B 431 -44.00 12.26 -3.75
C PRO B 431 -42.72 13.07 -3.95
N ALA B 432 -42.78 14.37 -3.65
CA ALA B 432 -41.67 15.24 -3.98
C ALA B 432 -41.68 16.46 -3.10
N PHE B 433 -40.50 17.01 -2.87
CA PHE B 433 -40.36 18.37 -2.35
C PHE B 433 -40.18 19.30 -3.54
N ARG B 434 -40.94 20.38 -3.56
CA ARG B 434 -40.95 21.33 -4.68
C ARG B 434 -40.74 22.74 -4.14
N TYR B 435 -40.09 23.57 -4.94
CA TYR B 435 -39.96 24.97 -4.62
C TYR B 435 -41.31 25.65 -4.84
N GLN B 436 -41.50 26.79 -4.18
CA GLN B 436 -42.79 27.45 -4.25
C GLN B 436 -42.55 28.95 -4.16
N PRO B 437 -43.50 29.77 -4.61
CA PRO B 437 -43.31 31.22 -4.56
C PRO B 437 -43.16 31.73 -3.14
N ASP B 438 -42.39 32.80 -2.99
CA ASP B 438 -42.36 33.52 -1.74
C ASP B 438 -43.75 34.11 -1.46
N PRO B 439 -44.21 34.03 -0.21
CA PRO B 439 -45.62 34.33 0.05
C PRO B 439 -45.96 35.80 -0.05
N TRP B 440 -44.99 36.68 0.21
CA TRP B 440 -45.22 38.12 0.14
C TRP B 440 -45.12 38.62 -1.31
N LYS C 27 39.91 -17.67 29.36
CA LYS C 27 39.17 -18.73 30.04
C LYS C 27 37.68 -18.39 30.20
N PHE C 28 37.33 -17.11 30.11
CA PHE C 28 35.95 -16.65 30.25
C PHE C 28 35.47 -15.97 28.96
N PRO C 29 34.66 -16.66 28.15
CA PRO C 29 34.36 -16.17 26.81
C PRO C 29 33.83 -14.74 26.79
N ARG C 30 34.35 -13.95 25.86
CA ARG C 30 33.84 -12.60 25.62
C ARG C 30 32.60 -12.70 24.73
N VAL C 31 31.53 -12.01 25.12
CA VAL C 31 30.26 -12.08 24.42
C VAL C 31 29.79 -10.66 24.14
N LYS C 32 29.56 -10.38 22.87
CA LYS C 32 29.25 -9.06 22.36
C LYS C 32 27.83 -9.02 21.84
N ASN C 33 27.18 -7.86 22.00
CA ASN C 33 26.00 -7.51 21.24
C ASN C 33 26.38 -6.46 20.21
N TRP C 34 26.06 -6.73 18.95
CA TRP C 34 26.50 -5.92 17.80
C TRP C 34 25.52 -4.83 17.42
N GLU C 35 24.34 -4.81 18.03
CA GLU C 35 23.40 -3.71 17.80
C GLU C 35 23.64 -2.58 18.79
N VAL C 36 23.90 -2.92 20.05
CA VAL C 36 24.20 -1.94 21.08
C VAL C 36 25.70 -1.69 21.20
N GLY C 37 26.51 -2.73 21.03
CA GLY C 37 27.94 -2.64 21.21
C GLY C 37 28.46 -3.12 22.55
N SER C 38 27.57 -3.59 23.43
CA SER C 38 27.91 -3.98 24.79
C SER C 38 28.56 -5.36 24.82
N ILE C 39 29.37 -5.57 25.88
CA ILE C 39 30.19 -6.76 26.07
C ILE C 39 29.91 -7.33 27.46
N THR C 40 29.78 -8.67 27.54
CA THR C 40 29.72 -9.38 28.82
C THR C 40 30.65 -10.59 28.78
N TYR C 41 30.88 -11.20 29.95
CA TYR C 41 31.66 -12.42 30.06
C TYR C 41 30.82 -13.54 30.63
N ASP C 42 31.00 -14.75 30.09
CA ASP C 42 30.20 -15.91 30.51
C ASP C 42 31.05 -16.71 31.48
N THR C 43 30.88 -16.41 32.77
CA THR C 43 31.56 -17.21 33.78
C THR C 43 30.80 -18.49 34.11
N LEU C 44 29.49 -18.51 33.87
CA LEU C 44 28.69 -19.72 34.08
C LEU C 44 29.17 -20.90 33.24
N SER C 45 29.80 -20.62 32.09
CA SER C 45 30.23 -21.70 31.21
C SER C 45 31.23 -22.62 31.88
N ALA C 46 31.94 -22.14 32.90
CA ALA C 46 32.87 -22.97 33.66
C ALA C 46 32.21 -24.26 34.13
N GLN C 47 31.00 -24.16 34.69
CA GLN C 47 30.39 -25.29 35.39
C GLN C 47 29.82 -26.37 34.45
N ALA C 48 30.19 -26.38 33.17
CA ALA C 48 29.54 -27.29 32.21
C ALA C 48 29.82 -28.74 32.56
N GLN C 49 28.76 -29.51 32.80
CA GLN C 49 28.84 -30.94 33.14
C GLN C 49 29.16 -31.75 31.88
N GLN C 50 28.15 -32.09 31.09
CA GLN C 50 28.33 -32.97 29.95
C GLN C 50 29.18 -32.31 28.89
N ASP C 51 29.88 -33.13 28.10
CA ASP C 51 30.66 -32.64 26.98
C ASP C 51 29.79 -32.55 25.73
N GLY C 52 29.92 -31.43 25.01
CA GLY C 52 29.21 -31.21 23.78
C GLY C 52 29.90 -31.79 22.56
N PRO C 53 29.35 -31.51 21.38
CA PRO C 53 29.82 -32.17 20.15
C PRO C 53 30.94 -31.47 19.39
N CYS C 54 31.26 -30.23 19.73
CA CYS C 54 32.22 -29.44 18.97
C CYS C 54 33.63 -29.67 19.51
N THR C 55 34.62 -29.48 18.64
CA THR C 55 36.03 -29.61 19.00
C THR C 55 36.80 -28.47 18.37
N PRO C 56 38.03 -28.23 18.82
CA PRO C 56 38.87 -27.19 18.18
C PRO C 56 38.98 -27.30 16.66
N ARG C 57 38.84 -28.50 16.10
CA ARG C 57 39.05 -28.69 14.67
C ARG C 57 37.78 -28.52 13.83
N ARG C 58 36.60 -28.64 14.42
CA ARG C 58 35.36 -28.53 13.65
C ARG C 58 34.23 -28.14 14.59
N CYS C 59 33.26 -27.39 14.07
CA CYS C 59 32.06 -26.99 14.82
C CYS C 59 30.85 -27.80 14.35
N LEU C 60 30.11 -28.37 15.31
CA LEU C 60 28.97 -29.21 14.98
C LEU C 60 27.67 -28.68 15.57
N GLY C 61 27.60 -27.37 15.83
CA GLY C 61 26.45 -26.78 16.51
C GLY C 61 25.15 -26.84 15.72
N SER C 62 25.21 -26.97 14.39
CA SER C 62 23.99 -26.98 13.59
C SER C 62 23.32 -28.35 13.55
N LEU C 63 23.92 -29.38 14.13
CA LEU C 63 23.33 -30.72 14.13
C LEU C 63 22.25 -30.83 15.20
N VAL C 64 21.18 -31.53 14.86
CA VAL C 64 19.97 -31.50 15.68
C VAL C 64 20.15 -32.37 16.91
N PHE C 65 20.65 -33.59 16.73
CA PHE C 65 20.84 -34.57 17.80
C PHE C 65 22.34 -34.81 18.03
N PRO C 66 22.98 -34.09 18.96
CA PRO C 66 24.44 -34.09 19.16
C PRO C 66 25.07 -35.48 19.37
N GLU C 81 27.40 -46.09 41.20
CA GLU C 81 27.98 -45.33 42.30
C GLU C 81 28.32 -43.90 41.89
N GLN C 82 28.42 -43.64 40.58
CA GLN C 82 28.56 -42.29 40.09
C GLN C 82 27.34 -41.43 40.41
N LEU C 83 26.24 -42.06 40.83
CA LEU C 83 25.02 -41.34 41.17
C LEU C 83 25.23 -40.36 42.33
N LEU C 84 26.20 -40.65 43.21
CA LEU C 84 26.45 -39.79 44.36
C LEU C 84 27.01 -38.43 43.95
N SER C 85 27.99 -38.41 43.03
CA SER C 85 28.56 -37.14 42.59
C SER C 85 27.47 -36.21 42.05
N GLN C 86 26.62 -36.72 41.16
CA GLN C 86 25.55 -35.89 40.62
C GLN C 86 24.55 -35.48 41.70
N ALA C 87 24.22 -36.39 42.62
CA ALA C 87 23.26 -36.07 43.66
C ALA C 87 23.79 -35.03 44.64
N ARG C 88 25.06 -35.16 45.03
CA ARG C 88 25.68 -34.17 45.91
C ARG C 88 25.59 -32.76 45.31
N ASP C 89 26.07 -32.60 44.07
CA ASP C 89 26.09 -31.28 43.44
C ASP C 89 24.68 -30.70 43.32
N PHE C 90 23.70 -31.52 42.95
CA PHE C 90 22.35 -30.98 42.83
C PHE C 90 21.84 -30.47 44.16
N ILE C 91 22.17 -31.17 45.26
CA ILE C 91 21.73 -30.76 46.60
C ILE C 91 22.38 -29.45 47.00
N ASN C 92 23.66 -29.29 46.70
CA ASN C 92 24.32 -28.01 46.97
C ASN C 92 23.71 -26.90 46.13
N GLN C 93 23.37 -27.18 44.88
CA GLN C 93 22.61 -26.22 44.07
C GLN C 93 21.32 -25.82 44.78
N TYR C 94 20.53 -26.82 45.18
CA TYR C 94 19.26 -26.54 45.85
C TYR C 94 19.43 -25.65 47.08
N TYR C 95 20.36 -26.00 47.98
CA TYR C 95 20.48 -25.21 49.19
C TYR C 95 21.06 -23.83 48.93
N SER C 96 21.90 -23.69 47.90
CA SER C 96 22.41 -22.37 47.53
C SER C 96 21.28 -21.45 47.11
N SER C 97 20.36 -21.94 46.28
CA SER C 97 19.25 -21.13 45.77
C SER C 97 18.29 -20.67 46.87
N ILE C 98 18.32 -21.29 48.05
CA ILE C 98 17.48 -20.85 49.16
C ILE C 98 18.33 -20.21 50.25
N LYS C 99 19.53 -19.73 49.90
CA LYS C 99 20.44 -19.08 50.83
C LYS C 99 20.70 -19.95 52.05
N ARG C 100 20.96 -21.23 51.81
CA ARG C 100 21.13 -22.21 52.88
C ARG C 100 22.31 -23.12 52.60
N SER C 101 23.41 -22.56 52.12
CA SER C 101 24.63 -23.34 52.01
C SER C 101 25.22 -23.55 53.40
N GLY C 102 25.72 -24.76 53.64
CA GLY C 102 26.39 -25.04 54.91
C GLY C 102 25.48 -24.97 56.11
N SER C 103 24.18 -25.15 55.92
CA SER C 103 23.26 -25.04 57.02
C SER C 103 23.07 -26.41 57.66
N GLN C 104 22.28 -26.43 58.74
CA GLN C 104 21.91 -27.69 59.39
C GLN C 104 21.23 -28.64 58.40
N ALA C 105 20.08 -28.22 57.86
CA ALA C 105 19.27 -29.07 57.00
C ALA C 105 20.04 -29.50 55.75
N HIS C 106 20.95 -28.64 55.26
CA HIS C 106 21.77 -29.00 54.11
C HIS C 106 22.66 -30.20 54.44
N GLU C 107 23.57 -30.03 55.40
CA GLU C 107 24.43 -31.14 55.79
C GLU C 107 23.62 -32.34 56.27
N GLN C 108 22.51 -32.07 56.97
CA GLN C 108 21.53 -33.11 57.27
C GLN C 108 21.11 -33.85 56.00
N ARG C 109 20.58 -33.10 55.01
CA ARG C 109 20.14 -33.71 53.75
C ARG C 109 21.30 -34.40 53.02
N LEU C 110 22.52 -33.91 53.18
CA LEU C 110 23.65 -34.56 52.51
C LEU C 110 23.83 -35.99 53.00
N GLN C 111 23.69 -36.22 54.32
CA GLN C 111 23.92 -37.56 54.85
C GLN C 111 22.77 -38.51 54.56
N GLU C 112 21.53 -38.01 54.56
CA GLU C 112 20.38 -38.85 54.23
C GLU C 112 20.53 -39.52 52.87
N VAL C 113 20.81 -38.72 51.82
CA VAL C 113 20.95 -39.32 50.49
C VAL C 113 22.12 -40.30 50.48
N GLU C 114 23.22 -39.96 51.14
CA GLU C 114 24.32 -40.91 51.32
C GLU C 114 23.78 -42.26 51.81
N ALA C 115 22.95 -42.23 52.86
CA ALA C 115 22.41 -43.48 53.41
C ALA C 115 21.38 -44.11 52.48
N GLU C 116 20.55 -43.30 51.82
CA GLU C 116 19.58 -43.83 50.87
C GLU C 116 20.25 -44.64 49.76
N VAL C 117 21.34 -44.11 49.19
CA VAL C 117 22.03 -44.83 48.13
C VAL C 117 22.76 -46.05 48.71
N ALA C 118 23.49 -45.87 49.81
CA ALA C 118 24.12 -46.99 50.48
C ALA C 118 23.14 -48.12 50.74
N ALA C 119 21.92 -47.78 51.19
CA ALA C 119 20.92 -48.81 51.43
C ALA C 119 20.40 -49.42 50.14
N THR C 120 19.87 -48.59 49.23
CA THR C 120 19.09 -49.08 48.10
C THR C 120 19.74 -48.87 46.73
N GLY C 121 20.83 -48.10 46.64
CA GLY C 121 21.45 -47.87 45.35
C GLY C 121 20.79 -46.83 44.50
N THR C 122 19.95 -45.98 45.10
CA THR C 122 19.25 -44.89 44.45
C THR C 122 18.67 -44.05 45.57
N TYR C 123 18.00 -42.96 45.22
CA TYR C 123 17.40 -42.14 46.25
C TYR C 123 16.16 -41.44 45.72
N GLN C 124 15.35 -40.96 46.65
CA GLN C 124 14.12 -40.25 46.34
C GLN C 124 14.33 -38.76 46.54
N LEU C 125 13.68 -37.96 45.69
CA LEU C 125 13.75 -36.51 45.80
C LEU C 125 12.64 -36.02 46.72
N ARG C 126 12.97 -35.04 47.56
CA ARG C 126 11.95 -34.25 48.22
C ARG C 126 11.09 -33.56 47.17
N GLU C 127 9.81 -33.37 47.50
CA GLU C 127 8.88 -32.68 46.60
C GLU C 127 9.42 -31.32 46.19
N SER C 128 10.08 -30.62 47.11
CA SER C 128 10.59 -29.28 46.81
C SER C 128 11.82 -29.34 45.89
N GLU C 129 12.74 -30.27 46.14
CA GLU C 129 13.86 -30.45 45.22
C GLU C 129 13.38 -30.84 43.84
N LEU C 130 12.32 -31.65 43.77
CA LEU C 130 11.73 -31.98 42.48
C LEU C 130 11.26 -30.71 41.78
N VAL C 131 10.51 -29.87 42.48
CA VAL C 131 10.03 -28.62 41.89
C VAL C 131 11.21 -27.76 41.46
N PHE C 132 12.25 -27.69 42.28
CA PHE C 132 13.45 -26.95 41.93
C PHE C 132 14.12 -27.53 40.70
N GLY C 133 14.11 -28.86 40.58
CA GLY C 133 14.82 -29.51 39.48
C GLY C 133 14.14 -29.36 38.13
N ALA C 134 12.81 -29.48 38.11
CA ALA C 134 12.09 -29.21 36.87
C ALA C 134 12.28 -27.76 36.45
N LYS C 135 12.07 -26.82 37.38
CA LYS C 135 12.30 -25.41 37.04
C LYS C 135 13.71 -25.18 36.50
N GLN C 136 14.72 -25.84 37.09
CA GLN C 136 16.09 -25.62 36.64
C GLN C 136 16.34 -26.20 35.25
N ALA C 137 15.71 -27.33 34.94
CA ALA C 137 15.93 -27.97 33.64
C ALA C 137 15.36 -27.11 32.52
N TRP C 138 14.19 -26.53 32.74
CA TRP C 138 13.69 -25.54 31.80
C TRP C 138 14.64 -24.36 31.72
N ARG C 139 15.14 -23.90 32.87
CA ARG C 139 16.04 -22.76 32.92
C ARG C 139 17.33 -23.01 32.13
N ASN C 140 17.74 -24.28 32.03
CA ASN C 140 19.01 -24.63 31.42
C ASN C 140 18.88 -25.09 29.97
N ALA C 141 17.65 -25.20 29.43
CA ALA C 141 17.40 -25.71 28.09
C ALA C 141 17.88 -24.75 27.00
N PRO C 142 19.06 -24.98 26.41
CA PRO C 142 19.69 -23.94 25.59
C PRO C 142 18.84 -23.53 24.39
N ARG C 143 17.98 -24.42 23.88
CA ARG C 143 17.23 -24.18 22.67
C ARG C 143 15.91 -23.49 22.92
N CYS C 144 15.51 -23.32 24.18
CA CYS C 144 14.21 -22.75 24.47
C CYS C 144 14.30 -21.23 24.51
N VAL C 145 13.45 -20.57 23.71
CA VAL C 145 13.45 -19.11 23.69
C VAL C 145 12.46 -18.52 24.67
N GLY C 146 11.63 -19.35 25.30
CA GLY C 146 10.63 -18.86 26.25
C GLY C 146 11.04 -18.94 27.71
N ARG C 147 12.35 -19.06 27.96
CA ARG C 147 12.81 -19.32 29.30
C ARG C 147 12.60 -18.18 30.28
N ILE C 148 12.23 -16.98 29.85
CA ILE C 148 12.00 -15.95 30.87
C ILE C 148 10.81 -16.32 31.78
N GLN C 149 10.08 -17.38 31.45
CA GLN C 149 8.95 -17.87 32.24
C GLN C 149 9.36 -18.97 33.19
N TRP C 150 10.67 -19.24 33.31
CA TRP C 150 11.10 -20.47 33.99
C TRP C 150 10.71 -20.48 35.46
N GLY C 151 10.53 -19.32 36.08
CA GLY C 151 10.16 -19.32 37.49
C GLY C 151 8.72 -19.72 37.78
N LYS C 152 7.85 -19.64 36.78
CA LYS C 152 6.42 -19.88 36.90
C LYS C 152 6.13 -21.21 36.20
N LEU C 153 6.19 -22.29 36.96
CA LEU C 153 6.01 -23.64 36.45
C LEU C 153 5.29 -24.48 37.51
N GLN C 154 4.22 -25.13 37.09
CA GLN C 154 3.41 -25.96 37.98
C GLN C 154 3.86 -27.41 37.85
N VAL C 155 4.32 -28.00 38.96
CA VAL C 155 4.91 -29.34 38.95
C VAL C 155 3.92 -30.31 39.56
N PHE C 156 3.33 -31.16 38.73
CA PHE C 156 2.48 -32.25 39.18
C PHE C 156 3.32 -33.48 39.46
N ASP C 157 3.21 -34.00 40.67
CA ASP C 157 4.04 -35.10 41.14
C ASP C 157 3.27 -36.42 40.94
N ALA C 158 3.60 -37.12 39.85
CA ALA C 158 3.03 -38.43 39.57
C ALA C 158 4.01 -39.56 39.88
N ARG C 159 4.87 -39.36 40.87
CA ARG C 159 5.91 -40.35 41.14
C ARG C 159 5.36 -41.67 41.63
N ASP C 160 4.14 -41.69 42.17
CA ASP C 160 3.50 -42.90 42.64
C ASP C 160 2.56 -43.49 41.59
N CYS C 161 2.87 -43.31 40.32
CA CYS C 161 2.03 -43.85 39.25
C CYS C 161 2.34 -45.32 39.00
N ARG C 162 1.32 -46.03 38.52
CA ARG C 162 1.46 -47.43 38.10
C ARG C 162 0.29 -47.76 37.19
N SER C 163 0.57 -48.52 36.14
CA SER C 163 -0.36 -48.86 35.05
C SER C 163 -0.69 -47.66 34.17
N ALA C 164 -0.75 -47.90 32.85
CA ALA C 164 -1.04 -46.84 31.89
C ALA C 164 -2.39 -46.19 32.17
N GLN C 165 -3.32 -46.93 32.79
CA GLN C 165 -4.61 -46.35 33.14
C GLN C 165 -4.45 -45.15 34.06
N GLU C 166 -3.52 -45.25 35.02
CA GLU C 166 -3.22 -44.11 35.87
C GLU C 166 -2.54 -42.99 35.08
N MET C 167 -1.53 -43.36 34.28
CA MET C 167 -0.88 -42.40 33.40
C MET C 167 -1.90 -41.53 32.70
N PHE C 168 -2.83 -42.18 31.99
CA PHE C 168 -3.82 -41.45 31.22
C PHE C 168 -4.53 -40.39 32.05
N THR C 169 -4.87 -40.72 33.31
CA THR C 169 -5.59 -39.76 34.13
C THR C 169 -4.68 -38.62 34.59
N TYR C 170 -3.41 -38.92 34.87
CA TYR C 170 -2.46 -37.85 35.15
C TYR C 170 -2.29 -36.94 33.94
N ILE C 171 -2.28 -37.53 32.75
CA ILE C 171 -2.08 -36.74 31.54
C ILE C 171 -3.28 -35.87 31.28
N CYS C 172 -4.48 -36.39 31.54
CA CYS C 172 -5.69 -35.61 31.30
C CYS C 172 -5.85 -34.47 32.30
N ASN C 173 -5.45 -34.70 33.57
CA ASN C 173 -5.44 -33.61 34.54
C ASN C 173 -4.49 -32.51 34.09
N HIS C 174 -3.29 -32.90 33.67
CA HIS C 174 -2.33 -31.96 33.13
C HIS C 174 -2.91 -31.17 31.97
N ILE C 175 -3.36 -31.88 30.93
CA ILE C 175 -3.92 -31.23 29.74
C ILE C 175 -5.04 -30.29 30.13
N LYS C 176 -5.92 -30.73 31.03
CA LYS C 176 -7.01 -29.90 31.50
C LYS C 176 -6.49 -28.64 32.19
N TYR C 177 -5.57 -28.81 33.13
CA TYR C 177 -5.01 -27.66 33.87
C TYR C 177 -4.16 -26.78 32.95
N ALA C 178 -3.26 -27.39 32.17
CA ALA C 178 -2.45 -26.61 31.24
C ALA C 178 -3.35 -25.76 30.34
N THR C 179 -4.30 -26.40 29.65
CA THR C 179 -5.11 -25.68 28.66
C THR C 179 -5.95 -24.58 29.31
N ASN C 180 -6.75 -24.93 30.32
CA ASN C 180 -7.43 -23.92 31.15
C ASN C 180 -8.26 -22.95 30.31
N ARG C 181 -9.10 -23.51 29.43
CA ARG C 181 -10.05 -22.73 28.63
C ARG C 181 -9.36 -21.73 27.70
N GLY C 182 -8.12 -21.98 27.31
CA GLY C 182 -7.40 -21.10 26.42
C GLY C 182 -6.46 -20.12 27.08
N ASN C 183 -6.48 -20.02 28.41
CA ASN C 183 -5.53 -19.17 29.15
C ASN C 183 -4.43 -20.09 29.66
N LEU C 184 -3.41 -20.29 28.84
CA LEU C 184 -2.49 -21.41 29.03
C LEU C 184 -1.55 -21.20 30.22
N ARG C 185 -1.27 -22.30 30.93
CA ARG C 185 -0.40 -22.31 32.10
C ARG C 185 0.68 -23.38 31.93
N SER C 186 1.94 -23.00 32.12
CA SER C 186 3.04 -23.95 32.00
C SER C 186 2.95 -25.00 33.08
N ALA C 187 3.07 -26.27 32.68
CA ALA C 187 3.02 -27.37 33.64
C ALA C 187 3.89 -28.51 33.16
N ILE C 188 4.25 -29.37 34.11
CA ILE C 188 4.95 -30.61 33.82
C ILE C 188 4.49 -31.65 34.83
N THR C 189 4.43 -32.90 34.38
CA THR C 189 4.01 -34.03 35.22
C THR C 189 5.13 -35.07 35.21
N VAL C 190 5.67 -35.36 36.39
CA VAL C 190 6.86 -36.20 36.55
C VAL C 190 6.41 -37.60 36.98
N PHE C 191 6.49 -38.54 36.05
CA PHE C 191 6.11 -39.92 36.32
C PHE C 191 7.26 -40.63 37.01
N PRO C 192 7.06 -41.88 37.46
CA PRO C 192 8.07 -42.52 38.31
C PRO C 192 9.45 -42.57 37.67
N GLN C 193 10.47 -42.39 38.50
CA GLN C 193 11.85 -42.43 38.02
C GLN C 193 12.25 -43.83 37.60
N ARG C 194 13.34 -43.90 36.86
CA ARG C 194 13.88 -45.18 36.44
C ARG C 194 14.71 -45.79 37.56
N CYS C 195 14.69 -47.12 37.63
CA CYS C 195 15.46 -47.89 38.60
C CYS C 195 15.78 -49.24 37.97
N PRO C 196 16.97 -49.78 38.21
CA PRO C 196 17.45 -50.94 37.44
C PRO C 196 16.56 -52.17 37.58
N GLY C 197 16.82 -53.13 36.68
CA GLY C 197 16.13 -54.41 36.69
C GLY C 197 14.64 -54.30 36.55
N ARG C 198 14.15 -53.24 35.91
CA ARG C 198 12.75 -52.87 36.01
C ARG C 198 12.40 -51.94 34.86
N GLY C 199 11.15 -51.99 34.43
CA GLY C 199 10.73 -51.28 33.24
C GLY C 199 10.78 -49.78 33.38
N ASP C 200 10.62 -49.13 32.23
CA ASP C 200 10.54 -47.69 32.10
C ASP C 200 9.10 -47.28 31.79
N PHE C 201 8.60 -46.28 32.50
CA PHE C 201 7.45 -45.56 31.97
C PHE C 201 7.87 -44.80 30.73
N ARG C 202 7.09 -44.92 29.65
CA ARG C 202 7.33 -44.19 28.42
C ARG C 202 6.01 -43.75 27.80
N ILE C 203 6.03 -42.57 27.18
CA ILE C 203 4.95 -42.09 26.33
C ILE C 203 5.44 -42.17 24.89
N TRP C 204 4.72 -42.91 24.07
CA TRP C 204 5.24 -43.24 22.74
C TRP C 204 5.05 -42.12 21.72
N ASN C 205 4.04 -41.28 21.89
CA ASN C 205 3.88 -40.12 21.02
C ASN C 205 4.95 -39.09 21.32
N SER C 206 5.33 -38.33 20.28
CA SER C 206 6.33 -37.27 20.45
C SER C 206 5.75 -36.09 21.22
N GLN C 207 4.46 -35.81 21.05
CA GLN C 207 3.73 -34.82 21.83
C GLN C 207 2.43 -35.43 22.30
N LEU C 208 1.68 -34.67 23.08
CA LEU C 208 0.38 -35.18 23.51
C LEU C 208 -0.71 -34.90 22.49
N VAL C 209 -0.50 -33.95 21.60
CA VAL C 209 -1.41 -33.71 20.48
C VAL C 209 -0.60 -33.86 19.20
N ARG C 210 -1.00 -34.82 18.37
CA ARG C 210 -0.34 -35.10 17.10
C ARG C 210 -1.38 -35.42 16.05
N TYR C 211 -1.27 -34.79 14.88
CA TYR C 211 -2.19 -35.03 13.78
C TYR C 211 -1.72 -36.21 12.94
N ALA C 212 -2.67 -37.02 12.49
CA ALA C 212 -2.35 -38.25 11.80
C ALA C 212 -1.72 -37.95 10.44
N GLY C 213 -0.96 -38.93 9.95
CA GLY C 213 -0.33 -38.85 8.64
C GLY C 213 -0.48 -40.16 7.89
N TYR C 214 -1.34 -40.18 6.88
CA TYR C 214 -1.70 -41.41 6.18
C TYR C 214 -0.95 -41.49 4.86
N ARG C 215 -0.15 -42.55 4.70
CA ARG C 215 0.58 -42.75 3.45
C ARG C 215 -0.40 -43.17 2.36
N GLN C 216 -0.46 -42.38 1.29
CA GLN C 216 -1.45 -42.61 0.24
C GLN C 216 -0.90 -43.57 -0.81
N GLN C 217 -1.83 -44.13 -1.60
CA GLN C 217 -1.49 -45.20 -2.55
C GLN C 217 -0.78 -44.66 -3.78
N ASP C 218 -0.29 -43.43 -3.68
CA ASP C 218 0.70 -42.91 -4.62
C ASP C 218 1.93 -42.40 -3.87
N GLY C 219 2.18 -42.89 -2.66
CA GLY C 219 3.34 -42.52 -1.89
C GLY C 219 3.19 -41.31 -0.99
N SER C 220 2.53 -40.25 -1.48
CA SER C 220 2.39 -39.02 -0.73
C SER C 220 1.57 -39.24 0.54
N VAL C 221 1.43 -38.20 1.36
CA VAL C 221 0.80 -38.34 2.67
C VAL C 221 -0.37 -37.38 2.78
N ARG C 222 -1.47 -37.88 3.36
CA ARG C 222 -2.56 -37.04 3.86
C ARG C 222 -2.35 -36.83 5.35
N GLY C 223 -2.48 -35.58 5.81
CA GLY C 223 -2.20 -35.25 7.18
C GLY C 223 -0.76 -34.80 7.43
N ASP C 224 -0.24 -35.09 8.61
CA ASP C 224 1.08 -34.58 9.00
C ASP C 224 2.15 -35.63 8.70
N PRO C 225 3.04 -35.39 7.75
CA PRO C 225 4.10 -36.37 7.47
C PRO C 225 5.08 -36.55 8.61
N ALA C 226 5.14 -35.62 9.56
CA ALA C 226 5.97 -35.83 10.74
C ALA C 226 5.54 -37.08 11.51
N ASN C 227 4.23 -37.36 11.56
CA ASN C 227 3.68 -38.42 12.40
C ASN C 227 3.19 -39.62 11.58
N VAL C 228 3.86 -39.90 10.46
CA VAL C 228 3.51 -41.07 9.65
C VAL C 228 3.79 -42.36 10.41
N GLU C 229 4.90 -42.38 11.17
CA GLU C 229 5.38 -43.58 11.84
C GLU C 229 4.54 -43.92 13.07
N ILE C 230 4.32 -42.94 13.96
CA ILE C 230 3.47 -43.19 15.11
C ILE C 230 2.04 -43.53 14.67
N THR C 231 1.61 -42.99 13.51
CA THR C 231 0.25 -43.27 13.01
C THR C 231 0.09 -44.74 12.63
N GLU C 232 1.09 -45.33 11.99
CA GLU C 232 1.03 -46.75 11.71
C GLU C 232 1.02 -47.58 13.00
N LEU C 233 1.68 -47.09 14.05
CA LEU C 233 1.69 -47.83 15.31
C LEU C 233 0.31 -47.83 15.94
N CYS C 234 -0.32 -46.65 16.05
CA CYS C 234 -1.67 -46.58 16.56
C CYS C 234 -2.60 -47.54 15.83
N ILE C 235 -2.48 -47.60 14.50
CA ILE C 235 -3.29 -48.52 13.72
C ILE C 235 -2.89 -49.96 14.05
N GLN C 236 -1.58 -50.25 14.08
CA GLN C 236 -1.13 -51.59 14.45
C GLN C 236 -1.74 -52.03 15.77
N HIS C 237 -1.77 -51.14 16.76
CA HIS C 237 -2.33 -51.43 18.07
C HIS C 237 -3.82 -51.23 18.13
N GLY C 238 -4.50 -51.23 16.99
CA GLY C 238 -5.95 -51.33 16.97
C GLY C 238 -6.71 -50.03 16.86
N TRP C 239 -6.08 -48.95 16.40
CA TRP C 239 -6.79 -47.69 16.24
C TRP C 239 -7.50 -47.64 14.89
N THR C 240 -8.71 -47.14 14.90
CA THR C 240 -9.45 -46.93 13.67
C THR C 240 -8.96 -45.66 13.00
N PRO C 241 -8.39 -45.74 11.79
CA PRO C 241 -7.92 -44.53 11.12
C PRO C 241 -9.09 -43.69 10.60
N GLY C 242 -8.95 -42.37 10.73
CA GLY C 242 -9.82 -41.45 10.06
C GLY C 242 -9.38 -41.25 8.62
N ASN C 243 -9.93 -40.21 8.00
CA ASN C 243 -9.60 -39.89 6.63
C ASN C 243 -9.20 -38.44 6.40
N GLY C 244 -9.17 -37.61 7.46
CA GLY C 244 -8.88 -36.20 7.30
C GLY C 244 -7.41 -35.85 7.45
N ARG C 245 -7.12 -34.56 7.26
CA ARG C 245 -5.79 -34.01 7.41
C ARG C 245 -5.49 -33.55 8.84
N PHE C 246 -6.48 -33.57 9.73
CA PHE C 246 -6.31 -33.02 11.07
C PHE C 246 -6.98 -33.93 12.10
N ASP C 247 -6.92 -35.25 11.86
CA ASP C 247 -7.34 -36.22 12.86
C ASP C 247 -6.34 -36.25 14.01
N VAL C 248 -6.81 -36.00 15.22
CA VAL C 248 -5.96 -36.09 16.41
C VAL C 248 -5.69 -37.56 16.71
N LEU C 249 -4.41 -37.89 16.83
CA LEU C 249 -4.04 -39.26 17.13
C LEU C 249 -4.40 -39.62 18.57
N PRO C 250 -4.63 -40.89 18.85
CA PRO C 250 -4.71 -41.35 20.24
C PRO C 250 -3.33 -41.40 20.86
N LEU C 251 -3.31 -41.62 22.17
CA LEU C 251 -2.06 -41.74 22.92
C LEU C 251 -1.68 -43.21 23.03
N LEU C 252 -0.37 -43.48 23.06
CA LEU C 252 0.17 -44.80 23.35
C LEU C 252 0.97 -44.71 24.65
N LEU C 253 0.39 -45.25 25.72
CA LEU C 253 0.96 -45.15 27.06
C LEU C 253 1.51 -46.51 27.48
N GLN C 254 2.76 -46.52 27.95
CA GLN C 254 3.52 -47.74 28.20
C GLN C 254 3.88 -47.81 29.68
N ALA C 255 3.35 -48.80 30.36
CA ALA C 255 3.74 -49.06 31.73
C ALA C 255 4.95 -49.99 31.75
N PRO C 256 5.71 -50.00 32.84
CA PRO C 256 6.88 -50.88 32.92
C PRO C 256 6.57 -52.33 32.56
N ASP C 257 7.38 -52.89 31.66
CA ASP C 257 7.35 -54.31 31.30
C ASP C 257 5.95 -54.75 30.87
N GLU C 258 5.27 -53.87 30.14
CA GLU C 258 3.98 -54.18 29.52
C GLU C 258 3.93 -53.51 28.16
N PRO C 259 3.25 -54.12 27.19
CA PRO C 259 3.10 -53.48 25.89
C PRO C 259 2.23 -52.23 26.01
N PRO C 260 2.27 -51.36 25.02
CA PRO C 260 1.51 -50.11 25.13
C PRO C 260 0.01 -50.33 25.05
N GLU C 261 -0.73 -49.41 25.65
CA GLU C 261 -2.19 -49.39 25.63
C GLU C 261 -2.66 -48.13 24.92
N LEU C 262 -3.60 -48.29 23.99
CA LEU C 262 -4.18 -47.14 23.31
C LEU C 262 -5.15 -46.39 24.20
N PHE C 263 -5.20 -45.07 24.01
CA PHE C 263 -6.13 -44.21 24.74
C PHE C 263 -6.62 -43.11 23.81
N LEU C 264 -7.94 -42.98 23.68
CA LEU C 264 -8.55 -41.89 22.92
C LEU C 264 -8.70 -40.68 23.83
N LEU C 265 -8.07 -39.58 23.45
CA LEU C 265 -8.28 -38.34 24.18
C LEU C 265 -9.73 -37.90 24.04
N PRO C 266 -10.36 -37.45 25.12
CA PRO C 266 -11.72 -36.91 25.01
C PRO C 266 -11.76 -35.74 24.04
N PRO C 267 -12.74 -35.72 23.13
CA PRO C 267 -12.76 -34.66 22.11
C PRO C 267 -12.86 -33.25 22.68
N GLU C 268 -13.53 -33.09 23.82
CA GLU C 268 -13.62 -31.77 24.43
C GLU C 268 -12.36 -31.39 25.21
N LEU C 269 -11.40 -32.31 25.30
CA LEU C 269 -10.17 -32.03 26.03
C LEU C 269 -9.08 -31.46 25.14
N VAL C 270 -9.20 -31.62 23.83
CA VAL C 270 -8.21 -31.13 22.87
C VAL C 270 -8.76 -29.81 22.31
N LEU C 271 -8.24 -28.70 22.81
CA LEU C 271 -8.61 -27.41 22.29
C LEU C 271 -7.87 -27.16 20.96
N GLU C 272 -8.63 -26.76 19.93
CA GLU C 272 -8.13 -26.54 18.59
C GLU C 272 -8.60 -25.18 18.09
N VAL C 273 -7.88 -24.65 17.12
CA VAL C 273 -8.13 -23.29 16.63
C VAL C 273 -8.24 -23.30 15.11
N PRO C 274 -9.42 -23.07 14.56
CA PRO C 274 -9.55 -22.96 13.10
C PRO C 274 -8.91 -21.66 12.61
N LEU C 275 -8.23 -21.75 11.46
CA LEU C 275 -7.38 -20.68 10.99
C LEU C 275 -8.13 -19.82 9.98
N GLU C 276 -8.18 -18.52 10.24
CA GLU C 276 -8.73 -17.56 9.31
C GLU C 276 -7.83 -16.35 9.23
N HIS C 277 -7.98 -15.63 8.20
CA HIS C 277 -7.18 -14.44 8.05
C HIS C 277 -8.09 -13.24 8.24
N PRO C 278 -7.63 -12.21 8.95
CA PRO C 278 -8.49 -11.01 9.14
C PRO C 278 -9.04 -10.43 7.85
N THR C 279 -8.21 -10.23 6.83
CA THR C 279 -8.67 -9.55 5.61
C THR C 279 -8.87 -10.48 4.42
N LEU C 280 -8.25 -11.66 4.41
CA LEU C 280 -8.27 -12.57 3.26
C LEU C 280 -9.33 -13.64 3.53
N GLU C 281 -10.56 -13.34 3.11
CA GLU C 281 -11.74 -14.11 3.51
C GLU C 281 -11.73 -15.54 3.01
N TRP C 282 -10.93 -15.87 1.99
CA TRP C 282 -10.86 -17.25 1.52
C TRP C 282 -9.94 -18.12 2.38
N PHE C 283 -9.04 -17.52 3.16
CA PHE C 283 -8.14 -18.33 3.97
C PHE C 283 -8.91 -19.36 4.80
N ALA C 284 -10.02 -18.94 5.43
CA ALA C 284 -10.84 -19.87 6.21
C ALA C 284 -11.24 -21.10 5.41
N ALA C 285 -11.50 -20.93 4.12
CA ALA C 285 -11.99 -22.03 3.30
C ALA C 285 -10.95 -23.13 3.09
N LEU C 286 -9.66 -22.81 3.24
CA LEU C 286 -8.63 -23.82 3.09
C LEU C 286 -8.77 -24.92 4.13
N GLY C 287 -9.52 -24.67 5.21
CA GLY C 287 -9.77 -25.67 6.23
C GLY C 287 -8.61 -26.00 7.14
N LEU C 288 -7.71 -25.04 7.37
CA LEU C 288 -6.56 -25.30 8.20
C LEU C 288 -6.91 -25.10 9.68
N ARG C 289 -6.30 -25.90 10.54
CA ARG C 289 -6.41 -25.78 12.00
C ARG C 289 -5.08 -26.14 12.64
N TRP C 290 -4.88 -25.72 13.89
CA TRP C 290 -3.83 -26.25 14.74
C TRP C 290 -4.36 -26.37 16.18
N TYR C 291 -3.60 -27.02 17.04
CA TYR C 291 -4.05 -27.22 18.43
C TYR C 291 -3.46 -26.16 19.35
N ALA C 292 -4.10 -26.01 20.52
CA ALA C 292 -3.73 -24.95 21.45
C ALA C 292 -2.48 -25.27 22.25
N LEU C 293 -2.30 -26.54 22.59
CA LEU C 293 -1.36 -26.92 23.67
C LEU C 293 -0.10 -27.56 23.13
N PRO C 294 1.03 -26.89 23.22
CA PRO C 294 2.29 -27.53 22.82
C PRO C 294 2.82 -28.35 23.98
N ALA C 295 2.78 -29.67 23.85
CA ALA C 295 2.97 -30.59 24.97
C ALA C 295 3.95 -31.68 24.56
N VAL C 296 5.22 -31.53 24.96
CA VAL C 296 6.30 -32.41 24.54
C VAL C 296 6.36 -33.58 25.50
N SER C 297 6.27 -34.81 24.97
CA SER C 297 6.09 -35.99 25.80
C SER C 297 7.11 -37.11 25.54
N ASN C 298 8.27 -36.79 24.99
CA ASN C 298 9.26 -37.84 24.73
C ASN C 298 10.66 -37.48 25.19
N MET C 299 10.82 -36.44 26.00
CA MET C 299 12.14 -36.05 26.48
C MET C 299 12.37 -36.57 27.89
N LEU C 300 13.64 -36.68 28.26
CA LEU C 300 14.04 -37.37 29.48
C LEU C 300 14.51 -36.35 30.51
N LEU C 301 13.79 -36.28 31.62
CA LEU C 301 14.14 -35.40 32.73
C LEU C 301 15.23 -36.05 33.58
N GLU C 302 16.32 -35.33 33.79
CA GLU C 302 17.47 -35.80 34.55
C GLU C 302 17.72 -34.78 35.65
N ILE C 303 17.57 -35.24 36.91
CA ILE C 303 17.79 -34.39 38.07
C ILE C 303 18.65 -35.16 39.05
N GLY C 304 19.73 -34.54 39.53
CA GLY C 304 20.64 -35.13 40.49
C GLY C 304 21.04 -36.56 40.21
N GLY C 305 21.33 -36.88 38.95
CA GLY C 305 21.63 -38.25 38.59
C GLY C 305 20.43 -39.16 38.51
N LEU C 306 19.21 -38.65 38.66
CA LEU C 306 18.02 -39.47 38.53
C LEU C 306 17.37 -39.18 37.19
N GLU C 307 16.82 -40.21 36.57
CA GLU C 307 16.34 -40.13 35.20
C GLU C 307 14.84 -40.41 35.15
N PHE C 308 14.09 -39.48 34.57
CA PHE C 308 12.64 -39.60 34.47
C PHE C 308 12.30 -39.74 33.00
N PRO C 309 12.23 -40.97 32.47
CA PRO C 309 11.98 -41.16 31.03
C PRO C 309 10.62 -40.64 30.54
N ALA C 310 9.70 -40.32 31.45
CA ALA C 310 8.39 -39.77 31.11
C ALA C 310 8.11 -38.60 32.05
N ALA C 311 8.12 -37.40 31.52
CA ALA C 311 7.91 -36.15 32.28
C ALA C 311 7.40 -35.11 31.30
N PRO C 312 6.14 -35.19 30.88
CA PRO C 312 5.67 -34.31 29.82
C PRO C 312 5.49 -32.88 30.32
N PHE C 313 6.04 -31.93 29.57
CA PHE C 313 5.96 -30.50 29.87
C PHE C 313 5.20 -29.75 28.77
N SER C 314 4.67 -28.59 29.13
CA SER C 314 3.85 -27.87 28.19
C SER C 314 3.93 -26.38 28.51
N GLY C 315 3.72 -25.56 27.48
CA GLY C 315 3.69 -24.13 27.66
C GLY C 315 2.61 -23.53 26.82
N TRP C 316 2.98 -22.56 25.99
CA TRP C 316 2.10 -22.05 24.95
C TRP C 316 2.96 -21.75 23.73
N TYR C 317 2.31 -21.68 22.56
CA TYR C 317 3.05 -21.66 21.32
C TYR C 317 3.66 -20.30 21.06
N MET C 318 4.75 -20.30 20.29
CA MET C 318 5.22 -19.12 19.58
C MET C 318 4.66 -19.21 18.15
N SER C 319 4.22 -18.07 17.61
CA SER C 319 3.46 -18.15 16.36
C SER C 319 4.27 -18.71 15.20
N THR C 320 5.59 -18.48 15.15
CA THR C 320 6.34 -19.02 14.02
C THR C 320 6.44 -20.54 14.05
N GLU C 321 6.37 -21.16 15.25
CA GLU C 321 6.37 -22.62 15.32
C GLU C 321 5.24 -23.21 14.51
N ILE C 322 4.06 -22.60 14.61
CA ILE C 322 2.89 -23.08 13.88
C ILE C 322 2.93 -22.57 12.45
N GLY C 323 2.95 -21.25 12.30
CA GLY C 323 2.83 -20.66 10.98
C GLY C 323 3.98 -21.02 10.05
N THR C 324 5.21 -20.97 10.55
CA THR C 324 6.34 -21.14 9.64
C THR C 324 6.80 -22.58 9.52
N ARG C 325 7.07 -23.27 10.65
CA ARG C 325 7.65 -24.61 10.58
C ARG C 325 6.60 -25.67 10.24
N ASN C 326 5.47 -25.69 10.96
CA ASN C 326 4.53 -26.81 10.86
C ASN C 326 3.74 -26.78 9.56
N LEU C 327 3.28 -25.61 9.17
CA LEU C 327 2.47 -25.49 7.97
C LEU C 327 3.29 -25.28 6.71
N CYS C 328 4.54 -24.81 6.81
CA CYS C 328 5.29 -24.46 5.60
C CYS C 328 6.59 -25.23 5.37
N ASP C 329 7.10 -25.98 6.35
CA ASP C 329 8.27 -26.78 6.05
C ASP C 329 7.96 -27.74 4.89
N PRO C 330 8.88 -27.88 3.94
CA PRO C 330 8.57 -28.71 2.76
C PRO C 330 8.19 -30.13 3.11
N HIS C 331 8.67 -30.64 4.24
CA HIS C 331 8.39 -32.00 4.68
C HIS C 331 7.26 -32.04 5.71
N ARG C 332 6.55 -30.94 5.90
CA ARG C 332 5.44 -30.87 6.84
C ARG C 332 4.16 -30.65 6.02
N TYR C 333 3.28 -29.73 6.40
CA TYR C 333 2.05 -29.57 5.63
C TYR C 333 2.29 -28.89 4.30
N ASN C 334 3.36 -28.10 4.19
CA ASN C 334 3.87 -27.63 2.89
C ASN C 334 2.81 -26.88 2.08
N ILE C 335 2.15 -25.92 2.74
CA ILE C 335 1.02 -25.22 2.15
C ILE C 335 1.43 -23.94 1.42
N LEU C 336 2.72 -23.65 1.34
CA LEU C 336 3.13 -22.30 0.94
C LEU C 336 2.68 -21.97 -0.47
N GLU C 337 2.91 -22.91 -1.40
CA GLU C 337 2.51 -22.73 -2.80
C GLU C 337 0.99 -22.56 -2.92
N ASP C 338 0.22 -23.17 -2.02
CA ASP C 338 -1.24 -23.09 -2.09
C ASP C 338 -1.75 -21.72 -1.67
N VAL C 339 -1.20 -21.19 -0.57
CA VAL C 339 -1.60 -19.85 -0.13
C VAL C 339 -1.20 -18.82 -1.17
N ALA C 340 -0.09 -19.05 -1.87
CA ALA C 340 0.38 -18.09 -2.86
C ALA C 340 -0.48 -18.08 -4.11
N VAL C 341 -1.01 -19.24 -4.52
CA VAL C 341 -1.98 -19.30 -5.61
C VAL C 341 -3.22 -18.47 -5.27
N CYS C 342 -3.73 -18.63 -4.05
CA CYS C 342 -4.91 -17.89 -3.62
C CYS C 342 -4.65 -16.38 -3.54
N MET C 343 -3.43 -15.95 -3.27
CA MET C 343 -3.10 -14.53 -3.25
C MET C 343 -2.72 -14.00 -4.64
N ASP C 344 -2.85 -14.85 -5.66
CA ASP C 344 -2.59 -14.49 -7.05
C ASP C 344 -1.18 -13.95 -7.25
N LEU C 345 -0.23 -14.54 -6.52
CA LEU C 345 1.17 -14.12 -6.58
C LEU C 345 1.87 -14.77 -7.75
N ASP C 346 2.90 -14.11 -8.25
CA ASP C 346 3.69 -14.67 -9.34
C ASP C 346 4.57 -15.79 -8.79
N THR C 347 4.14 -17.02 -9.00
CA THR C 347 4.88 -18.18 -8.51
C THR C 347 5.93 -18.70 -9.47
N ARG C 348 6.09 -18.11 -10.65
CA ARG C 348 7.03 -18.66 -11.61
C ARG C 348 8.36 -17.91 -11.65
N THR C 349 8.57 -16.97 -10.72
CA THR C 349 9.87 -16.36 -10.52
C THR C 349 10.15 -16.21 -9.03
N THR C 350 11.33 -16.63 -8.58
CA THR C 350 11.64 -16.56 -7.14
C THR C 350 11.95 -15.15 -6.69
N SER C 351 12.24 -14.24 -7.63
CA SER C 351 12.59 -12.88 -7.28
C SER C 351 11.38 -12.02 -6.98
N SER C 352 10.17 -12.53 -7.18
CA SER C 352 8.96 -11.88 -6.70
C SER C 352 8.78 -12.03 -5.19
N LEU C 353 9.62 -12.86 -4.55
CA LEU C 353 9.53 -13.19 -3.12
C LEU C 353 8.12 -13.60 -2.72
N TRP C 354 7.45 -14.38 -3.57
CA TRP C 354 6.11 -14.88 -3.25
C TRP C 354 6.12 -15.77 -2.01
N LYS C 355 7.18 -16.56 -1.82
CA LYS C 355 7.29 -17.39 -0.62
C LYS C 355 7.29 -16.52 0.62
N ASP C 356 8.12 -15.47 0.61
CA ASP C 356 8.17 -14.57 1.74
C ASP C 356 6.82 -13.91 1.98
N LYS C 357 6.18 -13.43 0.92
CA LYS C 357 4.85 -12.80 1.07
C LYS C 357 3.82 -13.79 1.62
N ALA C 358 3.72 -14.98 1.02
CA ALA C 358 2.75 -15.96 1.49
C ALA C 358 2.99 -16.29 2.94
N ALA C 359 4.26 -16.47 3.32
CA ALA C 359 4.58 -16.90 4.67
C ALA C 359 4.18 -15.87 5.70
N VAL C 360 4.35 -14.58 5.40
CA VAL C 360 3.99 -13.58 6.41
C VAL C 360 2.50 -13.65 6.70
N GLU C 361 1.68 -13.80 5.66
CA GLU C 361 0.23 -13.82 5.87
C GLU C 361 -0.20 -15.07 6.63
N ILE C 362 0.45 -16.21 6.36
CA ILE C 362 0.15 -17.40 7.15
C ILE C 362 0.44 -17.14 8.62
N ASN C 363 1.53 -16.42 8.92
CA ASN C 363 1.80 -16.08 10.32
C ASN C 363 0.80 -15.06 10.85
N VAL C 364 0.41 -14.09 10.02
CA VAL C 364 -0.63 -13.15 10.44
C VAL C 364 -1.92 -13.89 10.77
N ALA C 365 -2.23 -14.94 10.01
CA ALA C 365 -3.48 -15.66 10.23
C ALA C 365 -3.41 -16.47 11.51
N VAL C 366 -2.24 -17.03 11.81
CA VAL C 366 -2.10 -17.81 13.05
C VAL C 366 -2.33 -16.93 14.26
N LEU C 367 -1.63 -15.80 14.32
CA LEU C 367 -1.78 -14.87 15.43
C LEU C 367 -3.23 -14.42 15.60
N HIS C 368 -3.86 -14.00 14.50
CA HIS C 368 -5.23 -13.52 14.55
C HIS C 368 -6.17 -14.60 15.07
N SER C 369 -6.07 -15.81 14.52
CA SER C 369 -6.98 -16.89 14.88
C SER C 369 -6.84 -17.28 16.34
N TYR C 370 -5.60 -17.41 16.83
CA TYR C 370 -5.43 -17.73 18.25
C TYR C 370 -5.97 -16.63 19.14
N GLN C 371 -5.76 -15.37 18.77
CA GLN C 371 -6.24 -14.27 19.59
C GLN C 371 -7.77 -14.21 19.61
N LEU C 372 -8.39 -14.39 18.44
CA LEU C 372 -9.84 -14.34 18.38
C LEU C 372 -10.48 -15.44 19.21
N ALA C 373 -9.82 -16.60 19.26
CA ALA C 373 -10.26 -17.70 20.10
C ALA C 373 -9.81 -17.56 21.54
N LYS C 374 -9.12 -16.47 21.88
CA LYS C 374 -8.60 -16.25 23.23
C LYS C 374 -7.79 -17.45 23.71
N VAL C 375 -6.79 -17.81 22.91
CA VAL C 375 -5.83 -18.85 23.29
C VAL C 375 -4.46 -18.18 23.36
N THR C 376 -3.76 -18.39 24.48
CA THR C 376 -2.44 -17.79 24.65
C THR C 376 -1.53 -18.15 23.47
N ILE C 377 -0.93 -17.12 22.87
CA ILE C 377 0.05 -17.27 21.81
C ILE C 377 0.95 -16.05 21.84
N VAL C 378 2.19 -16.21 21.41
CA VAL C 378 3.18 -15.13 21.45
C VAL C 378 3.94 -15.07 20.12
N ASP C 379 4.16 -13.85 19.63
CA ASP C 379 4.80 -13.67 18.34
C ASP C 379 6.31 -13.58 18.51
N HIS C 380 7.03 -13.75 17.39
CA HIS C 380 8.48 -13.89 17.51
C HIS C 380 9.15 -12.60 17.96
N HIS C 381 8.61 -11.44 17.59
CA HIS C 381 9.19 -10.19 18.10
C HIS C 381 9.04 -10.10 19.61
N ALA C 382 7.82 -10.33 20.12
CA ALA C 382 7.60 -10.29 21.57
C ALA C 382 8.45 -11.33 22.29
N ALA C 383 8.44 -12.58 21.82
CA ALA C 383 9.22 -13.64 22.44
C ALA C 383 10.72 -13.30 22.50
N THR C 384 11.29 -12.86 21.37
CA THR C 384 12.74 -12.63 21.33
C THR C 384 13.13 -11.49 22.25
N ALA C 385 12.36 -10.40 22.23
CA ALA C 385 12.67 -9.28 23.12
C ALA C 385 12.65 -9.74 24.57
N SER C 386 11.70 -10.62 24.91
CA SER C 386 11.66 -11.16 26.25
CA SER C 386 11.66 -11.16 26.25
C SER C 386 12.88 -12.01 26.54
N PHE C 387 13.41 -12.71 25.53
CA PHE C 387 14.57 -13.55 25.79
C PHE C 387 15.81 -12.70 26.04
N MET C 388 15.98 -11.61 25.30
CA MET C 388 17.02 -10.65 25.62
C MET C 388 16.92 -10.19 27.07
N LYS C 389 15.70 -9.94 27.52
CA LYS C 389 15.48 -9.59 28.92
C LYS C 389 15.93 -10.73 29.82
N HIS C 390 15.62 -11.98 29.43
CA HIS C 390 16.07 -13.13 30.19
C HIS C 390 17.59 -13.17 30.27
N LEU C 391 18.27 -12.94 29.13
CA LEU C 391 19.73 -12.97 29.12
C LEU C 391 20.32 -12.00 30.14
N GLU C 392 19.72 -10.81 30.25
CA GLU C 392 20.27 -9.81 31.16
C GLU C 392 19.98 -10.18 32.62
N ASN C 393 18.79 -10.70 32.90
CA ASN C 393 18.49 -11.30 34.21
C ASN C 393 19.54 -12.33 34.58
N GLU C 394 19.74 -13.31 33.69
CA GLU C 394 20.60 -14.44 34.02
C GLU C 394 22.05 -14.04 34.13
N GLN C 395 22.49 -13.05 33.35
CA GLN C 395 23.82 -12.47 33.52
C GLN C 395 24.06 -12.05 34.96
N LYS C 396 23.03 -11.46 35.58
CA LYS C 396 23.18 -10.99 36.95
C LYS C 396 23.03 -12.14 37.94
N ALA C 397 22.11 -13.06 37.69
CA ALA C 397 21.90 -14.16 38.64
C ALA C 397 23.06 -15.14 38.63
N ARG C 398 23.43 -15.65 37.45
CA ARG C 398 24.42 -16.72 37.37
C ARG C 398 25.62 -16.39 36.48
N GLY C 399 25.82 -15.13 36.11
CA GLY C 399 26.95 -14.80 35.26
C GLY C 399 26.92 -15.45 33.90
N GLY C 400 25.76 -15.63 33.29
CA GLY C 400 25.69 -16.18 31.95
C GLY C 400 24.42 -16.97 31.75
N CYS C 401 24.27 -17.45 30.52
CA CYS C 401 23.09 -18.23 30.16
C CYS C 401 23.45 -19.10 28.96
N PRO C 402 23.20 -20.41 29.01
CA PRO C 402 23.44 -21.26 27.82
C PRO C 402 22.34 -21.04 26.80
N ALA C 403 22.74 -20.67 25.60
CA ALA C 403 21.83 -20.30 24.53
C ALA C 403 22.35 -20.90 23.23
N ASP C 404 21.43 -21.46 22.46
CA ASP C 404 21.77 -22.15 21.21
C ASP C 404 21.31 -21.24 20.08
N TRP C 405 22.26 -20.50 19.52
CA TRP C 405 21.94 -19.40 18.60
C TRP C 405 20.98 -19.83 17.49
N ALA C 406 21.27 -20.96 16.83
CA ALA C 406 20.48 -21.38 15.68
C ALA C 406 19.02 -21.68 16.03
N TRP C 407 18.70 -21.92 17.31
CA TRP C 407 17.31 -22.17 17.67
C TRP C 407 16.67 -21.04 18.46
N ILE C 408 17.43 -20.10 18.99
CA ILE C 408 16.81 -18.91 19.59
C ILE C 408 16.32 -17.98 18.50
N VAL C 409 17.11 -17.78 17.45
CA VAL C 409 16.74 -16.94 16.33
C VAL C 409 15.54 -17.52 15.56
N PRO C 410 14.41 -16.82 15.48
CA PRO C 410 13.19 -17.38 14.81
C PRO C 410 13.43 -17.76 13.36
N PRO C 411 12.59 -18.62 12.78
CA PRO C 411 12.85 -19.14 11.43
C PRO C 411 12.39 -18.21 10.31
N ILE C 412 11.84 -17.06 10.63
CA ILE C 412 11.59 -15.99 9.67
C ILE C 412 12.03 -14.70 10.35
N SER C 413 12.39 -13.71 9.52
CA SER C 413 12.73 -12.37 10.00
C SER C 413 13.84 -12.38 11.04
N GLY C 414 14.72 -13.39 10.97
CA GLY C 414 15.92 -13.48 11.78
C GLY C 414 16.51 -12.16 12.21
N SER C 415 17.17 -11.45 11.30
CA SER C 415 17.92 -10.23 11.66
C SER C 415 17.03 -9.07 12.08
N LEU C 416 15.70 -9.20 11.97
CA LEU C 416 14.78 -8.18 12.48
C LEU C 416 14.52 -8.33 13.97
N THR C 417 14.89 -9.44 14.57
CA THR C 417 14.76 -9.59 16.01
C THR C 417 16.10 -9.36 16.66
N PRO C 418 16.13 -8.97 17.94
CA PRO C 418 17.41 -8.54 18.53
C PRO C 418 18.35 -9.70 18.86
N VAL C 419 17.82 -10.90 19.14
CA VAL C 419 18.69 -12.04 19.42
C VAL C 419 19.66 -12.30 18.27
N PHE C 420 19.28 -11.93 17.04
CA PHE C 420 20.14 -12.16 15.87
C PHE C 420 21.51 -11.53 16.04
N HIS C 421 21.58 -10.34 16.62
CA HIS C 421 22.78 -9.55 16.81
C HIS C 421 23.49 -9.84 18.13
N GLN C 422 22.95 -10.76 18.92
CA GLN C 422 23.51 -11.13 20.21
C GLN C 422 24.35 -12.39 20.03
N GLU C 423 25.65 -12.29 20.32
CA GLU C 423 26.47 -13.47 20.45
C GLU C 423 25.98 -14.34 21.61
N MET C 424 26.16 -15.65 21.47
CA MET C 424 25.66 -16.60 22.45
C MET C 424 26.66 -17.74 22.64
N VAL C 425 26.63 -18.33 23.83
CA VAL C 425 27.51 -19.43 24.21
C VAL C 425 26.65 -20.61 24.62
N ASN C 426 26.98 -21.78 24.08
CA ASN C 426 26.15 -22.97 24.19
C ASN C 426 26.92 -24.05 24.92
N TYR C 427 26.31 -24.59 25.99
CA TYR C 427 26.94 -25.57 26.86
C TYR C 427 25.87 -26.23 27.71
N PHE C 428 26.22 -27.38 28.30
CA PHE C 428 25.30 -28.27 28.97
C PHE C 428 25.42 -28.09 30.48
N LEU C 429 24.31 -27.70 31.11
CA LEU C 429 24.20 -27.65 32.56
C LEU C 429 23.18 -28.68 33.03
N SER C 430 23.27 -29.06 34.30
CA SER C 430 22.32 -29.98 34.88
C SER C 430 21.67 -29.38 36.13
N PRO C 431 20.36 -29.61 36.37
CA PRO C 431 19.35 -30.43 35.69
C PRO C 431 19.07 -30.05 34.23
N ALA C 432 18.61 -31.02 33.43
CA ALA C 432 18.41 -30.78 32.01
C ALA C 432 17.29 -31.66 31.47
N PHE C 433 16.78 -31.25 30.31
CA PHE C 433 16.01 -32.11 29.42
C PHE C 433 16.96 -32.63 28.34
N ARG C 434 16.94 -33.95 28.10
CA ARG C 434 17.75 -34.61 27.07
C ARG C 434 16.85 -35.38 26.10
N TYR C 435 17.33 -35.54 24.87
CA TYR C 435 16.69 -36.48 23.96
C TYR C 435 17.02 -37.90 24.39
N GLN C 436 16.23 -38.85 23.90
CA GLN C 436 16.34 -40.23 24.37
C GLN C 436 15.82 -41.16 23.29
N PRO C 437 16.28 -42.40 23.25
CA PRO C 437 15.90 -43.30 22.15
C PRO C 437 14.40 -43.54 22.14
N ASP C 438 13.89 -43.85 20.95
CA ASP C 438 12.49 -44.25 20.82
C ASP C 438 12.30 -45.63 21.45
N PRO C 439 11.26 -45.83 22.28
CA PRO C 439 11.13 -47.09 23.04
C PRO C 439 10.77 -48.29 22.19
N TRP C 440 11.47 -48.48 21.07
CA TRP C 440 11.31 -49.66 20.23
C TRP C 440 12.49 -49.73 19.27
N LYS D 27 35.30 -42.44 13.38
CA LYS D 27 34.55 -42.04 12.19
C LYS D 27 34.42 -40.51 12.10
N PHE D 28 33.87 -40.04 10.99
CA PHE D 28 33.76 -38.63 10.68
C PHE D 28 32.33 -38.15 10.91
N PRO D 29 32.14 -36.84 11.08
CA PRO D 29 30.80 -36.31 11.37
C PRO D 29 29.75 -36.69 10.33
N ARG D 30 28.62 -37.19 10.80
CA ARG D 30 27.49 -37.48 9.93
C ARG D 30 26.54 -36.28 9.90
N VAL D 31 26.08 -35.96 8.69
CA VAL D 31 25.38 -34.72 8.39
C VAL D 31 24.10 -35.03 7.65
N LYS D 32 22.96 -34.64 8.22
CA LYS D 32 21.66 -34.93 7.66
C LYS D 32 21.05 -33.69 7.01
N ASN D 33 20.27 -33.91 5.95
CA ASN D 33 19.39 -32.90 5.39
C ASN D 33 17.96 -33.27 5.75
N TRP D 34 17.28 -32.38 6.46
CA TRP D 34 15.99 -32.75 7.04
C TRP D 34 14.83 -32.54 6.08
N GLU D 35 15.02 -31.78 5.00
CA GLU D 35 13.98 -31.66 3.98
C GLU D 35 13.79 -32.98 3.24
N VAL D 36 14.89 -33.59 2.79
CA VAL D 36 14.85 -34.73 1.88
C VAL D 36 15.09 -36.05 2.62
N GLY D 37 15.84 -35.99 3.71
CA GLY D 37 16.22 -37.18 4.45
C GLY D 37 17.61 -37.70 4.17
N SER D 38 18.37 -37.06 3.29
CA SER D 38 19.68 -37.57 2.90
C SER D 38 20.71 -37.39 4.01
N ILE D 39 21.76 -38.21 3.96
CA ILE D 39 22.79 -38.25 5.00
C ILE D 39 24.17 -38.43 4.36
N THR D 40 25.07 -37.48 4.59
CA THR D 40 26.46 -37.56 4.16
C THR D 40 27.37 -37.67 5.38
N TYR D 41 28.65 -37.90 5.10
CA TYR D 41 29.69 -37.85 6.11
C TYR D 41 30.78 -36.91 5.61
N ASP D 42 31.23 -36.02 6.47
CA ASP D 42 32.21 -35.01 6.11
C ASP D 42 33.60 -35.53 6.51
N THR D 43 34.20 -36.31 5.61
CA THR D 43 35.58 -36.77 5.82
C THR D 43 36.59 -35.66 5.59
N LEU D 44 36.24 -34.64 4.81
CA LEU D 44 37.17 -33.53 4.57
C LEU D 44 37.52 -32.81 5.85
N SER D 45 36.61 -32.77 6.83
CA SER D 45 36.88 -31.99 8.02
C SER D 45 38.10 -32.51 8.78
N ALA D 46 38.43 -33.79 8.62
CA ALA D 46 39.59 -34.34 9.31
C ALA D 46 40.90 -33.69 8.86
N GLN D 47 40.93 -33.09 7.67
CA GLN D 47 42.10 -32.36 7.22
C GLN D 47 42.19 -30.97 7.81
N ALA D 48 41.21 -30.55 8.60
CA ALA D 48 41.16 -29.18 9.12
C ALA D 48 42.47 -28.85 9.82
N GLN D 49 43.27 -28.00 9.20
CA GLN D 49 44.62 -27.74 9.75
C GLN D 49 44.53 -26.85 10.98
N GLN D 50 44.09 -25.60 10.80
CA GLN D 50 44.06 -24.68 11.94
C GLN D 50 42.84 -24.98 12.82
N ASP D 51 42.88 -24.45 14.04
CA ASP D 51 41.89 -24.77 15.06
C ASP D 51 40.98 -23.57 15.31
N GLY D 52 39.68 -23.85 15.48
CA GLY D 52 38.68 -22.84 15.76
C GLY D 52 38.43 -22.65 17.24
N PRO D 53 37.33 -21.98 17.58
CA PRO D 53 37.14 -21.47 18.96
C PRO D 53 36.30 -22.34 19.87
N CYS D 54 35.72 -23.43 19.38
CA CYS D 54 34.89 -24.32 20.17
C CYS D 54 35.74 -25.36 20.88
N THR D 55 35.17 -25.94 21.93
CA THR D 55 35.71 -27.09 22.64
C THR D 55 34.54 -28.02 22.94
N PRO D 56 34.77 -29.20 23.54
CA PRO D 56 33.64 -29.97 24.06
C PRO D 56 32.89 -29.28 25.18
N ARG D 57 33.55 -28.39 25.94
CA ARG D 57 32.88 -27.69 27.03
C ARG D 57 31.79 -26.76 26.52
N ARG D 58 32.03 -26.08 25.41
CA ARG D 58 31.16 -25.00 24.99
C ARG D 58 31.38 -24.72 23.52
N CYS D 59 30.27 -24.48 22.80
CA CYS D 59 30.32 -24.02 21.42
C CYS D 59 30.34 -22.50 21.40
N LEU D 60 31.27 -21.92 20.62
CA LEU D 60 31.31 -20.49 20.34
C LEU D 60 31.06 -20.16 18.86
N GLY D 61 30.38 -21.04 18.12
CA GLY D 61 30.15 -20.82 16.69
C GLY D 61 29.58 -19.44 16.34
N SER D 62 28.64 -18.95 17.14
CA SER D 62 27.99 -17.66 16.93
C SER D 62 28.90 -16.46 17.12
N LEU D 63 30.17 -16.66 17.47
CA LEU D 63 31.04 -15.51 17.60
C LEU D 63 31.47 -15.04 16.22
N VAL D 64 31.36 -13.73 15.97
CA VAL D 64 31.73 -13.16 14.68
C VAL D 64 33.25 -13.27 14.46
N PHE D 65 34.05 -12.85 15.44
CA PHE D 65 35.51 -12.90 15.29
C PHE D 65 36.12 -13.91 16.25
N PRO D 66 36.52 -15.10 15.79
CA PRO D 66 37.35 -15.97 16.63
C PRO D 66 38.85 -15.73 16.42
N ALA D 79 60.47 -19.11 12.64
CA ALA D 79 59.54 -20.22 12.41
C ALA D 79 59.66 -20.84 11.01
N PRO D 80 60.89 -21.11 10.54
CA PRO D 80 61.02 -21.52 9.13
C PRO D 80 60.42 -22.88 8.85
N GLU D 81 60.43 -23.81 9.81
CA GLU D 81 60.02 -25.17 9.51
C GLU D 81 58.51 -25.27 9.33
N GLN D 82 57.75 -24.41 9.98
CA GLN D 82 56.30 -24.45 9.86
C GLN D 82 55.83 -23.75 8.59
N LEU D 83 56.51 -22.66 8.22
CA LEU D 83 56.31 -22.10 6.88
C LEU D 83 56.52 -23.16 5.80
N LEU D 84 57.55 -23.98 5.98
CA LEU D 84 57.82 -25.04 5.00
C LEU D 84 56.69 -26.04 4.93
N SER D 85 56.06 -26.37 6.07
CA SER D 85 55.06 -27.42 6.07
C SER D 85 53.71 -26.93 5.57
N GLN D 86 53.36 -25.66 5.82
CA GLN D 86 52.23 -25.06 5.12
C GLN D 86 52.50 -24.98 3.62
N ALA D 87 53.73 -24.66 3.24
CA ALA D 87 54.07 -24.59 1.82
C ALA D 87 54.05 -25.97 1.17
N ARG D 88 54.56 -26.97 1.88
CA ARG D 88 54.56 -28.32 1.33
C ARG D 88 53.14 -28.78 1.06
N ASP D 89 52.25 -28.53 2.02
CA ASP D 89 50.86 -28.93 1.85
C ASP D 89 50.19 -28.19 0.68
N PHE D 90 50.52 -26.92 0.49
CA PHE D 90 49.91 -26.21 -0.64
C PHE D 90 50.40 -26.77 -1.97
N ILE D 91 51.72 -26.96 -2.12
CA ILE D 91 52.27 -27.48 -3.36
C ILE D 91 51.70 -28.87 -3.65
N ASN D 92 51.50 -29.69 -2.61
CA ASN D 92 50.79 -30.94 -2.78
C ASN D 92 49.40 -30.69 -3.37
N GLN D 93 48.68 -29.71 -2.85
CA GLN D 93 47.36 -29.40 -3.40
C GLN D 93 47.47 -29.05 -4.88
N TYR D 94 48.29 -28.06 -5.22
CA TYR D 94 48.37 -27.62 -6.62
C TYR D 94 48.71 -28.78 -7.55
N TYR D 95 49.72 -29.58 -7.17
CA TYR D 95 50.08 -30.71 -8.01
C TYR D 95 49.00 -31.81 -8.05
N SER D 96 48.10 -31.85 -7.06
CA SER D 96 46.96 -32.76 -7.16
C SER D 96 45.92 -32.23 -8.14
N SER D 97 45.68 -30.92 -8.13
CA SER D 97 44.65 -30.36 -9.01
C SER D 97 45.04 -30.44 -10.49
N ILE D 98 46.32 -30.38 -10.82
CA ILE D 98 46.69 -30.46 -12.25
C ILE D 98 46.93 -31.91 -12.66
N LYS D 99 46.46 -32.87 -11.84
CA LYS D 99 46.57 -34.30 -12.15
C LYS D 99 48.02 -34.71 -12.40
N ARG D 100 48.94 -34.18 -11.60
CA ARG D 100 50.36 -34.46 -11.77
C ARG D 100 51.02 -34.74 -10.43
N SER D 101 50.28 -35.42 -9.54
CA SER D 101 50.77 -35.68 -8.20
C SER D 101 51.96 -36.65 -8.22
N GLY D 102 53.00 -36.32 -7.46
CA GLY D 102 54.19 -37.15 -7.35
C GLY D 102 55.06 -37.22 -8.58
N SER D 103 54.83 -36.34 -9.56
CA SER D 103 55.49 -36.45 -10.85
C SER D 103 56.87 -35.81 -10.78
N GLN D 104 57.49 -35.66 -11.97
CA GLN D 104 58.74 -34.92 -12.15
C GLN D 104 58.67 -33.56 -11.47
N ALA D 105 57.95 -32.64 -12.12
CA ALA D 105 57.88 -31.25 -11.68
C ALA D 105 57.46 -31.10 -10.22
N HIS D 106 56.69 -32.07 -9.71
CA HIS D 106 56.20 -31.96 -8.34
C HIS D 106 57.35 -32.08 -7.34
N GLU D 107 58.26 -33.02 -7.56
CA GLU D 107 59.40 -33.16 -6.67
C GLU D 107 60.29 -31.94 -6.74
N GLN D 108 60.53 -31.44 -7.96
CA GLN D 108 61.32 -30.23 -8.15
C GLN D 108 60.82 -29.09 -7.26
N ARG D 109 59.54 -28.74 -7.40
CA ARG D 109 59.00 -27.58 -6.71
C ARG D 109 59.14 -27.71 -5.19
N LEU D 110 58.90 -28.90 -4.64
CA LEU D 110 59.12 -29.08 -3.21
C LEU D 110 60.57 -28.79 -2.87
N GLN D 111 61.49 -29.37 -3.64
CA GLN D 111 62.92 -29.09 -3.47
C GLN D 111 63.20 -27.60 -3.60
N GLU D 112 62.67 -26.98 -4.66
CA GLU D 112 62.85 -25.55 -4.88
C GLU D 112 62.45 -24.73 -3.64
N VAL D 113 61.21 -24.92 -3.17
CA VAL D 113 60.71 -24.08 -2.08
C VAL D 113 61.49 -24.33 -0.81
N GLU D 114 61.91 -25.58 -0.57
CA GLU D 114 62.75 -25.91 0.58
C GLU D 114 64.03 -25.06 0.61
N ALA D 115 64.71 -24.95 -0.53
CA ALA D 115 65.95 -24.22 -0.57
C ALA D 115 65.75 -22.71 -0.62
N GLU D 116 64.63 -22.24 -1.18
CA GLU D 116 64.41 -20.81 -1.19
C GLU D 116 64.11 -20.30 0.21
N VAL D 117 63.42 -21.11 1.03
CA VAL D 117 63.20 -20.72 2.41
C VAL D 117 64.52 -20.77 3.19
N ALA D 118 65.39 -21.73 2.87
CA ALA D 118 66.72 -21.76 3.49
C ALA D 118 67.52 -20.51 3.16
N ALA D 119 67.46 -20.03 1.91
CA ALA D 119 68.31 -18.94 1.45
C ALA D 119 67.73 -17.56 1.74
N THR D 120 66.40 -17.39 1.61
CA THR D 120 65.80 -16.09 1.79
C THR D 120 64.82 -16.02 2.95
N GLY D 121 64.43 -17.16 3.54
CA GLY D 121 63.41 -17.17 4.58
C GLY D 121 61.97 -17.16 4.07
N THR D 122 61.78 -17.18 2.76
CA THR D 122 60.45 -17.12 2.15
C THR D 122 60.60 -17.66 0.73
N TYR D 123 59.50 -17.63 -0.04
CA TYR D 123 59.55 -18.08 -1.43
C TYR D 123 58.50 -17.33 -2.22
N GLN D 124 58.50 -17.54 -3.54
CA GLN D 124 57.62 -16.87 -4.49
C GLN D 124 56.70 -17.88 -5.15
N LEU D 125 55.40 -17.58 -5.18
CA LEU D 125 54.47 -18.37 -5.96
C LEU D 125 54.70 -18.17 -7.45
N ARG D 126 54.62 -19.25 -8.22
CA ARG D 126 54.43 -19.07 -9.66
C ARG D 126 53.03 -18.51 -9.93
N GLU D 127 52.87 -17.91 -11.12
CA GLU D 127 51.60 -17.30 -11.47
C GLU D 127 50.45 -18.31 -11.41
N SER D 128 50.67 -19.51 -11.98
CA SER D 128 49.61 -20.53 -11.97
CA SER D 128 49.60 -20.52 -11.97
C SER D 128 49.28 -20.98 -10.55
N GLU D 129 50.28 -21.08 -9.69
CA GLU D 129 49.97 -21.43 -8.32
C GLU D 129 49.15 -20.34 -7.65
N LEU D 130 49.40 -19.07 -7.99
CA LEU D 130 48.67 -17.99 -7.34
C LEU D 130 47.21 -17.96 -7.78
N VAL D 131 46.95 -18.25 -9.05
CA VAL D 131 45.58 -18.34 -9.51
C VAL D 131 44.87 -19.47 -8.78
N PHE D 132 45.55 -20.60 -8.60
CA PHE D 132 44.92 -21.73 -7.94
C PHE D 132 44.72 -21.45 -6.45
N GLY D 133 45.66 -20.76 -5.83
CA GLY D 133 45.48 -20.41 -4.42
C GLY D 133 44.37 -19.40 -4.18
N ALA D 134 44.16 -18.47 -5.13
CA ALA D 134 43.06 -17.52 -4.96
C ALA D 134 41.71 -18.20 -5.13
N LYS D 135 41.59 -19.08 -6.12
CA LYS D 135 40.37 -19.86 -6.27
C LYS D 135 40.08 -20.73 -5.04
N GLN D 136 41.11 -21.33 -4.43
CA GLN D 136 40.84 -22.21 -3.29
C GLN D 136 40.42 -21.41 -2.07
N ALA D 137 41.04 -20.24 -1.86
CA ALA D 137 40.66 -19.40 -0.74
C ALA D 137 39.18 -19.06 -0.78
N TRP D 138 38.68 -18.72 -1.96
CA TRP D 138 37.24 -18.51 -2.12
C TRP D 138 36.51 -19.80 -1.84
N ARG D 139 36.97 -20.90 -2.46
CA ARG D 139 36.32 -22.19 -2.29
C ARG D 139 36.19 -22.61 -0.81
N ASN D 140 37.21 -22.32 0.01
CA ASN D 140 37.29 -22.77 1.40
C ASN D 140 36.58 -21.85 2.40
N ALA D 141 36.02 -20.73 1.97
CA ALA D 141 35.49 -19.72 2.90
C ALA D 141 34.12 -20.13 3.44
N PRO D 142 34.03 -20.53 4.71
CA PRO D 142 32.79 -21.12 5.22
C PRO D 142 31.58 -20.21 5.17
N ARG D 143 31.77 -18.90 5.29
CA ARG D 143 30.66 -17.97 5.45
C ARG D 143 30.13 -17.40 4.13
N CYS D 144 30.63 -17.87 2.97
CA CYS D 144 30.22 -17.36 1.65
C CYS D 144 29.24 -18.34 1.02
N VAL D 145 28.02 -17.87 0.76
CA VAL D 145 27.01 -18.67 0.07
C VAL D 145 27.17 -18.65 -1.44
N GLY D 146 28.02 -17.77 -1.99
CA GLY D 146 28.16 -17.71 -3.44
C GLY D 146 29.21 -18.62 -4.06
N ARG D 147 29.57 -19.70 -3.38
CA ARG D 147 30.77 -20.43 -3.78
C ARG D 147 30.56 -21.37 -4.94
N ILE D 148 29.33 -21.53 -5.46
CA ILE D 148 29.14 -22.33 -6.68
C ILE D 148 29.95 -21.75 -7.84
N GLN D 149 30.24 -20.46 -7.78
CA GLN D 149 31.03 -19.68 -8.72
C GLN D 149 32.54 -19.80 -8.51
N TRP D 150 33.02 -20.55 -7.50
CA TRP D 150 34.41 -20.40 -7.04
C TRP D 150 35.44 -20.61 -8.16
N GLY D 151 35.13 -21.42 -9.16
CA GLY D 151 36.10 -21.64 -10.22
C GLY D 151 36.12 -20.56 -11.26
N LYS D 152 35.10 -19.71 -11.28
CA LYS D 152 35.01 -18.62 -12.24
C LYS D 152 35.48 -17.37 -11.49
N LEU D 153 36.80 -17.24 -11.39
CA LEU D 153 37.39 -16.11 -10.69
C LEU D 153 38.52 -15.55 -11.54
N GLN D 154 38.54 -14.23 -11.69
CA GLN D 154 39.53 -13.53 -12.49
C GLN D 154 40.57 -12.96 -11.55
N VAL D 155 41.81 -13.42 -11.71
CA VAL D 155 42.92 -13.08 -10.82
C VAL D 155 43.84 -12.10 -11.54
N PHE D 156 44.03 -10.93 -10.94
CA PHE D 156 44.99 -9.95 -11.42
C PHE D 156 46.23 -9.97 -10.51
N ASP D 157 47.38 -10.19 -11.12
CA ASP D 157 48.64 -10.26 -10.41
C ASP D 157 49.23 -8.87 -10.34
N ALA D 158 49.09 -8.22 -9.19
CA ALA D 158 49.70 -6.91 -8.96
C ALA D 158 50.91 -7.01 -8.04
N ARG D 159 51.55 -8.18 -8.00
CA ARG D 159 52.65 -8.38 -7.05
C ARG D 159 53.88 -7.57 -7.41
N ASP D 160 53.87 -6.87 -8.52
CA ASP D 160 54.97 -5.97 -8.82
C ASP D 160 54.62 -4.53 -8.50
N CYS D 161 53.51 -4.29 -7.82
CA CYS D 161 53.14 -2.93 -7.46
C CYS D 161 54.22 -2.30 -6.59
N ARG D 162 54.39 -1.01 -6.76
CA ARG D 162 55.57 -0.33 -6.24
C ARG D 162 55.26 0.91 -5.41
N SER D 163 54.01 1.35 -5.36
CA SER D 163 53.67 2.58 -4.65
C SER D 163 52.17 2.61 -4.46
N ALA D 164 51.71 3.57 -3.64
CA ALA D 164 50.28 3.80 -3.48
C ALA D 164 49.65 4.25 -4.80
N GLN D 165 50.36 5.07 -5.56
CA GLN D 165 49.82 5.60 -6.81
C GLN D 165 49.58 4.48 -7.81
N GLU D 166 50.58 3.62 -8.01
CA GLU D 166 50.40 2.43 -8.83
C GLU D 166 49.30 1.56 -8.28
N MET D 167 49.24 1.45 -6.94
CA MET D 167 48.23 0.62 -6.29
C MET D 167 46.84 1.09 -6.65
N PHE D 168 46.60 2.40 -6.48
CA PHE D 168 45.35 3.03 -6.93
C PHE D 168 44.98 2.64 -8.34
N THR D 169 45.94 2.73 -9.26
CA THR D 169 45.67 2.44 -10.67
C THR D 169 45.16 1.02 -10.86
N TYR D 170 45.81 0.06 -10.21
CA TYR D 170 45.36 -1.32 -10.27
C TYR D 170 43.96 -1.47 -9.70
N ILE D 171 43.59 -0.66 -8.71
CA ILE D 171 42.28 -0.81 -8.08
C ILE D 171 41.20 -0.27 -9.00
N CYS D 172 41.48 0.86 -9.65
CA CYS D 172 40.54 1.42 -10.61
C CYS D 172 40.28 0.44 -11.75
N ASN D 173 41.33 -0.22 -12.24
CA ASN D 173 41.10 -1.18 -13.30
C ASN D 173 40.35 -2.40 -12.80
N HIS D 174 40.67 -2.88 -11.59
CA HIS D 174 39.84 -3.89 -10.96
C HIS D 174 38.38 -3.47 -10.99
N ILE D 175 38.07 -2.30 -10.40
CA ILE D 175 36.67 -1.87 -10.30
C ILE D 175 36.03 -1.84 -11.68
N LYS D 176 36.77 -1.32 -12.68
CA LYS D 176 36.23 -1.24 -14.05
C LYS D 176 35.94 -2.62 -14.61
N TYR D 177 36.88 -3.56 -14.47
CA TYR D 177 36.67 -4.89 -15.05
C TYR D 177 35.46 -5.58 -14.42
N ALA D 178 35.38 -5.53 -13.08
CA ALA D 178 34.36 -6.32 -12.40
C ALA D 178 32.98 -5.73 -12.62
N THR D 179 32.88 -4.41 -12.59
CA THR D 179 31.59 -3.75 -12.74
C THR D 179 31.04 -3.98 -14.15
N ASN D 180 31.87 -3.74 -15.17
CA ASN D 180 31.57 -4.16 -16.53
C ASN D 180 30.19 -3.65 -16.96
N ARG D 181 29.89 -2.42 -16.57
CA ARG D 181 28.66 -1.70 -16.95
C ARG D 181 27.40 -2.33 -16.37
N GLY D 182 27.54 -3.14 -15.33
CA GLY D 182 26.44 -3.76 -14.63
C GLY D 182 26.37 -5.25 -14.80
N ASN D 183 27.06 -5.82 -15.78
CA ASN D 183 27.15 -7.27 -15.90
C ASN D 183 28.38 -7.73 -15.12
N LEU D 184 28.23 -7.90 -13.80
CA LEU D 184 29.40 -7.98 -12.92
C LEU D 184 30.19 -9.27 -13.13
N ARG D 185 31.51 -9.15 -12.95
CA ARG D 185 32.44 -10.27 -13.05
C ARG D 185 33.19 -10.44 -11.73
N SER D 186 33.35 -11.68 -11.28
CA SER D 186 34.10 -11.93 -10.06
C SER D 186 35.61 -11.74 -10.28
N ALA D 187 36.26 -10.96 -9.41
CA ALA D 187 37.67 -10.67 -9.59
C ALA D 187 38.39 -10.49 -8.27
N ILE D 188 39.69 -10.77 -8.27
CA ILE D 188 40.55 -10.43 -7.15
C ILE D 188 41.90 -9.92 -7.68
N THR D 189 42.37 -8.80 -7.12
CA THR D 189 43.71 -8.28 -7.39
C THR D 189 44.64 -8.56 -6.22
N VAL D 190 45.81 -9.13 -6.48
CA VAL D 190 46.73 -9.57 -5.44
C VAL D 190 47.93 -8.64 -5.40
N PHE D 191 48.07 -7.91 -4.32
CA PHE D 191 49.18 -6.98 -4.14
C PHE D 191 50.34 -7.69 -3.47
N PRO D 192 51.53 -7.08 -3.43
CA PRO D 192 52.73 -7.85 -3.05
C PRO D 192 52.61 -8.45 -1.65
N GLN D 193 53.32 -9.53 -1.44
CA GLN D 193 53.17 -10.28 -0.20
C GLN D 193 53.94 -9.64 0.95
N ARG D 194 53.40 -9.83 2.16
CA ARG D 194 54.16 -9.51 3.36
C ARG D 194 55.52 -10.19 3.28
N CYS D 195 56.57 -9.44 3.61
CA CYS D 195 57.90 -10.02 3.55
C CYS D 195 58.82 -9.33 4.55
N PRO D 196 59.84 -10.03 5.04
CA PRO D 196 60.70 -9.42 6.06
C PRO D 196 61.49 -8.24 5.52
N GLY D 197 61.49 -7.16 6.30
CA GLY D 197 62.31 -6.00 6.03
C GLY D 197 61.58 -4.85 5.42
N ARG D 198 60.26 -4.94 5.28
CA ARG D 198 59.47 -3.91 4.63
C ARG D 198 58.06 -3.96 5.20
N GLY D 199 57.40 -2.81 5.19
CA GLY D 199 56.03 -2.75 5.64
C GLY D 199 55.06 -3.42 4.67
N ASP D 200 53.84 -3.58 5.16
CA ASP D 200 52.74 -4.12 4.38
C ASP D 200 52.11 -3.06 3.49
N PHE D 201 51.67 -3.49 2.31
CA PHE D 201 50.58 -2.81 1.61
C PHE D 201 49.27 -3.02 2.38
N ARG D 202 48.52 -1.96 2.60
CA ARG D 202 47.20 -2.06 3.21
C ARG D 202 46.22 -1.13 2.50
N ILE D 203 44.99 -1.61 2.32
CA ILE D 203 43.85 -0.77 1.98
C ILE D 203 43.12 -0.51 3.29
N TRP D 204 43.03 0.74 3.71
CA TRP D 204 42.46 1.03 5.02
C TRP D 204 40.93 0.85 5.02
N ASN D 205 40.29 1.09 3.88
CA ASN D 205 38.85 0.96 3.73
C ASN D 205 38.44 -0.50 3.73
N SER D 206 37.34 -0.80 4.41
CA SER D 206 36.93 -2.19 4.54
C SER D 206 36.36 -2.71 3.24
N GLN D 207 35.75 -1.83 2.43
CA GLN D 207 35.38 -2.14 1.05
C GLN D 207 35.86 -1.02 0.13
N LEU D 208 35.90 -1.31 -1.17
CA LEU D 208 36.27 -0.26 -2.12
C LEU D 208 35.20 0.83 -2.19
N VAL D 209 33.91 0.49 -2.09
CA VAL D 209 32.84 1.49 -2.11
C VAL D 209 32.19 1.51 -0.73
N ARG D 210 32.24 2.66 -0.05
CA ARG D 210 31.55 2.81 1.23
C ARG D 210 30.93 4.20 1.26
N TYR D 211 29.82 4.32 1.98
CA TYR D 211 29.22 5.63 2.15
C TYR D 211 29.70 6.29 3.42
N ALA D 212 29.91 7.59 3.35
CA ALA D 212 30.27 8.35 4.53
C ALA D 212 29.23 8.13 5.62
N GLY D 213 29.71 8.18 6.86
CA GLY D 213 28.85 8.24 8.03
C GLY D 213 29.34 9.38 8.89
N TYR D 214 28.65 10.52 8.84
CA TYR D 214 29.01 11.71 9.60
C TYR D 214 28.26 11.73 10.92
N ARG D 215 28.99 11.66 12.02
CA ARG D 215 28.38 11.83 13.34
C ARG D 215 27.90 13.27 13.49
N GLN D 216 26.59 13.46 13.61
CA GLN D 216 26.06 14.75 14.01
C GLN D 216 26.53 15.04 15.42
N GLN D 217 26.15 16.18 15.99
CA GLN D 217 26.65 16.46 17.34
C GLN D 217 25.79 15.78 18.41
N ASP D 218 24.48 15.70 18.20
CA ASP D 218 23.57 15.14 19.20
C ASP D 218 23.71 13.63 19.32
N GLY D 219 24.82 13.07 18.83
CA GLY D 219 25.08 11.65 18.90
C GLY D 219 24.61 10.84 17.71
N SER D 220 23.78 11.42 16.83
CA SER D 220 23.22 10.73 15.68
C SER D 220 24.16 10.77 14.49
N VAL D 221 23.94 9.86 13.55
CA VAL D 221 24.81 9.68 12.39
C VAL D 221 23.99 9.98 11.14
N ARG D 222 24.58 10.77 10.24
CA ARG D 222 24.05 10.94 8.89
C ARG D 222 24.87 10.06 7.94
N GLY D 223 24.17 9.27 7.10
CA GLY D 223 24.89 8.31 6.28
C GLY D 223 25.03 6.95 6.94
N ASP D 224 26.09 6.19 6.64
CA ASP D 224 26.19 4.82 7.13
C ASP D 224 26.94 4.78 8.45
N PRO D 225 26.26 4.46 9.57
CA PRO D 225 26.95 4.40 10.88
C PRO D 225 28.14 3.44 10.93
N ALA D 226 28.11 2.34 10.18
CA ALA D 226 29.21 1.40 10.20
C ALA D 226 30.53 2.03 9.76
N ASN D 227 30.49 3.18 9.09
CA ASN D 227 31.66 3.80 8.49
C ASN D 227 32.00 5.14 9.16
N VAL D 228 31.65 5.28 10.44
CA VAL D 228 31.96 6.51 11.16
C VAL D 228 33.46 6.65 11.40
N GLU D 229 34.17 5.55 11.63
CA GLU D 229 35.58 5.66 11.99
C GLU D 229 36.42 6.02 10.76
N ILE D 230 36.26 5.23 9.69
CA ILE D 230 36.96 5.44 8.44
C ILE D 230 36.65 6.82 7.85
N THR D 231 35.40 7.26 7.97
CA THR D 231 35.07 8.64 7.62
C THR D 231 35.96 9.64 8.35
N GLU D 232 36.14 9.46 9.67
CA GLU D 232 36.94 10.41 10.43
C GLU D 232 38.42 10.31 10.09
N LEU D 233 38.91 9.11 9.77
CA LEU D 233 40.29 8.99 9.32
C LEU D 233 40.49 9.68 7.99
N CYS D 234 39.55 9.55 7.05
CA CYS D 234 39.66 10.25 5.78
C CYS D 234 39.76 11.75 5.99
N ILE D 235 38.81 12.32 6.74
CA ILE D 235 38.82 13.75 7.02
C ILE D 235 40.14 14.14 7.66
N GLN D 236 40.51 13.43 8.74
CA GLN D 236 41.78 13.67 9.41
C GLN D 236 42.93 13.70 8.41
N HIS D 237 42.86 12.87 7.37
CA HIS D 237 43.87 12.83 6.32
C HIS D 237 43.55 13.78 5.16
N GLY D 238 42.72 14.79 5.40
CA GLY D 238 42.57 15.86 4.43
C GLY D 238 41.48 15.70 3.41
N TRP D 239 40.52 14.81 3.64
CA TRP D 239 39.37 14.74 2.76
C TRP D 239 38.34 15.78 3.18
N THR D 240 37.80 16.52 2.21
CA THR D 240 36.75 17.50 2.47
C THR D 240 35.41 16.77 2.52
N PRO D 241 34.77 16.70 3.68
CA PRO D 241 33.55 15.90 3.80
C PRO D 241 32.36 16.59 3.15
N GLY D 242 31.44 15.77 2.64
CA GLY D 242 30.12 16.21 2.26
C GLY D 242 29.16 16.13 3.42
N ASN D 243 27.87 16.13 3.11
CA ASN D 243 26.88 16.02 4.17
C ASN D 243 25.62 15.23 3.77
N GLY D 244 25.67 14.47 2.67
CA GLY D 244 24.60 13.57 2.33
C GLY D 244 24.68 12.25 3.08
N ARG D 245 23.73 11.36 2.76
CA ARG D 245 23.61 10.04 3.35
C ARG D 245 24.22 8.95 2.49
N PHE D 246 24.68 9.31 1.29
CA PHE D 246 25.22 8.36 0.34
C PHE D 246 26.44 8.98 -0.34
N ASP D 247 27.33 9.57 0.45
CA ASP D 247 28.54 10.18 -0.05
C ASP D 247 29.63 9.12 -0.11
N VAL D 248 30.11 8.82 -1.31
CA VAL D 248 31.11 7.77 -1.50
C VAL D 248 32.46 8.23 -0.95
N LEU D 249 33.07 7.39 -0.08
CA LEU D 249 34.30 7.72 0.63
C LEU D 249 35.54 7.59 -0.26
N PRO D 250 36.53 8.45 -0.06
CA PRO D 250 37.81 8.26 -0.75
C PRO D 250 38.52 7.02 -0.25
N LEU D 251 39.52 6.58 -1.01
CA LEU D 251 40.36 5.45 -0.60
C LEU D 251 41.59 5.94 0.15
N LEU D 252 41.94 5.23 1.20
CA LEU D 252 43.15 5.47 1.98
C LEU D 252 44.04 4.27 1.71
N LEU D 253 45.12 4.50 0.97
CA LEU D 253 46.00 3.46 0.46
C LEU D 253 47.36 3.57 1.15
N GLN D 254 47.85 2.43 1.62
CA GLN D 254 49.11 2.40 2.36
C GLN D 254 50.10 1.56 1.57
N ALA D 255 51.16 2.18 1.18
CA ALA D 255 52.35 1.58 0.61
C ALA D 255 53.34 1.29 1.72
N PRO D 256 54.26 0.34 1.51
CA PRO D 256 55.17 -0.07 2.60
C PRO D 256 55.85 1.10 3.28
N ASP D 257 55.78 1.11 4.61
CA ASP D 257 56.52 2.04 5.47
C ASP D 257 56.23 3.49 5.14
N GLU D 258 55.05 3.75 4.56
CA GLU D 258 54.51 5.03 4.16
C GLU D 258 53.25 5.34 4.96
N PRO D 259 52.96 6.60 5.26
CA PRO D 259 51.64 6.95 5.77
C PRO D 259 50.59 6.69 4.70
N PRO D 260 49.32 6.52 5.07
CA PRO D 260 48.30 6.28 4.05
C PRO D 260 48.08 7.51 3.21
N GLU D 261 47.73 7.29 1.95
CA GLU D 261 47.51 8.34 0.97
C GLU D 261 46.05 8.32 0.52
N LEU D 262 45.48 9.51 0.39
CA LEU D 262 44.07 9.67 0.03
C LEU D 262 43.88 9.60 -1.48
N PHE D 263 42.91 8.82 -1.93
CA PHE D 263 42.63 8.76 -3.35
C PHE D 263 41.12 8.83 -3.59
N LEU D 264 40.71 9.77 -4.43
CA LEU D 264 39.30 9.95 -4.77
C LEU D 264 38.94 9.03 -5.94
N LEU D 265 37.80 8.35 -5.81
CA LEU D 265 37.30 7.52 -6.92
C LEU D 265 36.51 8.38 -7.89
N PRO D 266 36.84 8.35 -9.18
CA PRO D 266 36.07 9.11 -10.17
C PRO D 266 34.61 8.72 -10.14
N PRO D 267 33.71 9.71 -10.11
CA PRO D 267 32.27 9.39 -10.02
C PRO D 267 31.82 8.28 -10.96
N GLU D 268 32.21 8.36 -12.22
CA GLU D 268 31.77 7.41 -13.25
C GLU D 268 32.43 6.05 -13.13
N LEU D 269 33.34 5.85 -12.19
CA LEU D 269 33.81 4.50 -11.95
C LEU D 269 32.86 3.73 -11.04
N VAL D 270 32.13 4.45 -10.18
CA VAL D 270 31.31 3.87 -9.11
C VAL D 270 29.87 3.80 -9.60
N LEU D 271 29.46 2.63 -10.09
CA LEU D 271 28.10 2.45 -10.57
C LEU D 271 27.17 2.23 -9.38
N GLU D 272 26.17 3.10 -9.23
CA GLU D 272 25.15 3.05 -8.18
C GLU D 272 23.76 2.77 -8.76
N VAL D 273 22.80 2.54 -7.88
CA VAL D 273 21.44 2.16 -8.26
C VAL D 273 20.45 2.92 -7.37
N PRO D 274 19.66 3.84 -7.91
CA PRO D 274 18.58 4.42 -7.10
C PRO D 274 17.51 3.38 -6.84
N LEU D 275 16.96 3.38 -5.63
CA LEU D 275 16.06 2.32 -5.20
C LEU D 275 14.62 2.79 -5.37
N GLU D 276 13.80 1.96 -6.01
CA GLU D 276 12.39 2.27 -6.17
C GLU D 276 11.58 1.00 -6.01
N HIS D 277 10.29 1.17 -5.78
CA HIS D 277 9.46 -0.01 -5.63
C HIS D 277 8.52 -0.14 -6.83
N PRO D 278 8.35 -1.33 -7.39
CA PRO D 278 7.49 -1.48 -8.59
C PRO D 278 6.03 -1.08 -8.36
N THR D 279 5.54 -1.15 -7.13
CA THR D 279 4.19 -0.66 -6.83
C THR D 279 4.17 0.51 -5.84
N LEU D 280 5.05 0.54 -4.83
CA LEU D 280 5.01 1.63 -3.85
C LEU D 280 5.72 2.85 -4.44
N GLU D 281 4.97 3.73 -5.07
CA GLU D 281 5.60 4.81 -5.81
C GLU D 281 6.20 5.88 -4.92
N TRP D 282 5.71 6.03 -3.67
CA TRP D 282 6.35 6.96 -2.76
C TRP D 282 7.75 6.50 -2.37
N PHE D 283 8.07 5.20 -2.55
CA PHE D 283 9.38 4.68 -2.16
C PHE D 283 10.52 5.44 -2.82
N ALA D 284 10.33 5.93 -4.04
CA ALA D 284 11.42 6.62 -4.70
C ALA D 284 11.71 7.96 -4.03
N ALA D 285 10.79 8.47 -3.21
CA ALA D 285 11.01 9.74 -2.54
C ALA D 285 11.90 9.60 -1.32
N LEU D 286 12.23 8.38 -0.92
CA LEU D 286 13.15 8.17 0.20
C LEU D 286 14.59 8.53 -0.17
N GLY D 287 14.90 8.61 -1.46
CA GLY D 287 16.23 8.98 -1.90
C GLY D 287 17.27 7.89 -1.76
N LEU D 288 16.86 6.68 -1.39
CA LEU D 288 17.83 5.63 -1.08
C LEU D 288 18.53 5.18 -2.36
N ARG D 289 19.79 4.77 -2.20
CA ARG D 289 20.65 4.25 -3.26
C ARG D 289 21.47 3.09 -2.69
N TRP D 290 21.95 2.23 -3.56
CA TRP D 290 23.10 1.41 -3.16
C TRP D 290 24.02 1.23 -4.35
N TYR D 291 25.24 0.73 -4.09
CA TYR D 291 26.22 0.64 -5.16
C TYR D 291 26.25 -0.76 -5.78
N ALA D 292 26.78 -0.83 -7.01
CA ALA D 292 26.73 -2.07 -7.77
C ALA D 292 27.68 -3.14 -7.23
N LEU D 293 28.86 -2.74 -6.77
CA LEU D 293 30.00 -3.64 -6.62
C LEU D 293 30.36 -3.92 -5.17
N PRO D 294 30.19 -5.15 -4.68
CA PRO D 294 30.67 -5.49 -3.33
C PRO D 294 32.11 -5.94 -3.36
N ALA D 295 33.02 -5.07 -2.95
CA ALA D 295 34.46 -5.31 -3.14
C ALA D 295 35.16 -5.28 -1.79
N VAL D 296 35.40 -6.43 -1.20
CA VAL D 296 36.00 -6.47 0.13
C VAL D 296 37.52 -6.30 0.02
N SER D 297 38.04 -5.26 0.68
CA SER D 297 39.42 -4.81 0.60
C SER D 297 40.24 -4.99 1.89
N ASN D 298 39.66 -5.44 2.99
CA ASN D 298 40.41 -5.46 4.26
C ASN D 298 40.76 -6.86 4.75
N MET D 299 40.57 -7.89 3.94
CA MET D 299 40.92 -9.23 4.41
C MET D 299 42.33 -9.62 3.96
N LEU D 300 42.91 -10.56 4.71
CA LEU D 300 44.20 -11.15 4.40
C LEU D 300 44.01 -12.48 3.70
N LEU D 301 44.81 -12.70 2.68
CA LEU D 301 44.77 -13.91 1.90
C LEU D 301 46.02 -14.71 2.23
N GLU D 302 45.81 -15.99 2.55
CA GLU D 302 46.88 -16.90 2.94
C GLU D 302 47.00 -17.99 1.89
N ILE D 303 48.20 -18.16 1.34
CA ILE D 303 48.51 -19.24 0.42
C ILE D 303 49.86 -19.81 0.81
N GLY D 304 49.94 -21.14 0.99
CA GLY D 304 51.13 -21.86 1.38
C GLY D 304 52.04 -21.18 2.39
N GLY D 305 51.45 -20.66 3.46
CA GLY D 305 52.20 -19.91 4.44
C GLY D 305 52.50 -18.47 4.08
N LEU D 306 52.37 -18.07 2.83
CA LEU D 306 52.61 -16.70 2.45
C LEU D 306 51.36 -15.87 2.72
N GLU D 307 51.56 -14.60 3.07
CA GLU D 307 50.48 -13.77 3.56
C GLU D 307 50.35 -12.53 2.70
N PHE D 308 49.19 -12.36 2.08
CA PHE D 308 48.93 -11.19 1.26
C PHE D 308 47.97 -10.26 2.00
N PRO D 309 48.46 -9.18 2.64
CA PRO D 309 47.53 -8.35 3.43
C PRO D 309 46.66 -7.44 2.59
N ALA D 310 47.01 -7.18 1.32
CA ALA D 310 46.13 -6.44 0.42
C ALA D 310 45.83 -7.31 -0.79
N ALA D 311 44.61 -7.84 -0.84
CA ALA D 311 44.18 -8.62 -1.99
C ALA D 311 42.67 -8.45 -2.14
N PRO D 312 42.21 -7.26 -2.49
CA PRO D 312 40.75 -7.02 -2.58
C PRO D 312 40.08 -7.94 -3.59
N PHE D 313 38.89 -8.43 -3.22
CA PHE D 313 38.07 -9.29 -4.07
C PHE D 313 36.62 -8.81 -4.14
N SER D 314 35.95 -9.16 -5.24
CA SER D 314 34.62 -8.63 -5.52
C SER D 314 33.78 -9.64 -6.28
N GLY D 315 32.46 -9.58 -6.02
CA GLY D 315 31.49 -10.45 -6.67
C GLY D 315 30.29 -9.66 -7.12
N TRP D 316 29.10 -10.12 -6.77
CA TRP D 316 27.90 -9.34 -6.96
C TRP D 316 26.99 -9.62 -5.78
N TYR D 317 26.09 -8.69 -5.51
CA TYR D 317 25.30 -8.72 -4.29
C TYR D 317 24.19 -9.78 -4.32
N MET D 318 23.93 -10.36 -3.15
CA MET D 318 22.66 -11.01 -2.85
C MET D 318 21.75 -10.00 -2.16
N SER D 319 20.46 -9.98 -2.58
CA SER D 319 19.56 -8.87 -2.22
C SER D 319 19.40 -8.69 -0.73
N THR D 320 19.48 -9.76 0.07
CA THR D 320 19.27 -9.56 1.51
C THR D 320 20.42 -8.80 2.17
N GLU D 321 21.66 -8.87 1.63
CA GLU D 321 22.72 -8.05 2.24
C GLU D 321 22.36 -6.57 2.20
N ILE D 322 21.74 -6.13 1.11
CA ILE D 322 21.41 -4.73 0.93
C ILE D 322 20.08 -4.41 1.60
N GLY D 323 19.06 -5.19 1.29
CA GLY D 323 17.72 -4.80 1.72
C GLY D 323 17.49 -5.07 3.19
N THR D 324 17.86 -6.26 3.64
CA THR D 324 17.69 -6.61 5.04
C THR D 324 18.77 -5.98 5.92
N ARG D 325 20.02 -6.45 5.80
CA ARG D 325 21.04 -5.98 6.73
C ARG D 325 21.34 -4.50 6.53
N ASN D 326 21.74 -4.11 5.32
CA ASN D 326 22.33 -2.79 5.19
C ASN D 326 21.31 -1.69 5.46
N LEU D 327 20.07 -1.91 5.11
CA LEU D 327 19.10 -0.84 5.25
C LEU D 327 18.24 -0.98 6.50
N CYS D 328 18.04 -2.20 7.00
CA CYS D 328 17.10 -2.40 8.11
C CYS D 328 17.74 -2.68 9.47
N ASP D 329 19.03 -3.03 9.54
CA ASP D 329 19.68 -3.22 10.84
C ASP D 329 19.49 -1.95 11.66
N PRO D 330 19.21 -2.07 12.97
CA PRO D 330 18.98 -0.86 13.79
C PRO D 330 20.20 0.04 13.85
N HIS D 331 21.39 -0.55 13.74
CA HIS D 331 22.65 0.17 13.79
C HIS D 331 23.19 0.48 12.40
N ARG D 332 22.37 0.32 11.36
CA ARG D 332 22.78 0.77 10.04
C ARG D 332 21.78 1.84 9.59
N TYR D 333 21.27 1.79 8.35
CA TYR D 333 20.39 2.86 7.90
C TYR D 333 19.05 2.85 8.65
N ASN D 334 18.55 1.67 9.03
CA ASN D 334 17.46 1.56 10.01
C ASN D 334 16.18 2.24 9.54
N ILE D 335 15.78 1.93 8.30
CA ILE D 335 14.62 2.58 7.68
C ILE D 335 13.30 1.87 7.99
N LEU D 336 13.34 0.74 8.71
CA LEU D 336 12.20 -0.17 8.74
C LEU D 336 10.94 0.52 9.21
N GLU D 337 11.02 1.23 10.33
CA GLU D 337 9.84 1.90 10.85
C GLU D 337 9.33 2.95 9.87
N ASP D 338 10.23 3.76 9.30
CA ASP D 338 9.73 4.82 8.42
C ASP D 338 9.02 4.23 7.21
N VAL D 339 9.53 3.12 6.68
CA VAL D 339 8.87 2.41 5.59
C VAL D 339 7.51 1.86 6.03
N ALA D 340 7.42 1.30 7.24
CA ALA D 340 6.15 0.72 7.70
C ALA D 340 5.10 1.78 7.98
N VAL D 341 5.54 2.96 8.41
CA VAL D 341 4.63 4.10 8.58
C VAL D 341 4.06 4.53 7.23
N CYS D 342 4.95 4.74 6.25
CA CYS D 342 4.45 5.09 4.92
C CYS D 342 3.50 4.03 4.37
N MET D 343 3.82 2.75 4.60
CA MET D 343 2.94 1.65 4.17
C MET D 343 1.59 1.65 4.90
N ASP D 344 1.36 2.58 5.81
CA ASP D 344 0.19 2.62 6.68
C ASP D 344 -0.05 1.26 7.35
N LEU D 345 1.02 0.73 7.95
CA LEU D 345 0.91 -0.42 8.83
C LEU D 345 0.74 0.03 10.26
N ASP D 346 0.15 -0.84 11.07
CA ASP D 346 -0.03 -0.57 12.50
C ASP D 346 1.25 -0.93 13.23
N THR D 347 2.02 0.09 13.62
CA THR D 347 3.30 -0.10 14.29
C THR D 347 3.19 -0.05 15.82
N ARG D 348 1.97 -0.06 16.37
CA ARG D 348 1.83 -0.03 17.82
C ARG D 348 2.06 -1.40 18.44
N THR D 349 1.51 -2.45 17.83
CA THR D 349 1.66 -3.82 18.31
C THR D 349 2.55 -4.61 17.36
N THR D 350 3.30 -5.55 17.93
CA THR D 350 4.21 -6.39 17.16
C THR D 350 3.48 -7.53 16.45
N SER D 351 2.29 -7.90 16.92
CA SER D 351 1.59 -9.05 16.37
C SER D 351 1.00 -8.80 14.99
N SER D 352 0.90 -7.53 14.55
CA SER D 352 0.55 -7.23 13.17
C SER D 352 1.65 -7.57 12.17
N LEU D 353 2.88 -7.84 12.67
CA LEU D 353 4.00 -8.26 11.84
C LEU D 353 4.40 -7.17 10.84
N TRP D 354 4.33 -5.91 11.27
CA TRP D 354 4.68 -4.81 10.38
C TRP D 354 6.15 -4.84 10.00
N LYS D 355 7.02 -5.28 10.91
CA LYS D 355 8.44 -5.33 10.58
C LYS D 355 8.69 -6.27 9.40
N ASP D 356 8.17 -7.51 9.50
CA ASP D 356 8.32 -8.47 8.41
C ASP D 356 7.71 -7.97 7.10
N LYS D 357 6.52 -7.35 7.17
CA LYS D 357 5.88 -6.88 5.94
C LYS D 357 6.72 -5.83 5.24
N ALA D 358 7.23 -4.86 6.00
CA ALA D 358 7.97 -3.75 5.43
C ALA D 358 9.34 -4.19 4.93
N ALA D 359 9.96 -5.14 5.63
CA ALA D 359 11.21 -5.68 5.15
C ALA D 359 11.03 -6.47 3.87
N VAL D 360 9.88 -7.14 3.69
CA VAL D 360 9.71 -7.87 2.43
C VAL D 360 9.65 -6.90 1.26
N GLU D 361 9.01 -5.74 1.46
CA GLU D 361 8.87 -4.80 0.37
C GLU D 361 10.17 -4.07 0.09
N ILE D 362 11.03 -3.89 1.10
CA ILE D 362 12.33 -3.30 0.86
C ILE D 362 13.20 -4.25 0.04
N ASN D 363 13.02 -5.57 0.20
CA ASN D 363 13.79 -6.50 -0.61
C ASN D 363 13.27 -6.57 -2.04
N VAL D 364 11.94 -6.62 -2.21
CA VAL D 364 11.33 -6.51 -3.54
C VAL D 364 11.88 -5.30 -4.27
N ALA D 365 11.95 -4.17 -3.57
CA ALA D 365 12.40 -2.92 -4.17
C ALA D 365 13.85 -2.99 -4.62
N VAL D 366 14.70 -3.63 -3.82
CA VAL D 366 16.12 -3.78 -4.16
C VAL D 366 16.29 -4.61 -5.43
N LEU D 367 15.68 -5.82 -5.44
CA LEU D 367 15.71 -6.68 -6.62
C LEU D 367 15.18 -5.98 -7.86
N HIS D 368 14.08 -5.25 -7.71
CA HIS D 368 13.48 -4.58 -8.85
C HIS D 368 14.37 -3.45 -9.36
N SER D 369 14.98 -2.72 -8.44
CA SER D 369 15.80 -1.60 -8.90
C SER D 369 17.06 -2.08 -9.61
N TYR D 370 17.69 -3.14 -9.09
CA TYR D 370 18.87 -3.68 -9.77
C TYR D 370 18.51 -4.29 -11.13
N GLN D 371 17.33 -4.91 -11.26
CA GLN D 371 16.95 -5.47 -12.55
C GLN D 371 16.61 -4.36 -13.55
N LEU D 372 15.89 -3.33 -13.08
CA LEU D 372 15.65 -2.14 -13.88
C LEU D 372 16.94 -1.57 -14.43
N ALA D 373 17.88 -1.27 -13.54
CA ALA D 373 19.18 -0.73 -13.91
C ALA D 373 20.06 -1.72 -14.68
N LYS D 374 19.62 -2.98 -14.85
CA LYS D 374 20.43 -4.02 -15.49
C LYS D 374 21.79 -4.18 -14.82
N VAL D 375 21.74 -4.45 -13.51
CA VAL D 375 22.92 -4.69 -12.68
C VAL D 375 22.72 -6.04 -11.99
N THR D 376 23.64 -6.97 -12.24
CA THR D 376 23.60 -8.30 -11.63
C THR D 376 23.19 -8.26 -10.16
N ILE D 377 22.33 -9.21 -9.78
CA ILE D 377 21.90 -9.38 -8.41
C ILE D 377 21.21 -10.74 -8.30
N VAL D 378 21.35 -11.40 -7.15
CA VAL D 378 20.76 -12.72 -6.91
C VAL D 378 19.90 -12.65 -5.65
N ASP D 379 18.68 -13.17 -5.74
CA ASP D 379 17.85 -13.24 -4.53
C ASP D 379 18.25 -14.46 -3.69
N HIS D 380 17.85 -14.43 -2.42
CA HIS D 380 18.27 -15.43 -1.44
C HIS D 380 17.67 -16.82 -1.69
N HIS D 381 16.61 -16.93 -2.50
CA HIS D 381 16.11 -18.26 -2.84
C HIS D 381 16.97 -18.90 -3.92
N ALA D 382 17.30 -18.15 -4.98
CA ALA D 382 18.20 -18.66 -6.01
C ALA D 382 19.59 -18.92 -5.43
N ALA D 383 20.11 -17.98 -4.63
CA ALA D 383 21.45 -18.17 -4.04
C ALA D 383 21.53 -19.43 -3.19
N THR D 384 20.57 -19.62 -2.26
CA THR D 384 20.70 -20.77 -1.36
C THR D 384 20.52 -22.09 -2.10
N ALA D 385 19.73 -22.09 -3.18
CA ALA D 385 19.56 -23.31 -3.96
C ALA D 385 20.77 -23.59 -4.85
N SER D 386 21.52 -22.57 -5.24
CA SER D 386 22.78 -22.86 -5.91
C SER D 386 23.83 -23.34 -4.90
N PHE D 387 23.77 -22.82 -3.66
CA PHE D 387 24.67 -23.32 -2.63
C PHE D 387 24.41 -24.79 -2.32
N MET D 388 23.15 -25.22 -2.43
CA MET D 388 22.85 -26.65 -2.31
C MET D 388 23.50 -27.45 -3.43
N LYS D 389 23.51 -26.92 -4.66
CA LYS D 389 24.24 -27.60 -5.73
C LYS D 389 25.75 -27.65 -5.42
N HIS D 390 26.30 -26.55 -4.93
CA HIS D 390 27.70 -26.52 -4.49
C HIS D 390 28.01 -27.62 -3.47
N LEU D 391 27.25 -27.64 -2.36
CA LEU D 391 27.45 -28.64 -1.31
C LEU D 391 27.45 -30.05 -1.86
N GLU D 392 26.67 -30.29 -2.92
CA GLU D 392 26.65 -31.60 -3.54
C GLU D 392 27.88 -31.81 -4.42
N ASN D 393 28.28 -30.78 -5.17
CA ASN D 393 29.49 -30.92 -5.96
C ASN D 393 30.68 -31.17 -5.03
N GLU D 394 30.74 -30.46 -3.91
CA GLU D 394 31.90 -30.57 -3.02
C GLU D 394 31.97 -31.94 -2.36
N GLN D 395 30.81 -32.53 -2.04
CA GLN D 395 30.84 -33.86 -1.44
C GLN D 395 31.39 -34.88 -2.43
N LYS D 396 31.04 -34.73 -3.70
CA LYS D 396 31.60 -35.62 -4.72
C LYS D 396 33.06 -35.29 -5.03
N ALA D 397 33.47 -34.02 -4.90
CA ALA D 397 34.82 -33.58 -5.23
C ALA D 397 35.82 -33.81 -4.10
N ARG D 398 35.45 -33.54 -2.86
CA ARG D 398 36.38 -33.60 -1.74
C ARG D 398 35.81 -34.30 -0.52
N GLY D 399 34.57 -34.81 -0.61
CA GLY D 399 33.92 -35.43 0.52
C GLY D 399 33.66 -34.49 1.68
N GLY D 400 33.06 -33.33 1.41
CA GLY D 400 32.76 -32.40 2.49
C GLY D 400 32.92 -30.96 2.07
N CYS D 401 32.50 -30.03 2.90
CA CYS D 401 32.54 -28.62 2.55
C CYS D 401 32.42 -27.78 3.81
N PRO D 402 33.44 -27.01 4.17
CA PRO D 402 33.30 -26.10 5.32
C PRO D 402 32.20 -25.08 5.09
N ALA D 403 31.28 -24.98 6.06
CA ALA D 403 30.10 -24.13 5.90
C ALA D 403 29.60 -23.65 7.26
N ASP D 404 29.40 -22.34 7.39
CA ASP D 404 28.97 -21.73 8.65
C ASP D 404 27.47 -21.44 8.54
N TRP D 405 26.67 -22.37 9.07
CA TRP D 405 25.21 -22.35 8.95
C TRP D 405 24.62 -20.98 9.26
N ALA D 406 24.99 -20.41 10.39
CA ALA D 406 24.40 -19.13 10.79
C ALA D 406 24.70 -17.99 9.82
N TRP D 407 25.73 -18.13 8.98
CA TRP D 407 26.06 -17.10 8.01
C TRP D 407 25.50 -17.41 6.63
N ILE D 408 25.33 -18.70 6.34
CA ILE D 408 24.77 -19.23 5.10
C ILE D 408 23.26 -19.02 5.05
N VAL D 409 22.56 -19.33 6.12
CA VAL D 409 21.12 -19.13 6.21
C VAL D 409 20.82 -17.65 6.14
N PRO D 410 19.93 -17.21 5.24
CA PRO D 410 19.72 -15.77 4.99
C PRO D 410 18.99 -15.09 6.12
N PRO D 411 19.13 -13.77 6.25
CA PRO D 411 18.60 -13.06 7.44
C PRO D 411 17.08 -12.89 7.47
N ILE D 412 16.35 -13.05 6.36
CA ILE D 412 14.90 -13.23 6.41
C ILE D 412 14.56 -14.53 5.71
N SER D 413 13.38 -15.06 6.04
CA SER D 413 12.82 -16.23 5.38
C SER D 413 13.76 -17.45 5.47
N GLY D 414 14.54 -17.54 6.53
CA GLY D 414 15.48 -18.63 6.72
C GLY D 414 14.98 -20.02 6.41
N SER D 415 13.89 -20.46 7.04
CA SER D 415 13.45 -21.85 6.85
C SER D 415 12.67 -22.06 5.56
N LEU D 416 12.40 -21.01 4.81
CA LEU D 416 11.83 -21.14 3.47
C LEU D 416 12.90 -21.41 2.43
N THR D 417 14.18 -21.35 2.80
CA THR D 417 15.24 -21.73 1.89
C THR D 417 15.75 -23.12 2.25
N PRO D 418 16.33 -23.84 1.28
CA PRO D 418 16.77 -25.21 1.57
C PRO D 418 17.95 -25.31 2.54
N VAL D 419 18.72 -24.24 2.76
CA VAL D 419 19.90 -24.38 3.60
C VAL D 419 19.56 -24.39 5.09
N PHE D 420 18.40 -23.87 5.48
CA PHE D 420 17.96 -23.99 6.87
C PHE D 420 17.95 -25.45 7.30
N HIS D 421 17.48 -26.34 6.43
CA HIS D 421 17.22 -27.71 6.81
C HIS D 421 18.42 -28.60 6.58
N GLN D 422 19.60 -28.02 6.39
CA GLN D 422 20.82 -28.74 6.08
C GLN D 422 21.80 -28.60 7.24
N GLU D 423 22.16 -29.71 7.86
CA GLU D 423 23.24 -29.67 8.82
C GLU D 423 24.55 -29.38 8.09
N MET D 424 25.47 -28.71 8.79
CA MET D 424 26.70 -28.24 8.19
C MET D 424 27.85 -28.37 9.18
N VAL D 425 29.06 -28.53 8.66
CA VAL D 425 30.26 -28.67 9.46
C VAL D 425 31.17 -27.49 9.17
N ASN D 426 31.60 -26.80 10.21
CA ASN D 426 32.39 -25.59 10.07
C ASN D 426 33.81 -25.88 10.51
N TYR D 427 34.78 -25.65 9.63
CA TYR D 427 36.19 -25.80 9.95
C TYR D 427 36.99 -24.90 9.02
N PHE D 428 38.30 -24.86 9.24
CA PHE D 428 39.20 -23.96 8.53
C PHE D 428 40.17 -24.79 7.70
N LEU D 429 40.10 -24.62 6.38
CA LEU D 429 41.07 -25.14 5.44
C LEU D 429 41.87 -23.99 4.84
N SER D 430 43.12 -24.28 4.46
CA SER D 430 44.00 -23.34 3.81
C SER D 430 44.28 -23.82 2.39
N PRO D 431 44.36 -22.91 1.39
CA PRO D 431 44.33 -21.45 1.45
C PRO D 431 43.02 -20.82 1.94
N ALA D 432 43.14 -19.57 2.36
CA ALA D 432 42.05 -19.00 3.12
C ALA D 432 42.12 -17.49 3.10
N PHE D 433 40.95 -16.88 3.24
CA PHE D 433 40.80 -15.47 3.57
C PHE D 433 40.58 -15.39 5.07
N ARG D 434 41.29 -14.48 5.74
CA ARG D 434 41.25 -14.32 7.19
C ARG D 434 41.01 -12.85 7.50
N TYR D 435 40.31 -12.59 8.60
CA TYR D 435 40.23 -11.23 9.12
C TYR D 435 41.61 -10.80 9.65
N GLN D 436 41.82 -9.50 9.76
CA GLN D 436 43.08 -8.98 10.27
C GLN D 436 42.79 -7.67 10.97
N PRO D 437 43.71 -7.20 11.81
CA PRO D 437 43.42 -5.97 12.57
C PRO D 437 43.44 -4.75 11.66
N ASP D 438 42.73 -3.71 12.08
CA ASP D 438 42.76 -2.43 11.39
C ASP D 438 44.14 -1.81 11.53
N PRO D 439 44.76 -1.36 10.44
CA PRO D 439 46.14 -0.86 10.52
C PRO D 439 46.30 0.45 11.26
N TRP D 440 45.23 1.07 11.78
CA TRP D 440 45.44 2.24 12.65
C TRP D 440 45.32 1.91 14.14
CHA HEM E . -12.61 20.50 -24.70
CHB HEM E . -9.32 23.63 -22.90
CHC HEM E . -8.09 24.68 -27.48
CHD HEM E . -11.79 22.10 -29.25
C1A HEM E . -11.75 21.15 -23.83
C2A HEM E . -11.56 20.87 -22.41
C3A HEM E . -10.66 21.74 -21.92
C4A HEM E . -10.24 22.61 -23.00
CMA HEM E . -10.15 21.81 -20.47
CAA HEM E . -12.25 19.77 -21.60
CBA HEM E . -11.46 18.49 -21.87
CGA HEM E . -12.00 17.35 -21.03
O1A HEM E . -11.52 17.19 -19.86
O2A HEM E . -12.88 16.61 -21.53
C1B HEM E . -8.70 24.23 -23.98
C2B HEM E . -7.70 25.29 -23.96
C3B HEM E . -7.37 25.57 -25.23
C4B HEM E . -8.14 24.71 -26.10
CMB HEM E . -7.10 25.98 -22.71
CAB HEM E . -6.32 26.65 -25.60
CBB HEM E . -5.93 26.90 -26.85
C1C HEM E . -8.94 24.03 -28.36
C2C HEM E . -8.82 24.03 -29.80
C3C HEM E . -9.83 23.31 -30.31
C4C HEM E . -10.64 22.86 -29.20
CMC HEM E . -7.65 24.73 -30.53
CAC HEM E . -10.17 23.00 -31.78
CBC HEM E . -9.80 23.78 -32.81
C1D HEM E . -12.28 21.38 -28.17
C2D HEM E . -13.24 20.31 -28.24
C3D HEM E . -13.48 19.86 -27.01
C4D HEM E . -12.67 20.65 -26.08
CMD HEM E . -13.88 19.79 -29.55
CAD HEM E . -14.45 18.73 -26.64
CBD HEM E . -13.64 17.49 -26.28
CGD HEM E . -14.28 16.72 -25.16
O1D HEM E . -15.51 16.47 -25.23
O2D HEM E . -13.55 16.34 -24.21
NA HEM E . -10.93 22.22 -24.13
NB HEM E . -8.94 23.90 -25.30
NC HEM E . -10.06 23.31 -28.03
ND HEM E . -11.96 21.56 -26.83
FE HEM E . -10.69 22.94 -26.05
N1 H4B F . -15.41 17.56 -17.30
C2 H4B F . -14.23 17.52 -17.98
N2 H4B F . -13.51 18.66 -18.16
N3 H4B F . -13.76 16.34 -18.47
C4 H4B F . -14.45 15.19 -18.31
O4 H4B F . -14.00 14.11 -18.77
C4A H4B F . -15.67 15.22 -17.63
C8A H4B F . -16.15 16.43 -17.12
N5 H4B F . -16.37 14.09 -17.45
N8 H4B F . -17.32 16.49 -16.46
C6 H4B F . -17.78 14.14 -17.16
C7 H4B F . -18.16 15.31 -16.22
C9 H4B F . -18.28 12.77 -16.66
O9 H4B F . -17.50 12.24 -15.57
C10 H4B F . -19.68 12.90 -16.12
C11 H4B F . -20.17 11.55 -15.62
O10 H4B F . -20.49 13.38 -17.19
C02 A1CN2 G . -6.89 21.32 -24.23
C18 A1CN2 G . -11.20 13.83 -21.26
C20 A1CN2 G . -9.52 14.33 -19.64
C21 A1CN2 G . -10.43 12.12 -19.77
C03 A1CN2 G . -6.76 21.57 -25.60
C04 A1CN2 G . -7.31 20.68 -26.52
C05 A1CN2 G . -7.98 19.56 -26.07
C06 A1CN2 G . -8.10 19.34 -24.71
C07 A1CN2 G . -7.16 20.95 -28.00
C08 A1CN2 G . -8.81 18.14 -24.16
C11 A1CN2 G . -10.04 16.18 -24.94
C12 A1CN2 G . -10.81 15.61 -25.92
C13 A1CN2 G . -11.37 14.35 -25.76
C14 A1CN2 G . -11.14 13.65 -24.57
C15 A1CN2 G . -10.37 14.21 -23.57
C16 A1CN2 G . -9.81 15.48 -23.75
C17 A1CN2 G . -10.11 13.48 -22.27
F12 A1CN2 G . -11.01 16.30 -27.05
F13 A1CN2 G . -12.12 13.83 -26.75
N01 A1CN2 G . -7.55 20.21 -23.83
N02 A1CN2 G . -6.36 22.16 -23.31
N19 A1CN2 G . -10.73 13.55 -19.90
O09 A1CN2 G . -9.51 17.43 -25.18
C1 BTB H . 9.09 10.39 1.62
O1 BTB H . 8.43 9.11 1.55
C2 BTB H . 9.14 10.86 3.08
C3 BTB H . 7.70 11.08 3.60
O3 BTB H . 7.56 11.16 5.02
C4 BTB H . 9.84 9.77 3.91
O4 BTB H . 9.08 9.48 5.09
N BTB H . 9.97 12.09 3.16
C5 BTB H . 9.18 13.29 2.88
C6 BTB H . 9.91 14.50 3.47
O6 BTB H . 10.45 14.15 4.74
C7 BTB H . 11.16 12.04 2.30
C8 BTB H . 12.43 12.07 3.14
O8 BTB H . 12.05 12.12 4.52
C1 BTB I . -4.44 0.76 3.23
O1 BTB I . -3.31 1.64 3.28
C2 BTB I . -5.50 1.47 2.43
C3 BTB I . -4.79 2.03 1.21
O3 BTB I . -5.28 3.33 0.89
C4 BTB I . -6.54 0.45 2.01
O4 BTB I . -7.05 0.80 0.72
N BTB I . -6.11 2.55 3.21
C5 BTB I . -6.11 2.20 4.64
C6 BTB I . -6.07 3.49 5.44
O6 BTB I . -5.02 4.29 4.88
C7 BTB I . -7.53 2.82 2.85
C8 BTB I . -7.74 4.27 2.46
O8 BTB I . -6.45 4.87 2.25
C1 GOL J . -3.22 26.86 -50.90
O1 GOL J . -3.16 25.79 -49.99
C2 GOL J . -2.57 28.09 -50.26
O2 GOL J . -2.66 27.96 -48.86
C3 GOL J . -3.25 29.36 -50.75
O3 GOL J . -3.65 30.14 -49.64
C1 GOL K . -1.79 -3.37 -50.29
O1 GOL K . -2.57 -3.35 -49.11
C2 GOL K . -2.67 -2.93 -51.46
O2 GOL K . -2.72 -1.53 -51.48
C3 GOL K . -4.07 -3.48 -51.25
O3 GOL K . -4.94 -2.92 -52.20
CL CL L . -5.31 15.30 -21.70
GD GD M . 9.82 11.87 6.20
ZN ZN N . -30.81 18.22 -19.95
CA CA O . -1.15 -15.03 -11.56
CHA HEM P . -30.39 19.05 -0.86
CHB HEM P . -27.26 17.02 2.30
CHC HEM P . -31.01 15.40 4.92
CHD HEM P . -34.04 16.90 1.42
C1A HEM P . -29.25 18.72 -0.16
C2A HEM P . -27.93 19.23 -0.45
C3A HEM P . -27.06 18.70 0.42
C4A HEM P . -27.79 17.80 1.30
CMA HEM P . -25.54 18.98 0.47
CAA HEM P . -27.64 20.28 -1.55
CBA HEM P . -27.88 21.60 -0.78
CGA HEM P . -27.60 22.80 -1.65
O1A HEM P . -26.41 23.04 -1.99
O2A HEM P . -28.57 23.52 -1.98
C1B HEM P . -27.97 16.37 3.29
C2B HEM P . -27.43 15.58 4.40
C3B HEM P . -28.46 15.12 5.14
C4B HEM P . -29.69 15.59 4.52
CMB HEM P . -25.93 15.32 4.67
CAB HEM P . -28.27 14.25 6.40
CBB HEM P . -29.27 13.69 7.10
C1C HEM P . -32.17 15.71 4.22
C2C HEM P . -33.55 15.43 4.67
C3C HEM P . -34.37 15.88 3.67
C4C HEM P . -33.55 16.41 2.60
CMC HEM P . -33.87 14.79 6.04
CAC HEM P . -35.92 15.87 3.53
CBC HEM P . -36.69 15.11 4.32
C1D HEM P . -33.34 17.64 0.49
C2D HEM P . -33.90 18.36 -0.64
C3D HEM P . -32.89 18.96 -1.27
C4D HEM P . -31.66 18.64 -0.55
CMD HEM P . -35.39 18.40 -1.07
CAD HEM P . -33.03 19.80 -2.57
CBD HEM P . -33.13 21.30 -2.33
CGD HEM P . -32.10 22.06 -3.13
O1D HEM P . -32.28 22.24 -4.37
O2D HEM P . -31.09 22.51 -2.54
NA HEM P . -29.13 17.84 0.91
NB HEM P . -29.36 16.33 3.40
NC HEM P . -32.23 16.28 2.95
ND HEM P . -31.99 17.83 0.52
FE HEM P . -30.64 16.83 1.70
N1 H4B Q . -24.86 22.29 -6.47
C2 H4B Q . -25.21 22.39 -5.17
N2 H4B Q . -25.07 21.32 -4.36
N3 H4B Q . -25.71 23.56 -4.70
C4 H4B Q . -25.85 24.63 -5.51
O4 H4B Q . -26.33 25.70 -5.05
C4A H4B Q . -25.50 24.53 -6.86
C8A H4B Q . -24.99 23.34 -7.32
N5 H4B Q . -25.63 25.57 -7.72
N8 H4B Q . -24.64 23.19 -8.63
C6 H4B Q . -25.79 25.28 -9.14
C7 H4B Q . -24.74 24.27 -9.62
C9 H4B Q . -25.80 26.60 -9.92
O9 H4B Q . -24.85 27.51 -9.33
C10 H4B Q . -25.48 26.40 -11.39
C11 H4B Q . -25.58 27.72 -12.17
O10 H4B Q . -26.38 25.45 -11.94
C02 A1CN2 R . -28.40 19.55 4.63
C18 A1CN2 R . -28.64 27.10 -0.99
C20 A1CN2 R . -26.40 27.20 -0.06
C21 A1CN2 R . -26.71 27.20 -2.39
C03 A1CN2 R . -29.60 19.08 5.19
C04 A1CN2 R . -30.82 19.62 4.74
C05 A1CN2 R . -30.79 20.58 3.75
C06 A1CN2 R . -29.57 21.01 3.25
C07 A1CN2 R . -32.16 19.17 5.28
C08 A1CN2 R . -29.48 22.07 2.20
C11 A1CN2 R . -30.96 23.47 0.97
C12 A1CN2 R . -32.14 23.64 0.27
C13 A1CN2 R . -32.37 24.82 -0.40
C14 A1CN2 R . -31.43 25.84 -0.36
C15 A1CN2 R . -30.24 25.68 0.34
C16 A1CN2 R . -30.01 24.49 1.02
C17 A1CN2 R . -29.20 26.79 0.39
F12 A1CN2 R . -33.06 22.65 0.23
F13 A1CN2 R . -33.54 24.94 -1.08
N01 A1CN2 R . -28.42 20.51 3.69
N02 A1CN2 R . -27.17 19.12 4.99
N19 A1CN2 R . -27.23 26.67 -1.14
O09 A1CN2 R . -30.74 22.30 1.62
C1 BTB S . 3.10 24.01 16.88
O1 BTB S . 3.08 22.60 16.63
C2 BTB S . 1.97 24.69 16.11
C3 BTB S . 1.81 24.05 14.71
O3 BTB S . 0.64 24.40 13.95
C4 BTB S . 0.69 24.52 16.94
O4 BTB S . -0.45 25.06 16.26
N BTB S . 2.32 26.13 15.98
C5 BTB S . 3.42 26.33 15.02
C6 BTB S . 3.37 27.77 14.52
O6 BTB S . 2.53 27.85 13.36
C7 BTB S . 2.53 26.82 17.28
C8 BTB S . 1.47 27.91 17.46
O8 BTB S . 1.37 28.73 16.28
C1 BTB T . -58.88 40.44 11.46
O1 BTB T . -58.04 41.21 10.59
C2 BTB T . -58.30 39.03 11.59
C3 BTB T . -59.26 38.06 10.92
O3 BTB T . -58.64 36.79 10.73
C4 BTB T . -56.96 39.05 10.86
O4 BTB T . -57.23 38.88 9.47
N BTB T . -58.04 38.67 13.01
C5 BTB T . -59.17 37.92 13.59
C6 BTB T . -58.67 36.71 14.37
O6 BTB T . -58.11 37.16 15.61
C7 BTB T . -57.85 39.89 13.82
C8 BTB T . -56.48 39.92 14.48
O8 BTB T . -56.59 39.45 15.82
C1 GOL U . -28.05 29.39 -5.32
O1 GOL U . -28.69 28.14 -5.14
C2 GOL U . -26.92 29.25 -6.34
O2 GOL U . -26.43 27.93 -6.26
C3 GOL U . -25.76 30.23 -6.07
O3 GOL U . -24.72 30.02 -7.02
CL CL V . -27.09 26.45 4.49
GD GD W . 0.22 26.92 14.56
CA CA X . -62.02 10.88 7.14
CHA HEM Y . 12.48 -25.37 22.93
CHB HEM Y . 9.13 -21.86 23.00
CHC HEM Y . 7.91 -23.30 27.49
CHD HEM Y . 11.36 -26.75 27.45
C1A HEM Y . 11.63 -24.37 22.53
C2A HEM Y . 11.52 -23.85 21.19
C3A HEM Y . 10.59 -22.88 21.20
C4A HEM Y . 10.10 -22.75 22.56
CMA HEM Y . 10.12 -22.05 20.00
CAA HEM Y . 12.29 -24.37 19.97
CBA HEM Y . 11.27 -25.27 19.29
CGA HEM Y . 11.89 -26.08 18.18
O1A HEM Y . 11.63 -25.75 17.00
O2A HEM Y . 12.63 -27.05 18.50
C1B HEM Y . 8.52 -21.93 24.23
C2B HEM Y . 7.47 -21.05 24.70
C3B HEM Y . 7.13 -21.42 25.95
C4B HEM Y . 7.95 -22.57 26.31
CMB HEM Y . 6.88 -19.87 23.91
CAB HEM Y . 6.04 -20.70 26.79
CBB HEM Y . 5.82 -20.94 28.09
C1C HEM Y . 8.70 -24.37 27.85
C2C HEM Y . 8.55 -25.16 29.06
C3C HEM Y . 9.50 -26.13 29.07
C4C HEM Y . 10.28 -25.97 27.86
CMC HEM Y . 7.47 -24.90 30.11
CAC HEM Y . 9.77 -27.21 30.13
CBC HEM Y . 9.39 -27.10 31.41
C1D HEM Y . 11.95 -26.69 26.20
C2D HEM Y . 12.98 -27.58 25.70
C3D HEM Y . 13.28 -27.17 24.47
C4D HEM Y . 12.46 -26.05 24.13
CMD HEM Y . 13.65 -28.76 26.42
CAD HEM Y . 14.33 -27.83 23.55
CBD HEM Y . 13.62 -28.89 22.72
CGD HEM Y . 14.24 -28.94 21.37
O1D HEM Y . 15.48 -29.14 21.31
O2D HEM Y . 13.50 -28.79 20.36
NA HEM Y . 10.77 -23.66 23.34
NB HEM Y . 8.79 -22.86 25.23
NC HEM Y . 9.78 -24.90 27.16
ND HEM Y . 11.65 -25.78 25.21
FE HEM Y . 10.51 -24.16 25.39
N1 H4B Z . 15.48 -24.01 15.23
C2 H4B Z . 14.29 -24.41 15.74
N2 H4B Z . 13.61 -23.61 16.59
N3 H4B Z . 13.78 -25.62 15.39
C4 H4B Z . 14.44 -26.45 14.55
O4 H4B Z . 13.97 -27.57 14.23
C4A H4B Z . 15.66 -26.05 14.02
C8A H4B Z . 16.18 -24.82 14.38
N5 H4B Z . 16.34 -26.86 13.19
N8 H4B Z . 17.37 -24.41 13.89
C6 H4B Z . 17.77 -26.71 13.08
C7 H4B Z . 18.19 -25.24 13.01
C9 H4B Z . 18.22 -27.52 11.86
O9 H4B Z . 17.30 -27.32 10.77
C10 H4B Z . 19.62 -27.17 11.35
C11 H4B Z . 20.07 -28.29 10.40
O10 H4B Z . 20.58 -27.03 12.40
C02 A1CN2 AA . 6.61 -24.22 23.00
C18 A1CN2 AA . 10.62 -29.36 16.74
C20 A1CN2 AA . 8.90 -28.41 15.35
C21 A1CN2 AA . 10.09 -30.36 14.62
C03 A1CN2 AA . 6.46 -24.75 24.27
C04 A1CN2 AA . 6.98 -26.02 24.54
C05 A1CN2 AA . 7.63 -26.70 23.55
C06 A1CN2 AA . 7.75 -26.13 22.28
C07 A1CN2 AA . 6.84 -26.62 25.91
C08 A1CN2 AA . 8.44 -26.85 21.16
C11 A1CN2 AA . 9.72 -28.90 20.99
C12 A1CN2 AA . 10.45 -29.87 21.63
C13 A1CN2 AA . 10.91 -30.98 20.95
C14 A1CN2 AA . 10.64 -31.12 19.59
C15 A1CN2 AA . 9.90 -30.14 18.93
C16 A1CN2 AA . 9.44 -29.03 19.63
C17 A1CN2 AA . 9.60 -30.26 17.47
F12 A1CN2 AA . 10.69 -29.70 22.94
F13 A1CN2 AA . 11.62 -31.93 21.60
N01 A1CN2 AA . 7.24 -24.92 22.05
N02 A1CN2 AA . 6.11 -22.99 22.68
N19 A1CN2 AA . 10.20 -29.09 15.36
O09 A1CN2 AA . 9.30 -27.83 21.72
C1 BTB BA . -8.45 -18.52 -5.05
O1 BTB BA . -7.88 -19.61 -5.80
C2 BTB BA . -8.72 -17.37 -6.00
C3 BTB BA . -7.39 -16.69 -6.32
O3 BTB BA . -7.31 -16.10 -7.63
C4 BTB BA . -9.32 -18.00 -7.26
O4 BTB BA . -10.24 -17.17 -7.97
N BTB BA . -9.67 -16.42 -5.36
C5 BTB BA . -9.00 -15.75 -4.24
C6 BTB BA . -9.52 -14.31 -4.11
O6 BTB BA . -9.08 -13.55 -5.23
C7 BTB BA . -10.86 -17.13 -4.85
C8 BTB BA . -12.12 -16.32 -5.17
O8 BTB BA . -11.80 -15.37 -6.20
C1 BTB CA . 5.40 -25.71 -12.32
O1 BTB CA . 4.20 -24.96 -12.48
C2 BTB CA . 5.87 -25.66 -10.87
C3 BTB CA . 4.67 -25.60 -9.95
O3 BTB CA . 5.16 -25.77 -8.62
C4 BTB CA . 6.61 -26.95 -10.56
O4 BTB CA . 6.56 -27.24 -9.15
N BTB CA . 6.70 -24.45 -10.59
C5 BTB CA . 6.74 -23.49 -11.71
C6 BTB CA . 5.91 -22.24 -11.41
O6 BTB CA . 4.54 -22.61 -11.17
C7 BTB CA . 8.09 -24.78 -10.20
C8 BTB CA . 8.24 -24.47 -8.71
O8 BTB CA . 7.04 -23.82 -8.27
C1 GOL DA . 1.60 -33.85 48.89
O1 GOL DA . 2.43 -34.47 47.93
C2 GOL DA . 1.29 -32.43 48.43
O2 GOL DA . 1.96 -32.21 47.20
C3 GOL DA . 1.82 -31.45 49.46
O3 GOL DA . 2.87 -30.73 48.85
C1 GOL EA . 1.16 -59.51 33.72
O1 GOL EA . 1.68 -58.23 33.48
C2 GOL EA . 0.90 -60.19 32.38
O2 GOL EA . 1.99 -61.03 32.06
C3 GOL EA . 0.75 -59.13 31.28
O3 GOL EA . 1.17 -59.66 30.04
CL CL FA . 4.99 -28.04 17.38
GD GD GA . -9.60 -14.60 -7.73
ZN ZN HA . 30.68 -25.17 17.89
CHA HEM IA . 30.81 -13.83 2.66
CHB HEM IA . 27.81 -13.89 -1.15
CHC HEM IA . 31.62 -13.75 -4.19
CHD HEM IA . 34.61 -14.40 -0.41
C1A HEM IA . 29.67 -13.73 1.88
C2A HEM IA . 28.31 -13.46 2.35
C3A HEM IA . 27.48 -13.45 1.32
C4A HEM IA . 28.28 -13.78 0.14
CMA HEM IA . 25.97 -13.19 1.33
CAA HEM IA . 27.96 -13.14 3.80
CBA HEM IA . 28.21 -11.64 3.88
CGA HEM IA . 27.88 -11.17 5.27
O1A HEM IA . 26.70 -10.83 5.53
O2A HEM IA . 28.80 -11.16 6.12
C1B HEM IA . 28.58 -13.83 -2.30
C2B HEM IA . 28.07 -13.78 -3.64
C3B HEM IA . 29.12 -13.76 -4.48
C4B HEM IA . 30.33 -13.78 -3.70
CMB HEM IA . 26.58 -13.77 -4.04
CAB HEM IA . 28.95 -13.69 -6.01
CBB HEM IA . 29.93 -13.90 -6.92
C1C HEM IA . 32.78 -13.89 -3.45
C2C HEM IA . 34.15 -13.89 -3.96
C3C HEM IA . 34.97 -14.05 -2.92
C4C HEM IA . 34.17 -14.21 -1.71
CMC HEM IA . 34.46 -13.66 -5.45
CAC HEM IA . 36.51 -14.14 -2.90
CBC HEM IA . 37.22 -14.46 -3.97
C1D HEM IA . 33.86 -14.27 0.76
C2D HEM IA . 34.34 -14.31 2.14
C3D HEM IA . 33.30 -14.16 2.97
C4D HEM IA . 32.11 -14.00 2.17
CMD HEM IA . 35.80 -14.51 2.59
CAD HEM IA . 33.36 -14.15 4.51
CBD HEM IA . 33.46 -12.71 4.98
CGD HEM IA . 32.39 -12.48 6.02
O1D HEM IA . 32.44 -13.13 7.09
O2D HEM IA . 31.49 -11.65 5.75
NA HEM IA . 29.60 -13.93 0.52
NB HEM IA . 29.96 -13.83 -2.37
NC HEM IA . 32.84 -14.09 -2.10
ND HEM IA . 32.49 -14.09 0.84
FE HEM IA . 31.18 -14.24 -0.76
N1 H4B JA . 25.39 -13.96 8.91
C2 H4B JA . 25.81 -13.22 7.87
N2 H4B JA . 25.74 -13.73 6.61
N3 H4B JA . 26.30 -11.96 8.08
C4 H4B JA . 26.37 -11.45 9.34
O4 H4B JA . 26.83 -10.31 9.52
C4A H4B JA . 25.94 -12.23 10.42
C8A H4B JA . 25.43 -13.50 10.19
N5 H4B JA . 25.99 -11.75 11.69
N8 H4B JA . 25.00 -14.28 11.21
C6 H4B JA . 26.02 -12.73 12.77
C7 H4B JA . 24.93 -13.80 12.59
C9 H4B JA . 25.99 -12.04 14.14
O9 H4B JA . 24.99 -11.02 14.21
C10 H4B JA . 25.74 -12.97 15.34
C11 H4B JA . 26.23 -12.23 16.57
O10 H4B JA . 26.42 -14.22 15.23
C02 A1CN2 KA . 29.00 -10.52 -1.78
C18 A1CN2 KA . 28.44 -7.92 6.00
C20 A1CN2 KA . 27.35 -5.80 6.41
C21 A1CN2 KA . 27.51 -7.43 8.16
C03 A1CN2 KA . 30.22 -10.64 -2.47
C04 A1CN2 KA . 31.40 -10.37 -1.82
C05 A1CN2 KA . 31.38 -9.97 -0.49
C06 A1CN2 KA . 30.14 -9.84 0.13
C07 A1CN2 KA . 32.70 -10.53 -2.57
C08 A1CN2 KA . 30.06 -9.41 1.57
C11 A1CN2 KA . 31.58 -9.20 3.43
C12 A1CN2 KA . 32.80 -9.47 4.02
C13 A1CN2 KA . 33.07 -8.99 5.30
C14 A1CN2 KA . 32.10 -8.26 5.98
C15 A1CN2 KA . 30.86 -8.00 5.39
C16 A1CN2 KA . 30.60 -8.47 4.10
C17 A1CN2 KA . 29.79 -7.20 6.12
F12 A1CN2 KA . 33.74 -10.17 3.37
F13 A1CN2 KA . 34.27 -9.25 5.86
N01 A1CN2 KA . 29.00 -10.12 -0.51
N02 A1CN2 KA . 27.83 -10.78 -2.39
N19 A1CN2 KA . 27.35 -7.24 6.72
O09 A1CN2 KA . 31.31 -9.67 2.17
C1 BTB LA . -1.59 0.59 -9.98
O1 BTB LA . -2.95 0.28 -9.65
C2 BTB LA . -0.71 0.70 -8.73
C3 BTB LA . -0.76 -0.56 -7.87
O3 BTB LA . 0.37 -0.62 -6.97
C4 BTB LA . 0.74 0.86 -9.21
O4 BTB LA . 1.40 2.02 -8.69
N BTB LA . -1.14 1.88 -7.93
C5 BTB LA . -2.11 1.52 -6.88
C6 BTB LA . -2.17 2.66 -5.87
O6 BTB LA . -1.59 2.24 -4.62
C7 BTB LA . -1.62 3.06 -8.68
C8 BTB LA . -0.65 4.25 -8.56
O8 BTB LA . -0.14 4.44 -7.23
C1 BTB MA . 59.45 10.14 -0.17
O1 BTB MA . 58.62 10.83 -1.12
C2 BTB MA . 58.56 9.34 0.78
C3 BTB MA . 57.41 10.24 1.20
O3 BTB MA . 57.21 10.02 2.61
C4 BTB MA . 57.99 8.13 0.05
O4 BTB MA . 58.96 7.48 -0.77
N BTB MA . 59.22 8.96 2.07
C5 BTB MA . 60.40 9.80 2.38
C6 BTB MA . 60.12 10.60 3.66
O6 BTB MA . 58.81 10.30 4.14
C7 BTB MA . 59.58 7.53 2.18
C8 BTB MA . 59.20 7.16 3.61
O8 BTB MA . 58.12 8.05 3.92
C1 GOL NA . 29.25 -8.30 11.87
O1 GOL NA . 29.34 -9.53 11.16
C2 GOL NA . 27.86 -8.13 12.49
O2 GOL NA . 26.95 -9.01 11.86
C3 GOL NA . 27.37 -6.70 12.29
O3 GOL NA . 25.99 -6.62 12.58
CL CL OA . 27.83 -4.97 2.10
GD GD PA . 0.75 1.92 -6.13
#